data_1EQK
#
_entry.id   1EQK
#
_cell.length_a   1.000
_cell.length_b   1.000
_cell.length_c   1.000
_cell.angle_alpha   90.00
_cell.angle_beta   90.00
_cell.angle_gamma   90.00
#
_symmetry.space_group_name_H-M   'P 1'
#
_entity_poly.entity_id   1
_entity_poly.type   'polypeptide(L)'
_entity_poly.pdbx_seq_one_letter_code
;MSSDGGPVLGGVEPVGNENDLHLVDLARFAVTEHNKKANSLLEFEKLVSVKQQVVAGTLYYFTIEVKEGDAKKLYEAKVW
EKPWMDFKELQEFKPVDASANA
;
_entity_poly.pdbx_strand_id   A
#
# COMPACT_ATOMS: atom_id res chain seq x y z
N MET A 1 29.73 -15.61 5.82
CA MET A 1 29.92 -15.93 4.41
C MET A 1 28.62 -16.49 3.83
N SER A 2 27.93 -15.67 3.03
CA SER A 2 26.68 -16.08 2.42
C SER A 2 26.13 -14.95 1.57
N SER A 3 26.22 -15.09 0.25
CA SER A 3 25.71 -14.08 -0.66
C SER A 3 25.85 -14.57 -2.10
N ASP A 4 24.77 -14.43 -2.87
CA ASP A 4 24.76 -14.86 -4.26
C ASP A 4 23.44 -14.46 -4.91
N GLY A 5 23.50 -13.54 -5.87
CA GLY A 5 22.32 -13.08 -6.57
C GLY A 5 21.50 -12.16 -5.67
N GLY A 6 20.72 -11.27 -6.29
CA GLY A 6 19.90 -10.33 -5.53
C GLY A 6 18.98 -11.09 -4.59
N PRO A 7 18.48 -10.39 -3.56
CA PRO A 7 17.59 -10.94 -2.57
C PRO A 7 16.21 -11.16 -3.17
N VAL A 8 16.13 -11.13 -4.51
CA VAL A 8 14.88 -11.34 -5.21
C VAL A 8 14.98 -12.57 -6.09
N LEU A 9 13.94 -13.40 -6.08
CA LEU A 9 13.91 -14.62 -6.87
C LEU A 9 12.48 -15.08 -7.16
N GLY A 10 11.51 -14.27 -6.73
CA GLY A 10 10.10 -14.60 -6.92
C GLY A 10 9.25 -13.35 -6.75
N GLY A 11 7.93 -13.54 -6.63
CA GLY A 11 7.02 -12.43 -6.45
C GLY A 11 6.13 -12.67 -5.24
N VAL A 12 5.17 -11.76 -5.02
CA VAL A 12 4.25 -11.88 -3.91
C VAL A 12 4.99 -12.41 -2.69
N GLU A 13 5.78 -11.54 -2.04
CA GLU A 13 6.54 -11.92 -0.87
C GLU A 13 6.05 -11.14 0.34
N PRO A 14 5.76 -11.84 1.44
CA PRO A 14 5.30 -11.27 2.68
C PRO A 14 6.44 -10.53 3.37
N VAL A 15 6.13 -9.38 3.97
CA VAL A 15 7.12 -8.59 4.66
C VAL A 15 6.46 -7.79 5.78
N GLY A 16 7.16 -6.76 6.26
CA GLY A 16 6.64 -5.92 7.32
C GLY A 16 7.77 -5.17 8.02
N ASN A 17 7.83 -5.30 9.35
CA ASN A 17 8.86 -4.64 10.12
C ASN A 17 8.93 -3.17 9.76
N GLU A 18 8.06 -2.36 10.40
CA GLU A 18 8.03 -0.93 10.14
C GLU A 18 9.44 -0.37 10.14
N ASN A 19 10.39 -1.12 10.72
CA ASN A 19 11.77 -0.70 10.78
C ASN A 19 12.19 -0.13 9.44
N ASP A 20 11.49 -0.51 8.38
CA ASP A 20 11.81 -0.04 7.03
C ASP A 20 11.05 1.26 6.75
N LEU A 21 11.67 2.38 7.11
CA LEU A 21 11.06 3.70 6.91
C LEU A 21 10.31 3.79 5.57
N HIS A 22 10.98 3.35 4.50
CA HIS A 22 10.40 3.36 3.15
C HIS A 22 9.02 2.68 3.15
N LEU A 23 8.94 1.43 3.59
CA LEU A 23 7.68 0.68 3.61
C LEU A 23 6.54 1.51 4.23
N VAL A 24 6.74 1.97 5.46
CA VAL A 24 5.75 2.76 6.16
C VAL A 24 5.39 3.98 5.33
N ASP A 25 6.40 4.69 4.83
CA ASP A 25 6.18 5.87 4.02
C ASP A 25 5.03 5.63 3.05
N LEU A 26 5.03 4.46 2.41
CA LEU A 26 3.99 4.10 1.44
C LEU A 26 2.60 4.09 2.07
N ALA A 27 2.45 3.33 3.16
CA ALA A 27 1.18 3.23 3.85
C ALA A 27 0.78 4.60 4.39
N ARG A 28 1.68 5.23 5.15
CA ARG A 28 1.41 6.53 5.72
C ARG A 28 1.10 7.53 4.62
N PHE A 29 1.73 7.35 3.45
CA PHE A 29 1.52 8.23 2.32
C PHE A 29 0.09 8.09 1.81
N ALA A 30 -0.37 6.84 1.67
CA ALA A 30 -1.71 6.57 1.20
C ALA A 30 -2.71 7.40 1.98
N VAL A 31 -2.88 7.09 3.27
CA VAL A 31 -3.81 7.81 4.11
C VAL A 31 -3.70 9.31 3.84
N THR A 32 -2.46 9.80 3.73
CA THR A 32 -2.23 11.22 3.46
C THR A 32 -2.85 11.60 2.13
N GLU A 33 -2.27 11.12 1.03
CA GLU A 33 -2.77 11.41 -0.29
C GLU A 33 -4.29 11.36 -0.30
N HIS A 34 -4.84 10.27 0.21
CA HIS A 34 -6.30 10.09 0.29
C HIS A 34 -6.96 11.25 1.05
N ASN A 35 -6.46 11.57 2.24
CA ASN A 35 -7.01 12.65 3.04
C ASN A 35 -6.97 13.95 2.25
N LYS A 36 -6.09 14.01 1.24
CA LYS A 36 -5.96 15.20 0.42
C LYS A 36 -7.20 15.36 -0.45
N LYS A 37 -7.49 14.36 -1.28
CA LYS A 37 -8.64 14.40 -2.16
C LYS A 37 -9.88 13.98 -1.39
N ALA A 38 -9.73 13.71 -0.10
CA ALA A 38 -10.84 13.31 0.73
C ALA A 38 -10.90 14.18 1.98
N ASN A 39 -10.12 15.27 1.97
CA ASN A 39 -10.10 16.18 3.10
C ASN A 39 -10.04 15.41 4.41
N SER A 40 -9.43 14.23 4.38
CA SER A 40 -9.30 13.39 5.55
C SER A 40 -10.64 12.70 5.83
N LEU A 41 -10.59 11.56 6.51
CA LEU A 41 -11.79 10.79 6.84
C LEU A 41 -11.55 9.83 8.02
N LEU A 42 -10.40 9.16 8.00
CA LEU A 42 -10.05 8.20 9.03
C LEU A 42 -8.78 8.62 9.80
N GLU A 43 -8.34 7.76 10.72
CA GLU A 43 -7.16 8.04 11.51
C GLU A 43 -6.25 6.82 11.54
N PHE A 44 -5.15 6.88 10.80
CA PHE A 44 -4.19 5.79 10.74
C PHE A 44 -3.70 5.46 12.15
N GLU A 45 -3.67 4.16 12.48
CA GLU A 45 -3.21 3.73 13.79
C GLU A 45 -1.77 3.24 13.70
N LYS A 46 -1.49 2.37 12.73
CA LYS A 46 -0.15 1.84 12.54
C LYS A 46 -0.14 0.89 11.35
N LEU A 47 0.97 0.17 11.18
CA LEU A 47 1.13 -0.77 10.08
C LEU A 47 1.33 -2.21 10.57
N VAL A 48 0.64 -3.16 9.93
CA VAL A 48 0.75 -4.56 10.30
C VAL A 48 1.88 -5.21 9.52
N SER A 49 1.78 -5.19 8.19
CA SER A 49 2.80 -5.78 7.33
C SER A 49 2.69 -5.20 5.94
N VAL A 50 3.52 -5.71 5.02
CA VAL A 50 3.52 -5.24 3.64
C VAL A 50 4.16 -6.30 2.74
N LYS A 51 3.60 -6.48 1.54
CA LYS A 51 4.12 -7.45 0.60
C LYS A 51 4.81 -6.73 -0.54
N GLN A 52 5.27 -7.49 -1.54
CA GLN A 52 5.95 -6.93 -2.69
C GLN A 52 5.73 -7.81 -3.91
N GLN A 53 5.34 -7.21 -5.03
CA GLN A 53 5.10 -7.94 -6.26
C GLN A 53 5.91 -7.33 -7.39
N VAL A 54 6.40 -8.18 -8.29
CA VAL A 54 7.18 -7.72 -9.43
C VAL A 54 6.37 -7.84 -10.71
N VAL A 55 6.24 -6.74 -11.44
CA VAL A 55 5.48 -6.73 -12.68
C VAL A 55 5.97 -5.60 -13.57
N ALA A 56 5.07 -4.65 -13.88
CA ALA A 56 5.42 -3.52 -14.72
C ALA A 56 6.17 -2.48 -13.91
N GLY A 57 6.67 -2.88 -12.73
CA GLY A 57 7.41 -1.98 -11.88
C GLY A 57 7.65 -2.64 -10.52
N THR A 58 7.39 -1.89 -9.44
CA THR A 58 7.58 -2.40 -8.09
C THR A 58 6.32 -2.18 -7.27
N LEU A 59 5.55 -3.24 -7.07
CA LEU A 59 4.30 -3.17 -6.30
C LEU A 59 4.49 -3.65 -4.85
N TYR A 60 3.73 -3.05 -3.94
CA TYR A 60 3.81 -3.41 -2.54
C TYR A 60 2.41 -3.36 -1.92
N TYR A 61 2.02 -4.46 -1.27
CA TYR A 61 0.71 -4.54 -0.63
C TYR A 61 0.86 -4.28 0.86
N PHE A 62 0.59 -3.05 1.28
CA PHE A 62 0.69 -2.67 2.68
C PHE A 62 -0.62 -3.01 3.39
N THR A 63 -0.52 -3.62 4.57
CA THR A 63 -1.69 -3.99 5.34
C THR A 63 -1.68 -3.26 6.68
N ILE A 64 -2.11 -2.00 6.67
CA ILE A 64 -2.15 -1.20 7.87
C ILE A 64 -3.58 -1.17 8.43
N GLU A 65 -3.77 -0.51 9.58
CA GLU A 65 -5.06 -0.43 10.20
C GLU A 65 -5.32 1.00 10.66
N VAL A 66 -6.50 1.54 10.33
CA VAL A 66 -6.86 2.89 10.71
C VAL A 66 -8.30 2.91 11.24
N LYS A 67 -8.58 3.82 12.17
CA LYS A 67 -9.90 3.94 12.74
C LYS A 67 -10.70 4.99 11.99
N GLU A 68 -11.62 4.54 11.13
CA GLU A 68 -12.44 5.45 10.35
C GLU A 68 -13.61 5.94 11.20
N GLY A 69 -13.65 7.25 11.45
CA GLY A 69 -14.72 7.84 12.25
C GLY A 69 -14.81 7.14 13.60
N ASP A 70 -15.83 6.30 13.77
CA ASP A 70 -16.04 5.57 15.00
C ASP A 70 -15.87 4.08 14.76
N ALA A 71 -14.98 3.72 13.83
CA ALA A 71 -14.72 2.34 13.50
C ALA A 71 -13.23 2.11 13.34
N LYS A 72 -12.82 0.84 13.31
CA LYS A 72 -11.42 0.50 13.16
C LYS A 72 -11.27 -0.76 12.33
N LYS A 73 -10.39 -0.72 11.32
CA LYS A 73 -10.17 -1.86 10.46
C LYS A 73 -8.82 -1.73 9.76
N LEU A 74 -8.55 -2.61 8.80
CA LEU A 74 -7.29 -2.61 8.07
C LEU A 74 -7.50 -2.29 6.58
N TYR A 75 -6.64 -1.41 6.05
CA TYR A 75 -6.72 -1.01 4.67
C TYR A 75 -5.49 -1.50 3.91
N GLU A 76 -5.70 -2.10 2.74
CA GLU A 76 -4.61 -2.60 1.94
C GLU A 76 -4.04 -1.49 1.07
N ALA A 77 -3.02 -0.81 1.59
CA ALA A 77 -2.39 0.28 0.87
C ALA A 77 -1.47 -0.28 -0.20
N LYS A 78 -1.83 -0.07 -1.48
CA LYS A 78 -1.03 -0.55 -2.58
C LYS A 78 -0.34 0.63 -3.28
N VAL A 79 0.98 0.58 -3.38
CA VAL A 79 1.75 1.63 -4.02
C VAL A 79 2.55 1.05 -5.18
N TRP A 80 2.90 1.90 -6.14
CA TRP A 80 3.67 1.47 -7.29
C TRP A 80 4.82 2.44 -7.55
N GLU A 81 6.02 2.07 -7.08
CA GLU A 81 7.19 2.91 -7.27
C GLU A 81 8.15 2.26 -8.25
N LYS A 82 9.05 3.07 -8.83
CA LYS A 82 10.03 2.57 -9.78
C LYS A 82 11.41 3.10 -9.44
N PRO A 83 12.34 2.19 -9.11
CA PRO A 83 13.71 2.51 -8.77
C PRO A 83 14.46 2.95 -10.02
N TRP A 84 14.34 2.17 -11.09
CA TRP A 84 15.01 2.48 -12.34
C TRP A 84 14.81 3.94 -12.69
N MET A 85 13.80 4.57 -12.07
CA MET A 85 13.50 5.97 -12.33
C MET A 85 13.06 6.64 -11.03
N ASP A 86 13.29 5.97 -9.90
CA ASP A 86 12.92 6.51 -8.61
C ASP A 86 11.59 7.23 -8.72
N PHE A 87 10.49 6.48 -8.69
CA PHE A 87 9.16 7.06 -8.79
C PHE A 87 8.21 6.33 -7.85
N LYS A 88 6.96 6.80 -7.78
CA LYS A 88 5.96 6.18 -6.93
C LYS A 88 4.63 6.89 -7.11
N GLU A 89 3.53 6.16 -6.90
CA GLU A 89 2.20 6.72 -7.04
C GLU A 89 1.18 5.83 -6.35
N LEU A 90 0.43 6.39 -5.41
CA LEU A 90 -0.59 5.65 -4.66
C LEU A 90 -1.66 5.05 -5.57
N GLN A 91 -1.93 3.76 -5.41
CA GLN A 91 -2.92 3.07 -6.21
C GLN A 91 -4.24 3.00 -5.46
N GLU A 92 -4.17 2.67 -4.16
CA GLU A 92 -5.36 2.57 -3.35
C GLU A 92 -5.03 1.84 -2.05
N PHE A 93 -5.53 2.36 -0.92
CA PHE A 93 -5.29 1.74 0.36
C PHE A 93 -6.62 1.54 1.09
N LYS A 94 -7.25 0.39 0.85
CA LYS A 94 -8.52 0.07 1.49
C LYS A 94 -8.73 -1.43 1.53
N PRO A 95 -9.62 -1.90 2.40
CA PRO A 95 -9.95 -3.29 2.57
C PRO A 95 -10.77 -3.78 1.38
N VAL A 96 -10.95 -2.90 0.38
CA VAL A 96 -11.70 -3.24 -0.81
C VAL A 96 -13.04 -3.84 -0.40
N ASP A 97 -14.03 -2.98 -0.12
CA ASP A 97 -15.35 -3.42 0.27
C ASP A 97 -16.16 -3.76 -0.97
N ALA A 98 -16.02 -4.99 -1.47
CA ALA A 98 -16.74 -5.43 -2.64
C ALA A 98 -16.58 -6.92 -2.82
N SER A 99 -17.69 -7.61 -3.15
CA SER A 99 -17.66 -9.05 -3.35
C SER A 99 -18.28 -9.39 -4.69
N ALA A 100 -17.57 -10.19 -5.49
CA ALA A 100 -18.04 -10.59 -6.80
C ALA A 100 -17.39 -11.91 -7.20
N ASN A 101 -17.73 -12.40 -8.40
CA ASN A 101 -17.18 -13.64 -8.90
C ASN A 101 -17.75 -13.95 -10.27
N ALA A 102 -16.88 -14.27 -11.23
CA ALA A 102 -17.31 -14.58 -12.58
C ALA A 102 -16.40 -15.64 -13.17
N MET A 1 12.48 -3.82 -40.62
CA MET A 1 13.77 -3.29 -40.23
C MET A 1 14.32 -4.08 -39.04
N SER A 2 13.50 -4.24 -38.00
CA SER A 2 13.90 -4.97 -36.82
C SER A 2 12.67 -5.34 -35.99
N SER A 3 12.89 -5.99 -34.85
CA SER A 3 11.80 -6.40 -33.99
C SER A 3 12.30 -6.51 -32.55
N ASP A 4 11.38 -6.36 -31.59
CA ASP A 4 11.73 -6.43 -30.19
C ASP A 4 10.79 -7.39 -29.47
N GLY A 5 10.88 -7.45 -28.14
CA GLY A 5 10.04 -8.33 -27.36
C GLY A 5 10.58 -8.45 -25.93
N GLY A 6 9.96 -9.31 -25.13
CA GLY A 6 10.38 -9.51 -23.76
C GLY A 6 9.27 -10.17 -22.96
N PRO A 7 9.59 -11.28 -22.29
CA PRO A 7 8.67 -12.04 -21.48
C PRO A 7 8.36 -11.27 -20.20
N VAL A 8 7.44 -11.79 -19.39
CA VAL A 8 7.06 -11.16 -18.14
C VAL A 8 7.12 -12.17 -17.01
N LEU A 9 7.44 -11.69 -15.80
CA LEU A 9 7.54 -12.55 -14.62
C LEU A 9 6.72 -12.03 -13.45
N GLY A 10 6.26 -12.94 -12.60
CA GLY A 10 5.46 -12.58 -11.44
C GLY A 10 6.05 -13.19 -10.18
N GLY A 11 5.91 -12.48 -9.06
CA GLY A 11 6.43 -12.96 -7.79
C GLY A 11 5.86 -12.15 -6.64
N VAL A 12 5.82 -12.75 -5.45
CA VAL A 12 5.30 -12.07 -4.27
C VAL A 12 6.11 -12.46 -3.05
N GLU A 13 6.63 -11.47 -2.33
CA GLU A 13 7.42 -11.72 -1.14
C GLU A 13 6.76 -11.06 0.07
N PRO A 14 6.45 -11.87 1.08
CA PRO A 14 5.82 -11.44 2.31
C PRO A 14 6.82 -10.66 3.15
N VAL A 15 6.52 -9.39 3.42
CA VAL A 15 7.40 -8.55 4.21
C VAL A 15 6.63 -7.94 5.37
N GLY A 16 7.21 -6.92 6.01
CA GLY A 16 6.57 -6.26 7.14
C GLY A 16 7.59 -5.95 8.21
N ASN A 17 7.73 -4.66 8.54
CA ASN A 17 8.67 -4.23 9.55
C ASN A 17 8.72 -2.71 9.59
N GLU A 18 8.05 -2.12 10.58
CA GLU A 18 8.03 -0.67 10.74
C GLU A 18 9.45 -0.12 10.67
N ASN A 19 10.40 -0.88 11.22
CA ASN A 19 11.79 -0.46 11.22
C ASN A 19 12.18 0.05 9.84
N ASP A 20 11.46 -0.40 8.81
CA ASP A 20 11.73 0.01 7.45
C ASP A 20 10.94 1.26 7.12
N LEU A 21 11.51 2.44 7.40
CA LEU A 21 10.85 3.71 7.15
C LEU A 21 10.21 3.76 5.76
N HIS A 22 10.94 3.26 4.76
CA HIS A 22 10.46 3.22 3.37
C HIS A 22 9.08 2.56 3.29
N LEU A 23 8.94 1.34 3.80
CA LEU A 23 7.67 0.61 3.75
C LEU A 23 6.52 1.44 4.33
N VAL A 24 6.65 1.84 5.59
CA VAL A 24 5.64 2.63 6.26
C VAL A 24 5.30 3.85 5.43
N ASP A 25 6.32 4.51 4.89
CA ASP A 25 6.13 5.70 4.07
C ASP A 25 4.99 5.46 3.09
N LEU A 26 5.00 4.30 2.43
CA LEU A 26 3.97 3.95 1.45
C LEU A 26 2.57 3.95 2.06
N ALA A 27 2.43 3.22 3.18
CA ALA A 27 1.15 3.12 3.87
C ALA A 27 0.73 4.50 4.36
N ARG A 28 1.63 5.18 5.06
CA ARG A 28 1.35 6.50 5.60
C ARG A 28 1.09 7.48 4.46
N PHE A 29 1.67 7.19 3.28
CA PHE A 29 1.50 8.03 2.12
C PHE A 29 0.07 7.95 1.61
N ALA A 30 -0.45 6.71 1.52
CA ALA A 30 -1.80 6.49 1.06
C ALA A 30 -2.78 7.33 1.88
N VAL A 31 -2.89 7.00 3.17
CA VAL A 31 -3.79 7.72 4.06
C VAL A 31 -3.67 9.22 3.82
N THR A 32 -2.45 9.67 3.52
CA THR A 32 -2.20 11.08 3.28
C THR A 32 -2.81 11.48 1.95
N GLU A 33 -2.24 11.00 0.85
CA GLU A 33 -2.72 11.32 -0.48
C GLU A 33 -4.24 11.26 -0.50
N HIS A 34 -4.80 10.16 0.01
CA HIS A 34 -6.26 9.98 0.07
C HIS A 34 -6.91 11.12 0.87
N ASN A 35 -6.42 11.38 2.08
CA ASN A 35 -6.98 12.43 2.92
C ASN A 35 -6.81 13.79 2.23
N LYS A 36 -5.91 13.84 1.25
CA LYS A 36 -5.66 15.07 0.52
C LYS A 36 -6.87 15.42 -0.34
N LYS A 37 -7.31 14.45 -1.15
CA LYS A 37 -8.46 14.66 -2.02
C LYS A 37 -9.74 14.28 -1.30
N ALA A 38 -9.60 13.70 -0.10
CA ALA A 38 -10.75 13.30 0.69
C ALA A 38 -10.84 14.16 1.95
N ASN A 39 -10.13 15.29 1.95
CA ASN A 39 -10.13 16.18 3.09
C ASN A 39 -10.04 15.40 4.38
N SER A 40 -9.46 14.20 4.31
CA SER A 40 -9.31 13.35 5.47
C SER A 40 -10.66 12.74 5.84
N LEU A 41 -10.62 11.57 6.48
CA LEU A 41 -11.84 10.86 6.89
C LEU A 41 -11.57 9.85 7.99
N LEU A 42 -10.30 9.53 8.20
CA LEU A 42 -9.89 8.56 9.21
C LEU A 42 -8.58 8.95 9.88
N GLU A 43 -8.07 8.08 10.76
CA GLU A 43 -6.84 8.33 11.47
C GLU A 43 -6.01 7.05 11.55
N PHE A 44 -4.93 6.99 10.76
CA PHE A 44 -4.07 5.83 10.75
C PHE A 44 -3.64 5.49 12.18
N GLU A 45 -3.68 4.20 12.52
CA GLU A 45 -3.29 3.75 13.84
C GLU A 45 -1.87 3.21 13.80
N LYS A 46 -1.59 2.31 12.86
CA LYS A 46 -0.27 1.72 12.72
C LYS A 46 -0.25 0.80 11.51
N LEU A 47 0.88 0.12 11.31
CA LEU A 47 1.06 -0.80 10.18
C LEU A 47 1.27 -2.24 10.63
N VAL A 48 0.56 -3.18 9.98
CA VAL A 48 0.67 -4.58 10.31
C VAL A 48 1.82 -5.21 9.53
N SER A 49 1.66 -5.30 8.22
CA SER A 49 2.69 -5.88 7.36
C SER A 49 2.58 -5.30 5.96
N VAL A 50 3.43 -5.79 5.05
CA VAL A 50 3.42 -5.32 3.68
C VAL A 50 4.11 -6.34 2.79
N LYS A 51 3.62 -6.48 1.55
CA LYS A 51 4.20 -7.42 0.61
C LYS A 51 4.83 -6.67 -0.56
N GLN A 52 5.38 -7.42 -1.52
CA GLN A 52 6.01 -6.82 -2.67
C GLN A 52 5.78 -7.69 -3.90
N GLN A 53 5.38 -7.07 -5.01
CA GLN A 53 5.12 -7.79 -6.24
C GLN A 53 5.96 -7.19 -7.37
N VAL A 54 6.42 -8.06 -8.28
CA VAL A 54 7.22 -7.61 -9.41
C VAL A 54 6.41 -7.72 -10.69
N VAL A 55 6.29 -6.60 -11.41
CA VAL A 55 5.55 -6.56 -12.65
C VAL A 55 6.06 -5.43 -13.53
N ALA A 56 5.18 -4.48 -13.85
CA ALA A 56 5.55 -3.34 -14.68
C ALA A 56 6.30 -2.32 -13.84
N GLY A 57 6.81 -2.74 -12.69
CA GLY A 57 7.54 -1.85 -11.81
C GLY A 57 7.78 -2.51 -10.46
N THR A 58 7.52 -1.78 -9.38
CA THR A 58 7.70 -2.30 -8.04
C THR A 58 6.45 -2.06 -7.21
N LEU A 59 5.65 -3.11 -7.01
CA LEU A 59 4.41 -3.03 -6.25
C LEU A 59 4.59 -3.53 -4.81
N TYR A 60 3.80 -2.95 -3.90
CA TYR A 60 3.86 -3.33 -2.50
C TYR A 60 2.46 -3.32 -1.90
N TYR A 61 2.06 -4.43 -1.28
CA TYR A 61 0.76 -4.55 -0.68
C TYR A 61 0.86 -4.34 0.82
N PHE A 62 0.55 -3.13 1.29
CA PHE A 62 0.62 -2.81 2.70
C PHE A 62 -0.70 -3.13 3.37
N THR A 63 -0.65 -3.74 4.55
CA THR A 63 -1.84 -4.10 5.28
C THR A 63 -1.84 -3.42 6.64
N ILE A 64 -2.22 -2.15 6.67
CA ILE A 64 -2.26 -1.38 7.91
C ILE A 64 -3.71 -1.23 8.36
N GLU A 65 -3.90 -0.62 9.53
CA GLU A 65 -5.23 -0.41 10.07
C GLU A 65 -5.40 1.03 10.53
N VAL A 66 -6.56 1.62 10.26
CA VAL A 66 -6.83 2.99 10.65
C VAL A 66 -8.22 3.09 11.25
N LYS A 67 -8.43 4.09 12.11
CA LYS A 67 -9.72 4.28 12.76
C LYS A 67 -10.54 5.30 11.98
N GLU A 68 -11.62 4.84 11.34
CA GLU A 68 -12.48 5.71 10.56
C GLU A 68 -13.60 6.25 11.45
N GLY A 69 -13.64 7.58 11.60
CA GLY A 69 -14.66 8.21 12.41
C GLY A 69 -14.73 7.55 13.79
N ASP A 70 -15.85 6.88 14.08
CA ASP A 70 -16.03 6.21 15.35
C ASP A 70 -15.87 4.71 15.16
N ALA A 71 -14.91 4.31 14.34
CA ALA A 71 -14.65 2.90 14.07
C ALA A 71 -13.20 2.71 13.67
N LYS A 72 -12.85 1.48 13.29
CA LYS A 72 -11.51 1.17 12.86
C LYS A 72 -11.49 -0.14 12.08
N LYS A 73 -10.64 -0.20 11.04
CA LYS A 73 -10.54 -1.38 10.21
C LYS A 73 -9.22 -1.38 9.47
N LEU A 74 -8.88 -2.50 8.83
CA LEU A 74 -7.63 -2.63 8.08
C LEU A 74 -7.80 -2.26 6.61
N TYR A 75 -6.80 -1.53 6.08
CA TYR A 75 -6.83 -1.09 4.70
C TYR A 75 -5.62 -1.64 3.96
N GLU A 76 -5.82 -2.01 2.69
CA GLU A 76 -4.74 -2.54 1.88
C GLU A 76 -4.09 -1.43 1.07
N ALA A 77 -3.05 -0.81 1.64
CA ALA A 77 -2.35 0.27 0.97
C ALA A 77 -1.46 -0.30 -0.13
N LYS A 78 -1.85 -0.07 -1.39
CA LYS A 78 -1.08 -0.56 -2.52
C LYS A 78 -0.39 0.61 -3.22
N VAL A 79 0.94 0.56 -3.26
CA VAL A 79 1.72 1.61 -3.89
C VAL A 79 2.52 1.02 -5.05
N TRP A 80 2.86 1.86 -6.03
CA TRP A 80 3.63 1.42 -7.18
C TRP A 80 4.74 2.43 -7.48
N GLU A 81 5.95 2.15 -6.99
CA GLU A 81 7.09 3.03 -7.21
C GLU A 81 8.09 2.36 -8.14
N LYS A 82 9.03 3.14 -8.66
CA LYS A 82 10.04 2.62 -9.56
C LYS A 82 11.38 3.31 -9.29
N PRO A 83 12.37 2.54 -8.85
CA PRO A 83 13.71 3.02 -8.55
C PRO A 83 14.43 3.34 -9.84
N TRP A 84 14.35 2.45 -10.82
CA TRP A 84 15.01 2.65 -12.10
C TRP A 84 14.74 4.06 -12.60
N MET A 85 13.75 4.73 -12.00
CA MET A 85 13.39 6.08 -12.39
C MET A 85 12.91 6.86 -11.18
N ASP A 86 13.10 6.28 -9.99
CA ASP A 86 12.68 6.93 -8.75
C ASP A 86 11.31 7.55 -8.94
N PHE A 87 10.26 6.75 -8.79
CA PHE A 87 8.90 7.23 -8.94
C PHE A 87 7.99 6.55 -7.93
N LYS A 88 6.70 6.89 -7.95
CA LYS A 88 5.75 6.31 -7.03
C LYS A 88 4.35 6.86 -7.33
N GLU A 89 3.33 6.05 -7.07
CA GLU A 89 1.96 6.46 -7.31
C GLU A 89 1.01 5.56 -6.53
N LEU A 90 0.29 6.14 -5.56
CA LEU A 90 -0.65 5.39 -4.73
C LEU A 90 -1.79 4.79 -5.56
N GLN A 91 -2.02 3.49 -5.39
CA GLN A 91 -3.06 2.79 -6.11
C GLN A 91 -4.35 2.81 -5.30
N GLU A 92 -4.25 2.53 -4.00
CA GLU A 92 -5.41 2.51 -3.13
C GLU A 92 -5.06 1.79 -1.83
N PHE A 93 -5.48 2.38 -0.71
CA PHE A 93 -5.22 1.79 0.60
C PHE A 93 -6.54 1.57 1.33
N LYS A 94 -7.20 0.45 1.05
CA LYS A 94 -8.47 0.13 1.69
C LYS A 94 -8.74 -1.37 1.57
N PRO A 95 -9.63 -1.88 2.41
CA PRO A 95 -10.03 -3.27 2.45
C PRO A 95 -10.88 -3.58 1.23
N VAL A 96 -11.08 -2.59 0.35
CA VAL A 96 -11.87 -2.77 -0.83
C VAL A 96 -13.26 -3.26 -0.45
N ASP A 97 -14.18 -2.33 -0.20
CA ASP A 97 -15.54 -2.68 0.17
C ASP A 97 -16.41 -2.74 -1.08
N ALA A 98 -16.95 -3.93 -1.37
CA ALA A 98 -17.80 -4.12 -2.53
C ALA A 98 -18.42 -5.50 -2.49
N SER A 99 -17.72 -6.46 -1.89
CA SER A 99 -18.21 -7.82 -1.78
C SER A 99 -18.38 -8.42 -3.18
N ALA A 100 -18.97 -9.61 -3.25
CA ALA A 100 -19.19 -10.28 -4.52
C ALA A 100 -17.87 -10.87 -5.03
N ASN A 101 -17.03 -10.01 -5.63
CA ASN A 101 -15.75 -10.45 -6.15
C ASN A 101 -14.75 -9.31 -6.07
N ALA A 102 -15.10 -8.16 -6.65
CA ALA A 102 -14.22 -7.01 -6.64
C ALA A 102 -12.90 -7.36 -7.31
N MET A 1 2.85 -11.85 -37.40
CA MET A 1 2.72 -11.81 -35.96
C MET A 1 4.10 -11.65 -35.33
N SER A 2 4.17 -10.86 -34.25
CA SER A 2 5.41 -10.64 -33.56
C SER A 2 5.16 -10.54 -32.06
N SER A 3 4.08 -11.16 -31.60
CA SER A 3 3.73 -11.14 -30.19
C SER A 3 4.30 -12.37 -29.49
N ASP A 4 4.97 -12.16 -28.35
CA ASP A 4 5.55 -13.24 -27.60
C ASP A 4 4.48 -13.96 -26.79
N GLY A 5 4.78 -15.17 -26.33
CA GLY A 5 3.84 -15.94 -25.55
C GLY A 5 4.35 -16.11 -24.12
N GLY A 6 3.48 -15.82 -23.15
CA GLY A 6 3.85 -15.93 -21.75
C GLY A 6 4.44 -14.62 -21.25
N PRO A 7 3.61 -13.80 -20.61
CA PRO A 7 3.99 -12.51 -20.06
C PRO A 7 4.85 -12.72 -18.83
N VAL A 8 5.21 -11.62 -18.15
CA VAL A 8 6.03 -11.69 -16.96
C VAL A 8 5.37 -12.60 -15.93
N LEU A 9 6.18 -13.29 -15.14
CA LEU A 9 5.69 -14.22 -14.12
C LEU A 9 5.15 -13.47 -12.88
N GLY A 10 4.41 -14.20 -12.04
CA GLY A 10 3.84 -13.61 -10.84
C GLY A 10 4.65 -14.02 -9.62
N GLY A 11 4.99 -13.04 -8.77
CA GLY A 11 5.76 -13.31 -7.58
C GLY A 11 5.30 -12.40 -6.44
N VAL A 12 5.13 -12.98 -5.25
CA VAL A 12 4.70 -12.22 -4.09
C VAL A 12 5.58 -12.56 -2.90
N GLU A 13 6.25 -11.54 -2.34
CA GLU A 13 7.12 -11.73 -1.21
C GLU A 13 6.58 -10.98 0.00
N PRO A 14 6.25 -11.70 1.06
CA PRO A 14 5.72 -11.15 2.29
C PRO A 14 6.83 -10.43 3.05
N VAL A 15 6.52 -9.22 3.53
CA VAL A 15 7.49 -8.43 4.27
C VAL A 15 6.78 -7.59 5.31
N GLY A 16 7.48 -6.59 5.85
CA GLY A 16 6.90 -5.70 6.85
C GLY A 16 8.01 -4.97 7.59
N ASN A 17 7.94 -4.98 8.93
CA ASN A 17 8.93 -4.31 9.75
C ASN A 17 8.95 -2.83 9.43
N GLU A 18 8.03 -2.07 10.04
CA GLU A 18 7.95 -0.64 9.83
C GLU A 18 9.34 -0.02 9.89
N ASN A 19 10.26 -0.72 10.55
CA ASN A 19 11.63 -0.23 10.69
C ASN A 19 12.11 0.33 9.37
N ASP A 20 11.49 -0.12 8.26
CA ASP A 20 11.86 0.34 6.94
C ASP A 20 11.07 1.60 6.60
N LEU A 21 11.62 2.76 6.91
CA LEU A 21 10.96 4.05 6.65
C LEU A 21 10.26 4.05 5.28
N HIS A 22 10.93 3.49 4.28
CA HIS A 22 10.39 3.41 2.92
C HIS A 22 9.00 2.76 2.93
N LEU A 23 8.89 1.55 3.49
CA LEU A 23 7.62 0.82 3.52
C LEU A 23 6.51 1.66 4.15
N VAL A 24 6.72 2.08 5.40
CA VAL A 24 5.74 2.88 6.11
C VAL A 24 5.32 4.06 5.26
N ASP A 25 6.30 4.74 4.65
CA ASP A 25 6.03 5.88 3.81
C ASP A 25 4.86 5.59 2.88
N LEU A 26 4.86 4.40 2.29
CA LEU A 26 3.80 3.98 1.37
C LEU A 26 2.42 3.99 2.04
N ALA A 27 2.31 3.26 3.15
CA ALA A 27 1.07 3.18 3.89
C ALA A 27 0.66 4.56 4.37
N ARG A 28 1.57 5.24 5.07
CA ARG A 28 1.30 6.57 5.60
C ARG A 28 0.98 7.51 4.45
N PHE A 29 1.54 7.24 3.26
CA PHE A 29 1.31 8.06 2.10
C PHE A 29 -0.13 7.91 1.62
N ALA A 30 -0.63 6.67 1.62
CA ALA A 30 -1.98 6.38 1.20
C ALA A 30 -2.96 7.25 1.97
N VAL A 31 -3.07 7.01 3.28
CA VAL A 31 -3.97 7.76 4.13
C VAL A 31 -3.76 9.25 3.91
N THR A 32 -2.52 9.63 3.57
CA THR A 32 -2.19 11.02 3.33
C THR A 32 -2.82 11.49 2.03
N GLU A 33 -2.28 11.02 0.90
CA GLU A 33 -2.80 11.38 -0.40
C GLU A 33 -4.32 11.38 -0.38
N HIS A 34 -4.91 10.29 0.12
CA HIS A 34 -6.36 10.15 0.22
C HIS A 34 -6.96 11.29 1.08
N ASN A 35 -6.41 11.50 2.28
CA ASN A 35 -6.91 12.54 3.17
C ASN A 35 -6.73 13.91 2.52
N LYS A 36 -5.88 13.97 1.50
CA LYS A 36 -5.62 15.22 0.81
C LYS A 36 -6.63 15.40 -0.31
N LYS A 37 -6.83 14.35 -1.12
CA LYS A 37 -7.78 14.41 -2.22
C LYS A 37 -9.17 14.01 -1.73
N ALA A 38 -9.33 13.93 -0.41
CA ALA A 38 -10.60 13.56 0.18
C ALA A 38 -10.90 14.44 1.37
N ASN A 39 -10.07 15.48 1.57
CA ASN A 39 -10.26 16.40 2.67
C ASN A 39 -10.49 15.62 3.96
N SER A 40 -9.51 14.80 4.35
CA SER A 40 -9.62 14.01 5.56
C SER A 40 -10.55 12.83 5.33
N LEU A 41 -10.31 11.73 6.04
CA LEU A 41 -11.13 10.52 5.91
C LEU A 41 -11.16 9.71 7.20
N LEU A 42 -10.02 9.63 7.87
CA LEU A 42 -9.89 8.87 9.11
C LEU A 42 -8.63 9.26 9.90
N GLU A 43 -8.15 8.34 10.74
CA GLU A 43 -6.96 8.58 11.54
C GLU A 43 -6.10 7.33 11.58
N PHE A 44 -5.07 7.29 10.71
CA PHE A 44 -4.18 6.16 10.65
C PHE A 44 -3.54 5.93 12.01
N GLU A 45 -3.61 4.69 12.50
CA GLU A 45 -3.03 4.35 13.79
C GLU A 45 -1.67 3.68 13.60
N LYS A 46 -1.62 2.68 12.72
CA LYS A 46 -0.38 1.97 12.44
C LYS A 46 -0.62 0.91 11.37
N LEU A 47 0.36 0.03 11.19
CA LEU A 47 0.27 -1.03 10.19
C LEU A 47 0.69 -2.40 10.75
N VAL A 48 0.38 -3.45 10.01
CA VAL A 48 0.71 -4.81 10.43
C VAL A 48 1.91 -5.30 9.64
N SER A 49 1.81 -5.31 8.31
CA SER A 49 2.88 -5.77 7.46
C SER A 49 2.68 -5.24 6.05
N VAL A 50 3.46 -5.76 5.10
CA VAL A 50 3.37 -5.34 3.72
C VAL A 50 3.99 -6.39 2.82
N LYS A 51 3.67 -6.34 1.52
CA LYS A 51 4.20 -7.29 0.56
C LYS A 51 4.82 -6.54 -0.61
N GLN A 52 5.30 -7.30 -1.61
CA GLN A 52 5.92 -6.71 -2.79
C GLN A 52 5.65 -7.58 -4.00
N GLN A 53 5.21 -6.96 -5.09
CA GLN A 53 4.91 -7.68 -6.32
C GLN A 53 5.81 -7.18 -7.44
N VAL A 54 6.04 -8.03 -8.44
CA VAL A 54 6.87 -7.66 -9.57
C VAL A 54 6.05 -7.71 -10.86
N VAL A 55 5.98 -6.59 -11.56
CA VAL A 55 5.23 -6.51 -12.80
C VAL A 55 5.79 -5.40 -13.67
N ALA A 56 4.97 -4.40 -13.98
CA ALA A 56 5.39 -3.29 -14.81
C ALA A 56 6.19 -2.29 -13.97
N GLY A 57 6.67 -2.75 -12.82
CA GLY A 57 7.44 -1.89 -11.93
C GLY A 57 7.67 -2.58 -10.59
N THR A 58 7.45 -1.85 -9.50
CA THR A 58 7.64 -2.40 -8.17
C THR A 58 6.39 -2.14 -7.32
N LEU A 59 5.62 -3.18 -7.08
CA LEU A 59 4.38 -3.07 -6.28
C LEU A 59 4.58 -3.52 -4.85
N TYR A 60 3.74 -3.02 -3.95
CA TYR A 60 3.81 -3.36 -2.54
C TYR A 60 2.43 -3.31 -1.91
N TYR A 61 2.02 -4.41 -1.28
CA TYR A 61 0.72 -4.48 -0.64
C TYR A 61 0.87 -4.32 0.87
N PHE A 62 0.53 -3.13 1.38
CA PHE A 62 0.64 -2.85 2.80
C PHE A 62 -0.67 -3.20 3.48
N THR A 63 -0.59 -3.86 4.64
CA THR A 63 -1.77 -4.23 5.40
C THR A 63 -1.76 -3.55 6.75
N ILE A 64 -2.17 -2.28 6.79
CA ILE A 64 -2.22 -1.52 8.02
C ILE A 64 -3.67 -1.38 8.49
N GLU A 65 -3.86 -0.75 9.65
CA GLU A 65 -5.18 -0.55 10.19
C GLU A 65 -5.39 0.91 10.54
N VAL A 66 -6.54 1.47 10.15
CA VAL A 66 -6.85 2.85 10.42
C VAL A 66 -8.27 2.96 10.99
N LYS A 67 -8.45 3.85 11.97
CA LYS A 67 -9.75 4.03 12.60
C LYS A 67 -10.60 4.96 11.73
N GLU A 68 -11.61 4.39 11.08
CA GLU A 68 -12.50 5.17 10.23
C GLU A 68 -13.73 5.58 11.01
N GLY A 69 -14.04 6.88 10.99
CA GLY A 69 -15.19 7.40 11.71
C GLY A 69 -15.18 6.93 13.15
N ASP A 70 -16.14 6.08 13.51
CA ASP A 70 -16.24 5.56 14.87
C ASP A 70 -15.87 4.09 14.87
N ALA A 71 -14.89 3.72 14.04
CA ALA A 71 -14.44 2.34 13.96
C ALA A 71 -12.99 2.30 13.51
N LYS A 72 -12.49 1.10 13.21
CA LYS A 72 -11.11 0.93 12.77
C LYS A 72 -10.92 -0.47 12.22
N LYS A 73 -10.39 -0.56 10.99
CA LYS A 73 -10.15 -1.84 10.35
C LYS A 73 -8.88 -1.77 9.52
N LEU A 74 -8.41 -2.93 9.06
CA LEU A 74 -7.19 -3.02 8.26
C LEU A 74 -7.45 -2.70 6.79
N TYR A 75 -6.70 -1.73 6.26
CA TYR A 75 -6.85 -1.32 4.87
C TYR A 75 -5.62 -1.76 4.07
N GLU A 76 -5.86 -2.38 2.92
CA GLU A 76 -4.79 -2.85 2.07
C GLU A 76 -4.25 -1.69 1.23
N ALA A 77 -3.22 -1.02 1.72
CA ALA A 77 -2.62 0.10 1.03
C ALA A 77 -1.56 -0.40 0.06
N LYS A 78 -1.83 -0.30 -1.23
CA LYS A 78 -0.90 -0.74 -2.26
C LYS A 78 -0.32 0.45 -2.99
N VAL A 79 0.97 0.40 -3.31
CA VAL A 79 1.63 1.48 -4.01
C VAL A 79 2.42 0.91 -5.19
N TRP A 80 2.92 1.81 -6.04
CA TRP A 80 3.69 1.39 -7.21
C TRP A 80 4.86 2.35 -7.42
N GLU A 81 6.06 1.95 -6.99
CA GLU A 81 7.24 2.76 -7.14
C GLU A 81 8.19 2.12 -8.13
N LYS A 82 9.19 2.89 -8.58
CA LYS A 82 10.17 2.39 -9.53
C LYS A 82 11.54 3.00 -9.24
N PRO A 83 12.49 2.16 -8.84
CA PRO A 83 13.85 2.56 -8.52
C PRO A 83 14.59 2.91 -9.80
N TRP A 84 14.44 2.07 -10.83
CA TRP A 84 15.11 2.30 -12.10
C TRP A 84 14.91 3.75 -12.53
N MET A 85 13.96 4.44 -11.89
CA MET A 85 13.68 5.82 -12.20
C MET A 85 13.26 6.57 -10.94
N ASP A 86 13.41 5.92 -9.79
CA ASP A 86 13.04 6.52 -8.52
C ASP A 86 11.70 7.22 -8.65
N PHE A 87 10.61 6.45 -8.54
CA PHE A 87 9.27 7.01 -8.64
C PHE A 87 8.32 6.23 -7.75
N LYS A 88 7.09 6.73 -7.61
CA LYS A 88 6.09 6.08 -6.78
C LYS A 88 4.79 6.85 -6.85
N GLU A 89 3.66 6.14 -6.70
CA GLU A 89 2.35 6.76 -6.74
C GLU A 89 1.32 5.86 -6.08
N LEU A 90 0.52 6.43 -5.18
CA LEU A 90 -0.50 5.67 -4.46
C LEU A 90 -1.58 5.12 -5.40
N GLN A 91 -1.84 3.82 -5.29
CA GLN A 91 -2.84 3.17 -6.12
C GLN A 91 -4.16 3.07 -5.37
N GLU A 92 -4.09 2.76 -4.07
CA GLU A 92 -5.28 2.64 -3.25
C GLU A 92 -4.91 2.03 -1.90
N PHE A 93 -5.82 2.14 -0.93
CA PHE A 93 -5.60 1.61 0.40
C PHE A 93 -6.93 1.48 1.14
N LYS A 94 -7.49 0.27 1.12
CA LYS A 94 -8.76 0.01 1.78
C LYS A 94 -8.92 -1.48 2.02
N PRO A 95 -9.91 -1.84 2.85
CA PRO A 95 -10.22 -3.22 3.19
C PRO A 95 -10.85 -3.91 1.99
N VAL A 96 -10.97 -3.20 0.86
CA VAL A 96 -11.55 -3.75 -0.34
C VAL A 96 -12.88 -4.40 -0.01
N ASP A 97 -13.96 -3.61 -0.02
CA ASP A 97 -15.28 -4.12 0.27
C ASP A 97 -15.90 -4.72 -0.98
N ALA A 98 -16.85 -5.64 -0.80
CA ALA A 98 -17.50 -6.30 -1.92
C ALA A 98 -16.48 -7.09 -2.72
N SER A 99 -16.45 -8.40 -2.51
CA SER A 99 -15.52 -9.26 -3.21
C SER A 99 -15.96 -9.41 -4.67
N ALA A 100 -15.13 -8.92 -5.59
CA ALA A 100 -15.43 -8.98 -7.00
C ALA A 100 -14.20 -8.58 -7.82
N ASN A 101 -13.80 -9.45 -8.76
CA ASN A 101 -12.65 -9.18 -9.59
C ASN A 101 -13.08 -9.11 -11.05
N ALA A 102 -12.34 -8.31 -11.84
CA ALA A 102 -12.65 -8.15 -13.25
C ALA A 102 -12.53 -9.49 -13.96
N MET A 1 38.39 -12.93 -8.70
CA MET A 1 37.65 -13.12 -9.93
C MET A 1 36.31 -13.78 -9.63
N SER A 2 35.24 -12.98 -9.59
CA SER A 2 33.91 -13.49 -9.31
C SER A 2 32.91 -12.35 -9.35
N SER A 3 31.63 -12.68 -9.42
CA SER A 3 30.57 -11.70 -9.46
C SER A 3 29.23 -12.35 -9.18
N ASP A 4 28.30 -11.58 -8.60
CA ASP A 4 26.98 -12.09 -8.27
C ASP A 4 25.92 -11.21 -8.90
N GLY A 5 24.67 -11.70 -8.94
CA GLY A 5 23.58 -10.94 -9.51
C GLY A 5 22.39 -10.94 -8.57
N GLY A 6 21.18 -10.78 -9.12
CA GLY A 6 19.97 -10.76 -8.31
C GLY A 6 18.81 -11.38 -9.09
N PRO A 7 18.79 -12.72 -9.13
CA PRO A 7 17.77 -13.49 -9.81
C PRO A 7 16.46 -13.41 -9.04
N VAL A 8 15.47 -12.71 -9.61
CA VAL A 8 14.18 -12.56 -8.97
C VAL A 8 13.09 -13.11 -9.87
N LEU A 9 12.44 -14.19 -9.43
CA LEU A 9 11.37 -14.83 -10.20
C LEU A 9 10.26 -15.38 -9.31
N GLY A 10 10.21 -14.88 -8.07
CA GLY A 10 9.21 -15.32 -7.12
C GLY A 10 7.85 -14.71 -7.45
N GLY A 11 7.55 -13.56 -6.83
CA GLY A 11 6.29 -12.88 -7.07
C GLY A 11 5.90 -12.07 -5.84
N VAL A 12 4.67 -12.29 -5.35
CA VAL A 12 4.18 -11.58 -4.19
C VAL A 12 4.78 -12.18 -2.92
N GLU A 13 5.89 -11.60 -2.46
CA GLU A 13 6.55 -12.08 -1.27
C GLU A 13 5.99 -11.39 -0.03
N PRO A 14 5.53 -12.18 0.94
CA PRO A 14 4.96 -11.69 2.17
C PRO A 14 6.05 -11.11 3.06
N VAL A 15 5.84 -9.90 3.57
CA VAL A 15 6.80 -9.24 4.42
C VAL A 15 6.09 -8.49 5.52
N GLY A 16 6.79 -7.57 6.18
CA GLY A 16 6.23 -6.79 7.26
C GLY A 16 7.31 -6.34 8.23
N ASN A 17 7.54 -5.02 8.29
CA ASN A 17 8.55 -4.47 9.16
C ASN A 17 8.51 -2.95 9.12
N GLU A 18 7.90 -2.33 10.13
CA GLU A 18 7.79 -0.89 10.20
C GLU A 18 9.18 -0.27 10.27
N ASN A 19 10.12 -0.99 10.90
CA ASN A 19 11.48 -0.51 11.03
C ASN A 19 11.96 0.06 9.71
N ASP A 20 11.33 -0.35 8.61
CA ASP A 20 11.69 0.12 7.28
C ASP A 20 10.93 1.40 6.96
N LEU A 21 11.51 2.54 7.34
CA LEU A 21 10.88 3.85 7.10
C LEU A 21 10.21 3.92 5.72
N HIS A 22 10.93 3.45 4.70
CA HIS A 22 10.43 3.44 3.32
C HIS A 22 9.06 2.75 3.25
N LEU A 23 8.97 1.52 3.74
CA LEU A 23 7.72 0.75 3.70
C LEU A 23 6.54 1.55 4.26
N VAL A 24 6.68 2.00 5.51
CA VAL A 24 5.63 2.77 6.16
C VAL A 24 5.28 3.97 5.31
N ASP A 25 6.29 4.69 4.82
CA ASP A 25 6.09 5.86 4.00
C ASP A 25 4.97 5.59 3.00
N LEU A 26 5.00 4.42 2.37
CA LEU A 26 4.00 4.04 1.37
C LEU A 26 2.59 4.00 1.97
N ALA A 27 2.42 3.23 3.04
CA ALA A 27 1.14 3.09 3.69
C ALA A 27 0.69 4.45 4.22
N ARG A 28 1.57 5.12 4.96
CA ARG A 28 1.26 6.43 5.52
C ARG A 28 1.00 7.42 4.39
N PHE A 29 1.62 7.20 3.23
CA PHE A 29 1.46 8.07 2.10
C PHE A 29 0.03 7.95 1.56
N ALA A 30 -0.46 6.71 1.46
CA ALA A 30 -1.80 6.47 0.96
C ALA A 30 -2.81 7.28 1.76
N VAL A 31 -2.96 6.94 3.05
CA VAL A 31 -3.88 7.63 3.91
C VAL A 31 -3.77 9.14 3.70
N THR A 32 -2.55 9.62 3.42
CA THR A 32 -2.32 11.02 3.19
C THR A 32 -2.92 11.44 1.86
N GLU A 33 -2.31 10.98 0.76
CA GLU A 33 -2.79 11.31 -0.57
C GLU A 33 -4.30 11.22 -0.61
N HIS A 34 -4.86 10.10 -0.12
CA HIS A 34 -6.30 9.89 -0.08
C HIS A 34 -6.99 11.00 0.76
N ASN A 35 -6.52 11.22 1.99
CA ASN A 35 -7.11 12.23 2.85
C ASN A 35 -6.95 13.60 2.22
N LYS A 36 -6.04 13.72 1.26
CA LYS A 36 -5.79 14.98 0.58
C LYS A 36 -6.98 15.34 -0.30
N LYS A 37 -7.40 14.40 -1.15
CA LYS A 37 -8.53 14.62 -2.03
C LYS A 37 -9.82 14.20 -1.34
N ALA A 38 -9.70 13.55 -0.18
CA ALA A 38 -10.84 13.10 0.57
C ALA A 38 -11.02 13.94 1.82
N ASN A 39 -10.35 15.10 1.86
CA ASN A 39 -10.43 15.98 3.00
C ASN A 39 -10.30 15.18 4.29
N SER A 40 -9.67 14.01 4.20
CA SER A 40 -9.48 13.16 5.36
C SER A 40 -10.80 12.48 5.74
N LEU A 41 -10.72 11.32 6.37
CA LEU A 41 -11.90 10.57 6.77
C LEU A 41 -11.59 9.54 7.87
N LEU A 42 -10.31 9.24 8.03
CA LEU A 42 -9.84 8.27 9.03
C LEU A 42 -8.62 8.77 9.79
N GLU A 43 -8.11 7.93 10.68
CA GLU A 43 -6.95 8.27 11.48
C GLU A 43 -6.02 7.06 11.62
N PHE A 44 -5.08 6.93 10.68
CA PHE A 44 -4.15 5.83 10.70
C PHE A 44 -3.65 5.59 12.13
N GLU A 45 -3.66 4.33 12.56
CA GLU A 45 -3.21 3.98 13.89
C GLU A 45 -1.79 3.43 13.83
N LYS A 46 -1.55 2.49 12.92
CA LYS A 46 -0.23 1.89 12.76
C LYS A 46 -0.24 0.95 11.57
N LEU A 47 0.88 0.24 11.38
CA LEU A 47 1.01 -0.70 10.27
C LEU A 47 1.21 -2.14 10.75
N VAL A 48 0.67 -3.09 9.98
CA VAL A 48 0.78 -4.50 10.33
C VAL A 48 1.93 -5.14 9.55
N SER A 49 1.76 -5.23 8.22
CA SER A 49 2.78 -5.81 7.37
C SER A 49 2.64 -5.28 5.95
N VAL A 50 3.43 -5.81 5.02
CA VAL A 50 3.40 -5.39 3.64
C VAL A 50 4.01 -6.46 2.75
N LYS A 51 3.67 -6.44 1.46
CA LYS A 51 4.19 -7.40 0.52
C LYS A 51 4.92 -6.69 -0.61
N GLN A 52 5.42 -7.46 -1.58
CA GLN A 52 6.14 -6.90 -2.70
C GLN A 52 5.78 -7.67 -3.97
N GLN A 53 5.38 -6.93 -5.01
CA GLN A 53 5.01 -7.55 -6.27
C GLN A 53 5.87 -6.98 -7.40
N VAL A 54 6.34 -7.85 -8.29
CA VAL A 54 7.18 -7.43 -9.40
C VAL A 54 6.39 -7.54 -10.69
N VAL A 55 6.27 -6.41 -11.41
CA VAL A 55 5.54 -6.38 -12.67
C VAL A 55 6.09 -5.27 -13.55
N ALA A 56 5.26 -4.28 -13.85
CA ALA A 56 5.66 -3.17 -14.69
C ALA A 56 6.46 -2.17 -13.87
N GLY A 57 6.93 -2.60 -12.69
CA GLY A 57 7.70 -1.74 -11.82
C GLY A 57 7.91 -2.42 -10.47
N THR A 58 7.65 -1.67 -9.39
CA THR A 58 7.82 -2.19 -8.05
C THR A 58 6.59 -1.85 -7.21
N LEU A 59 5.75 -2.86 -6.96
CA LEU A 59 4.52 -2.67 -6.18
C LEU A 59 4.64 -3.30 -4.77
N TYR A 60 3.98 -2.66 -3.80
CA TYR A 60 4.00 -3.14 -2.44
C TYR A 60 2.60 -3.09 -1.85
N TYR A 61 2.15 -4.22 -1.29
CA TYR A 61 0.83 -4.30 -0.71
C TYR A 61 0.94 -4.18 0.81
N PHE A 62 0.74 -2.96 1.32
CA PHE A 62 0.82 -2.71 2.75
C PHE A 62 -0.53 -3.02 3.39
N THR A 63 -0.49 -3.63 4.58
CA THR A 63 -1.71 -3.98 5.29
C THR A 63 -1.70 -3.31 6.67
N ILE A 64 -2.06 -2.03 6.71
CA ILE A 64 -2.10 -1.29 7.96
C ILE A 64 -3.53 -1.19 8.46
N GLU A 65 -3.73 -0.51 9.59
CA GLU A 65 -5.05 -0.34 10.16
C GLU A 65 -5.26 1.11 10.57
N VAL A 66 -6.46 1.63 10.33
CA VAL A 66 -6.79 3.00 10.67
C VAL A 66 -8.21 3.07 11.22
N LYS A 67 -8.43 3.92 12.22
CA LYS A 67 -9.74 4.08 12.82
C LYS A 67 -10.49 5.22 12.14
N GLU A 68 -11.64 4.90 11.54
CA GLU A 68 -12.44 5.88 10.87
C GLU A 68 -13.26 6.68 11.88
N GLY A 69 -14.26 7.43 11.39
CA GLY A 69 -15.10 8.22 12.26
C GLY A 69 -15.29 7.52 13.59
N ASP A 70 -16.21 6.56 13.63
CA ASP A 70 -16.48 5.82 14.85
C ASP A 70 -16.21 4.34 14.63
N ALA A 71 -15.17 4.03 13.85
CA ALA A 71 -14.81 2.65 13.56
C ALA A 71 -13.31 2.55 13.35
N LYS A 72 -12.86 1.38 12.89
CA LYS A 72 -11.44 1.16 12.64
C LYS A 72 -11.24 -0.24 12.08
N LYS A 73 -10.39 -0.35 11.05
CA LYS A 73 -10.11 -1.63 10.42
C LYS A 73 -8.80 -1.54 9.65
N LEU A 74 -8.45 -2.63 8.96
CA LEU A 74 -7.21 -2.69 8.18
C LEU A 74 -7.46 -2.36 6.70
N TYR A 75 -6.53 -1.59 6.12
CA TYR A 75 -6.64 -1.19 4.73
C TYR A 75 -5.39 -1.64 3.97
N GLU A 76 -5.60 -2.24 2.79
CA GLU A 76 -4.49 -2.71 1.97
C GLU A 76 -3.98 -1.58 1.10
N ALA A 77 -2.96 -0.87 1.59
CA ALA A 77 -2.38 0.24 0.84
C ALA A 77 -1.41 -0.29 -0.20
N LYS A 78 -1.72 -0.06 -1.48
CA LYS A 78 -0.87 -0.51 -2.56
C LYS A 78 -0.24 0.68 -3.27
N VAL A 79 1.08 0.81 -3.16
CA VAL A 79 1.80 1.90 -3.78
C VAL A 79 2.73 1.36 -4.85
N TRP A 80 2.65 1.94 -6.06
CA TRP A 80 3.50 1.51 -7.16
C TRP A 80 4.63 2.49 -7.36
N GLU A 81 5.84 2.12 -6.91
CA GLU A 81 7.00 2.97 -7.03
C GLU A 81 8.04 2.30 -7.92
N LYS A 82 9.06 3.06 -8.33
CA LYS A 82 10.10 2.54 -9.18
C LYS A 82 11.45 3.15 -8.78
N PRO A 83 12.37 2.31 -8.30
CA PRO A 83 13.69 2.71 -7.88
C PRO A 83 14.53 3.06 -9.10
N TRP A 84 14.47 2.20 -10.13
CA TRP A 84 15.24 2.42 -11.35
C TRP A 84 15.08 3.87 -11.81
N MET A 85 14.08 4.56 -11.23
CA MET A 85 13.83 5.95 -11.58
C MET A 85 13.24 6.69 -10.39
N ASP A 86 13.32 6.07 -9.21
CA ASP A 86 12.80 6.67 -8.00
C ASP A 86 11.46 7.33 -8.28
N PHE A 87 10.39 6.54 -8.28
CA PHE A 87 9.06 7.06 -8.54
C PHE A 87 8.07 6.46 -7.55
N LYS A 88 6.79 6.81 -7.71
CA LYS A 88 5.75 6.31 -6.82
C LYS A 88 4.40 6.84 -7.27
N GLU A 89 3.34 6.06 -7.04
CA GLU A 89 1.99 6.46 -7.41
C GLU A 89 0.98 5.58 -6.69
N LEU A 90 0.43 6.08 -5.59
CA LEU A 90 -0.56 5.34 -4.79
C LEU A 90 -1.68 4.76 -5.67
N GLN A 91 -1.92 3.46 -5.51
CA GLN A 91 -2.95 2.79 -6.27
C GLN A 91 -4.26 2.77 -5.49
N GLU A 92 -4.17 2.46 -4.20
CA GLU A 92 -5.34 2.42 -3.34
C GLU A 92 -5.01 1.72 -2.04
N PHE A 93 -5.59 2.20 -0.94
CA PHE A 93 -5.35 1.63 0.37
C PHE A 93 -6.67 1.44 1.10
N LYS A 94 -7.25 0.23 1.00
CA LYS A 94 -8.50 -0.07 1.65
C LYS A 94 -8.67 -1.57 1.79
N PRO A 95 -9.62 -2.00 2.62
CA PRO A 95 -9.92 -3.38 2.88
C PRO A 95 -10.62 -3.99 1.67
N VAL A 96 -10.79 -3.18 0.62
CA VAL A 96 -11.43 -3.63 -0.60
C VAL A 96 -12.87 -4.06 -0.29
N ASP A 97 -13.80 -3.12 -0.37
CA ASP A 97 -15.19 -3.40 -0.09
C ASP A 97 -15.84 -4.06 -1.31
N ALA A 98 -16.06 -5.38 -1.22
CA ALA A 98 -16.66 -6.12 -2.31
C ALA A 98 -17.79 -7.00 -1.78
N SER A 99 -18.62 -7.52 -2.69
CA SER A 99 -19.73 -8.36 -2.30
C SER A 99 -20.73 -7.57 -1.48
N ALA A 100 -21.96 -8.07 -1.39
CA ALA A 100 -23.01 -7.40 -0.63
C ALA A 100 -23.21 -5.99 -1.18
N ASN A 101 -24.10 -5.23 -0.53
CA ASN A 101 -24.38 -3.86 -0.95
C ASN A 101 -25.16 -3.15 0.15
N ALA A 102 -25.06 -1.81 0.15
CA ALA A 102 -25.76 -1.01 1.14
C ALA A 102 -25.71 0.46 0.73
N MET A 1 0.17 -8.28 -15.93
CA MET A 1 -0.40 -8.82 -14.71
C MET A 1 -1.32 -9.99 -15.04
N SER A 2 -0.83 -11.21 -14.87
CA SER A 2 -1.61 -12.39 -15.15
C SER A 2 -3.02 -12.23 -14.59
N SER A 3 -3.16 -12.26 -13.27
CA SER A 3 -4.44 -12.11 -12.63
C SER A 3 -4.29 -12.28 -11.11
N ASP A 4 -4.18 -11.16 -10.40
CA ASP A 4 -4.02 -11.18 -8.96
C ASP A 4 -2.90 -12.12 -8.58
N GLY A 5 -2.76 -12.40 -7.28
CA GLY A 5 -1.72 -13.29 -6.79
C GLY A 5 -2.34 -14.50 -6.12
N GLY A 6 -2.15 -15.69 -6.74
CA GLY A 6 -2.69 -16.91 -6.20
C GLY A 6 -2.03 -18.12 -6.87
N PRO A 7 -2.85 -19.06 -7.33
CA PRO A 7 -2.40 -20.27 -7.99
C PRO A 7 -1.89 -19.92 -9.38
N VAL A 8 -1.39 -18.70 -9.56
CA VAL A 8 -0.87 -18.25 -10.84
C VAL A 8 0.49 -17.60 -10.64
N LEU A 9 1.25 -17.50 -11.72
CA LEU A 9 2.59 -16.91 -11.67
C LEU A 9 2.65 -15.69 -10.75
N GLY A 10 3.52 -15.76 -9.74
CA GLY A 10 3.66 -14.68 -8.79
C GLY A 10 3.00 -15.04 -7.47
N GLY A 11 3.78 -15.60 -6.54
CA GLY A 11 3.27 -15.99 -5.24
C GLY A 11 3.35 -14.82 -4.27
N VAL A 12 3.84 -13.67 -4.75
CA VAL A 12 3.96 -12.49 -3.93
C VAL A 12 4.95 -12.75 -2.80
N GLU A 13 5.70 -11.71 -2.41
CA GLU A 13 6.67 -11.84 -1.34
C GLU A 13 6.20 -11.07 -0.12
N PRO A 14 5.56 -11.78 0.81
CA PRO A 14 5.04 -11.24 2.05
C PRO A 14 6.19 -10.91 2.98
N VAL A 15 6.14 -9.74 3.63
CA VAL A 15 7.17 -9.33 4.55
C VAL A 15 6.56 -8.49 5.67
N GLY A 16 7.20 -8.51 6.84
CA GLY A 16 6.72 -7.76 7.99
C GLY A 16 7.84 -6.94 8.60
N ASN A 17 7.77 -6.72 9.92
CA ASN A 17 8.78 -5.96 10.61
C ASN A 17 9.02 -4.64 9.90
N GLU A 18 8.28 -3.60 10.28
CA GLU A 18 8.41 -2.29 9.68
C GLU A 18 9.81 -1.75 9.94
N ASN A 19 9.90 -0.73 10.80
CA ASN A 19 11.17 -0.13 11.12
C ASN A 19 11.78 0.53 9.89
N ASP A 20 11.36 0.06 8.71
CA ASP A 20 11.86 0.59 7.46
C ASP A 20 10.97 1.76 7.01
N LEU A 21 11.37 2.98 7.38
CA LEU A 21 10.61 4.18 7.02
C LEU A 21 10.06 4.12 5.60
N HIS A 22 10.87 3.58 4.68
CA HIS A 22 10.49 3.44 3.27
C HIS A 22 9.11 2.78 3.16
N LEU A 23 8.98 1.55 3.63
CA LEU A 23 7.72 0.80 3.56
C LEU A 23 6.56 1.58 4.19
N VAL A 24 6.72 1.93 5.46
CA VAL A 24 5.70 2.66 6.19
C VAL A 24 5.32 3.91 5.42
N ASP A 25 6.31 4.56 4.80
CA ASP A 25 6.06 5.77 4.04
C ASP A 25 4.92 5.54 3.06
N LEU A 26 4.94 4.40 2.37
CA LEU A 26 3.91 4.06 1.39
C LEU A 26 2.51 4.04 2.02
N ALA A 27 2.38 3.30 3.12
CA ALA A 27 1.12 3.18 3.82
C ALA A 27 0.69 4.54 4.33
N ARG A 28 1.58 5.22 5.05
CA ARG A 28 1.28 6.54 5.59
C ARG A 28 1.01 7.51 4.47
N PHE A 29 1.56 7.24 3.28
CA PHE A 29 1.37 8.10 2.13
C PHE A 29 -0.05 7.98 1.63
N ALA A 30 -0.55 6.74 1.54
CA ALA A 30 -1.90 6.49 1.06
C ALA A 30 -2.89 7.31 1.88
N VAL A 31 -3.01 7.00 3.16
CA VAL A 31 -3.92 7.72 4.04
C VAL A 31 -3.78 9.21 3.82
N THR A 32 -2.55 9.68 3.57
CA THR A 32 -2.30 11.09 3.34
C THR A 32 -2.93 11.52 2.02
N GLU A 33 -2.35 11.05 0.91
CA GLU A 33 -2.86 11.38 -0.41
C GLU A 33 -4.38 11.30 -0.41
N HIS A 34 -4.93 10.29 0.26
CA HIS A 34 -6.38 10.10 0.35
C HIS A 34 -7.02 11.22 1.18
N ASN A 35 -6.50 11.49 2.38
CA ASN A 35 -7.04 12.53 3.23
C ASN A 35 -6.80 13.90 2.61
N LYS A 36 -5.91 13.96 1.63
CA LYS A 36 -5.60 15.20 0.95
C LYS A 36 -6.74 15.59 0.02
N LYS A 37 -7.21 14.63 -0.77
CA LYS A 37 -8.31 14.87 -1.70
C LYS A 37 -9.64 14.61 -1.01
N ALA A 38 -9.79 13.41 -0.43
CA ALA A 38 -11.01 13.05 0.25
C ALA A 38 -11.18 13.89 1.50
N ASN A 39 -10.50 15.04 1.54
CA ASN A 39 -10.57 15.94 2.68
C ASN A 39 -10.50 15.13 3.97
N SER A 40 -9.67 14.10 3.99
CA SER A 40 -9.50 13.26 5.17
C SER A 40 -10.78 12.47 5.40
N LEU A 41 -10.63 11.25 5.91
CA LEU A 41 -11.77 10.37 6.19
C LEU A 41 -11.42 9.27 7.20
N LEU A 42 -10.12 9.11 7.46
CA LEU A 42 -9.62 8.09 8.38
C LEU A 42 -8.41 8.58 9.17
N GLU A 43 -8.18 7.97 10.34
CA GLU A 43 -7.06 8.33 11.19
C GLU A 43 -6.13 7.14 11.34
N PHE A 44 -5.19 6.99 10.41
CA PHE A 44 -4.24 5.90 10.44
C PHE A 44 -3.76 5.69 11.87
N GLU A 45 -3.75 4.43 12.32
CA GLU A 45 -3.31 4.09 13.66
C GLU A 45 -1.88 3.57 13.62
N LYS A 46 -1.60 2.64 12.70
CA LYS A 46 -0.28 2.07 12.57
C LYS A 46 -0.24 1.13 11.37
N LEU A 47 0.84 0.37 11.25
CA LEU A 47 1.01 -0.57 10.14
C LEU A 47 1.29 -1.99 10.63
N VAL A 48 0.63 -2.97 9.99
CA VAL A 48 0.79 -4.36 10.36
C VAL A 48 1.95 -4.97 9.58
N SER A 49 1.80 -5.06 8.27
CA SER A 49 2.83 -5.62 7.41
C SER A 49 2.68 -5.09 6.00
N VAL A 50 3.53 -5.57 5.09
CA VAL A 50 3.48 -5.15 3.70
C VAL A 50 4.20 -6.18 2.83
N LYS A 51 3.66 -6.41 1.63
CA LYS A 51 4.25 -7.36 0.70
C LYS A 51 4.91 -6.62 -0.45
N GLN A 52 5.32 -7.36 -1.48
CA GLN A 52 5.97 -6.78 -2.64
C GLN A 52 5.84 -7.71 -3.83
N GLN A 53 5.52 -7.15 -5.00
CA GLN A 53 5.36 -7.93 -6.21
C GLN A 53 6.21 -7.32 -7.33
N VAL A 54 6.54 -8.14 -8.33
CA VAL A 54 7.34 -7.69 -9.45
C VAL A 54 6.52 -7.78 -10.73
N VAL A 55 6.39 -6.66 -11.45
CA VAL A 55 5.64 -6.62 -12.68
C VAL A 55 6.15 -5.49 -13.56
N ALA A 56 5.26 -4.53 -13.86
CA ALA A 56 5.62 -3.39 -14.69
C ALA A 56 6.38 -2.37 -13.86
N GLY A 57 6.88 -2.79 -12.70
CA GLY A 57 7.62 -1.91 -11.81
C GLY A 57 7.84 -2.57 -10.47
N THR A 58 7.54 -1.85 -9.38
CA THR A 58 7.72 -2.38 -8.05
C THR A 58 6.44 -2.18 -7.24
N LEU A 59 5.70 -3.27 -7.01
CA LEU A 59 4.44 -3.22 -6.26
C LEU A 59 4.63 -3.66 -4.81
N TYR A 60 3.78 -3.12 -3.93
CA TYR A 60 3.85 -3.45 -2.52
C TYR A 60 2.44 -3.47 -1.92
N TYR A 61 2.10 -4.56 -1.23
CA TYR A 61 0.79 -4.69 -0.63
C TYR A 61 0.88 -4.41 0.87
N PHE A 62 0.60 -3.16 1.27
CA PHE A 62 0.65 -2.78 2.66
C PHE A 62 -0.66 -3.12 3.35
N THR A 63 -0.57 -3.69 4.55
CA THR A 63 -1.75 -4.06 5.30
C THR A 63 -1.76 -3.35 6.65
N ILE A 64 -2.15 -2.07 6.64
CA ILE A 64 -2.21 -1.28 7.86
C ILE A 64 -3.64 -1.19 8.35
N GLU A 65 -3.86 -0.46 9.45
CA GLU A 65 -5.18 -0.31 10.01
C GLU A 65 -5.37 1.13 10.46
N VAL A 66 -6.57 1.68 10.18
CA VAL A 66 -6.88 3.05 10.55
C VAL A 66 -8.21 3.08 11.30
N LYS A 67 -8.29 3.92 12.34
CA LYS A 67 -9.49 4.04 13.13
C LYS A 67 -10.47 4.99 12.45
N GLU A 68 -11.61 4.46 12.02
CA GLU A 68 -12.61 5.26 11.35
C GLU A 68 -13.62 5.78 12.36
N GLY A 69 -13.62 7.10 12.58
CA GLY A 69 -14.54 7.71 13.53
C GLY A 69 -14.45 7.01 14.87
N ASP A 70 -15.46 6.17 15.17
CA ASP A 70 -15.50 5.44 16.42
C ASP A 70 -15.26 3.96 16.16
N ALA A 71 -14.38 3.66 15.19
CA ALA A 71 -14.08 2.29 14.85
C ALA A 71 -12.65 2.19 14.32
N LYS A 72 -12.31 1.05 13.72
CA LYS A 72 -10.98 0.85 13.18
C LYS A 72 -10.95 -0.43 12.34
N LYS A 73 -10.35 -0.35 11.16
CA LYS A 73 -10.26 -1.49 10.28
C LYS A 73 -8.96 -1.45 9.49
N LEU A 74 -8.58 -2.57 8.89
CA LEU A 74 -7.34 -2.66 8.11
C LEU A 74 -7.57 -2.37 6.62
N TYR A 75 -6.67 -1.57 6.04
CA TYR A 75 -6.78 -1.20 4.65
C TYR A 75 -5.53 -1.65 3.90
N GLU A 76 -5.72 -2.32 2.75
CA GLU A 76 -4.61 -2.80 1.96
C GLU A 76 -4.08 -1.67 1.08
N ALA A 77 -3.06 -0.97 1.57
CA ALA A 77 -2.46 0.12 0.84
C ALA A 77 -1.52 -0.43 -0.23
N LYS A 78 -1.85 -0.19 -1.50
CA LYS A 78 -1.04 -0.66 -2.60
C LYS A 78 -0.34 0.52 -3.27
N VAL A 79 0.99 0.47 -3.35
CA VAL A 79 1.76 1.53 -3.97
C VAL A 79 2.58 0.95 -5.12
N TRP A 80 2.92 1.80 -6.09
CA TRP A 80 3.71 1.38 -7.24
C TRP A 80 4.84 2.36 -7.47
N GLU A 81 6.03 2.01 -6.96
CA GLU A 81 7.21 2.86 -7.12
C GLU A 81 8.18 2.22 -8.10
N LYS A 82 9.15 3.01 -8.57
CA LYS A 82 10.14 2.52 -9.51
C LYS A 82 11.48 3.19 -9.23
N PRO A 83 12.49 2.39 -8.86
CA PRO A 83 13.83 2.85 -8.56
C PRO A 83 14.54 3.22 -9.85
N TRP A 84 14.42 2.36 -10.87
CA TRP A 84 15.05 2.61 -12.14
C TRP A 84 14.78 4.05 -12.59
N MET A 85 13.81 4.70 -11.94
CA MET A 85 13.45 6.07 -12.26
C MET A 85 13.05 6.81 -11.00
N ASP A 86 13.23 6.16 -9.85
CA ASP A 86 12.89 6.77 -8.57
C ASP A 86 11.53 7.45 -8.68
N PHE A 87 10.46 6.65 -8.68
CA PHE A 87 9.12 7.20 -8.78
C PHE A 87 8.18 6.40 -7.88
N LYS A 88 6.92 6.84 -7.79
CA LYS A 88 5.94 6.17 -6.96
C LYS A 88 4.59 6.88 -7.09
N GLU A 89 3.51 6.12 -6.91
CA GLU A 89 2.17 6.66 -7.02
C GLU A 89 1.18 5.74 -6.33
N LEU A 90 0.40 6.28 -5.39
CA LEU A 90 -0.58 5.51 -4.64
C LEU A 90 -1.66 4.91 -5.56
N GLN A 91 -1.89 3.60 -5.42
CA GLN A 91 -2.87 2.90 -6.23
C GLN A 91 -4.20 2.86 -5.50
N GLU A 92 -4.15 2.54 -4.20
CA GLU A 92 -5.36 2.45 -3.39
C GLU A 92 -5.08 1.70 -2.10
N PHE A 93 -5.60 2.20 -0.99
CA PHE A 93 -5.40 1.57 0.30
C PHE A 93 -6.74 1.38 0.99
N LYS A 94 -7.29 0.17 0.90
CA LYS A 94 -8.57 -0.14 1.53
C LYS A 94 -8.72 -1.64 1.67
N PRO A 95 -9.68 -2.06 2.50
CA PRO A 95 -9.98 -3.46 2.77
C PRO A 95 -10.65 -4.09 1.56
N VAL A 96 -10.82 -3.30 0.50
CA VAL A 96 -11.43 -3.77 -0.72
C VAL A 96 -12.77 -4.44 -0.39
N ASP A 97 -13.82 -3.64 -0.25
CA ASP A 97 -15.14 -4.16 0.06
C ASP A 97 -16.07 -3.95 -1.13
N ALA A 98 -15.50 -3.83 -2.32
CA ALA A 98 -16.28 -3.63 -3.53
C ALA A 98 -16.94 -2.27 -3.49
N SER A 99 -16.58 -1.39 -4.41
CA SER A 99 -17.14 -0.05 -4.48
C SER A 99 -18.29 -0.03 -5.47
N ALA A 100 -18.09 -0.66 -6.63
CA ALA A 100 -19.11 -0.71 -7.66
C ALA A 100 -19.00 -2.02 -8.43
N ASN A 101 -20.08 -2.39 -9.13
CA ASN A 101 -20.10 -3.61 -9.90
C ASN A 101 -19.54 -3.36 -11.30
N ALA A 102 -18.69 -2.35 -11.42
CA ALA A 102 -18.08 -2.01 -12.70
C ALA A 102 -16.65 -1.55 -12.48
N MET A 1 14.97 -18.02 -36.49
CA MET A 1 15.83 -16.88 -36.73
C MET A 1 15.17 -15.61 -36.22
N SER A 2 15.90 -14.85 -35.40
CA SER A 2 15.39 -13.62 -34.84
C SER A 2 14.09 -13.88 -34.09
N SER A 3 14.21 -14.16 -32.79
CA SER A 3 13.04 -14.45 -31.96
C SER A 3 13.17 -13.71 -30.64
N ASP A 4 12.03 -13.33 -30.05
CA ASP A 4 12.01 -12.63 -28.78
C ASP A 4 11.18 -13.40 -27.77
N GLY A 5 11.26 -12.99 -26.50
CA GLY A 5 10.51 -13.65 -25.45
C GLY A 5 9.99 -12.62 -24.45
N GLY A 6 9.26 -13.09 -23.43
CA GLY A 6 8.72 -12.23 -22.42
C GLY A 6 7.52 -12.87 -21.75
N PRO A 7 7.78 -13.84 -20.85
CA PRO A 7 6.77 -14.57 -20.13
C PRO A 7 6.15 -13.66 -19.07
N VAL A 8 5.11 -14.16 -18.39
CA VAL A 8 4.44 -13.40 -17.36
C VAL A 8 4.43 -14.18 -16.06
N LEU A 9 4.53 -13.47 -14.93
CA LEU A 9 4.55 -14.09 -13.61
C LEU A 9 4.60 -13.05 -12.49
N GLY A 10 3.94 -13.36 -11.37
CA GLY A 10 3.91 -12.47 -10.23
C GLY A 10 4.51 -13.16 -9.00
N GLY A 11 4.36 -12.52 -7.84
CA GLY A 11 4.89 -13.07 -6.60
C GLY A 11 4.54 -12.16 -5.44
N VAL A 12 4.08 -12.75 -4.33
CA VAL A 12 3.71 -12.01 -3.15
C VAL A 12 4.62 -12.39 -1.99
N GLU A 13 5.54 -11.48 -1.62
CA GLU A 13 6.46 -11.74 -0.53
C GLU A 13 6.00 -10.98 0.71
N PRO A 14 5.27 -11.65 1.59
CA PRO A 14 4.75 -11.10 2.82
C PRO A 14 5.89 -10.93 3.82
N VAL A 15 6.22 -9.68 4.13
CA VAL A 15 7.29 -9.38 5.06
C VAL A 15 7.35 -7.87 5.31
N GLY A 16 8.48 -7.40 5.85
CA GLY A 16 8.66 -6.00 6.13
C GLY A 16 7.70 -5.55 7.23
N ASN A 17 8.18 -4.71 8.14
CA ASN A 17 7.37 -4.22 9.23
C ASN A 17 7.34 -2.70 9.22
N GLU A 18 7.30 -2.09 10.41
CA GLU A 18 7.27 -0.65 10.52
C GLU A 18 8.70 -0.11 10.60
N ASN A 19 9.64 -0.96 11.02
CA ASN A 19 11.03 -0.57 11.12
C ASN A 19 11.54 -0.08 9.78
N ASP A 20 10.95 -0.59 8.70
CA ASP A 20 11.34 -0.21 7.36
C ASP A 20 10.67 1.10 6.98
N LEU A 21 11.30 2.22 7.32
CA LEU A 21 10.75 3.55 7.03
C LEU A 21 10.13 3.61 5.63
N HIS A 22 10.85 3.06 4.64
CA HIS A 22 10.39 3.04 3.25
C HIS A 22 8.97 2.44 3.17
N LEU A 23 8.79 1.20 3.63
CA LEU A 23 7.49 0.53 3.58
C LEU A 23 6.37 1.38 4.19
N VAL A 24 6.57 1.78 5.46
CA VAL A 24 5.60 2.58 6.16
C VAL A 24 5.30 3.84 5.37
N ASP A 25 6.35 4.53 4.92
CA ASP A 25 6.19 5.75 4.16
C ASP A 25 5.05 5.60 3.16
N LEU A 26 5.02 4.45 2.47
CA LEU A 26 3.99 4.18 1.47
C LEU A 26 2.58 4.20 2.08
N ALA A 27 2.37 3.37 3.10
CA ALA A 27 1.08 3.29 3.76
C ALA A 27 0.70 4.65 4.31
N ARG A 28 1.61 5.28 5.06
CA ARG A 28 1.37 6.58 5.64
C ARG A 28 1.06 7.58 4.55
N PHE A 29 1.69 7.41 3.37
CA PHE A 29 1.47 8.30 2.26
C PHE A 29 0.03 8.15 1.74
N ALA A 30 -0.44 6.90 1.64
CA ALA A 30 -1.77 6.64 1.17
C ALA A 30 -2.78 7.49 1.93
N VAL A 31 -2.94 7.19 3.22
CA VAL A 31 -3.87 7.93 4.06
C VAL A 31 -3.77 9.42 3.75
N THR A 32 -2.54 9.91 3.54
CA THR A 32 -2.32 11.31 3.25
C THR A 32 -2.93 11.65 1.89
N GLU A 33 -2.38 11.08 0.82
CA GLU A 33 -2.87 11.32 -0.52
C GLU A 33 -4.40 11.28 -0.52
N HIS A 34 -4.96 10.20 0.03
CA HIS A 34 -6.41 10.02 0.11
C HIS A 34 -7.05 11.19 0.90
N ASN A 35 -6.55 11.47 2.10
CA ASN A 35 -7.09 12.53 2.92
C ASN A 35 -6.98 13.86 2.19
N LYS A 36 -6.02 13.96 1.27
CA LYS A 36 -5.82 15.17 0.50
C LYS A 36 -7.01 15.40 -0.42
N LYS A 37 -7.51 14.33 -1.03
CA LYS A 37 -8.64 14.43 -1.94
C LYS A 37 -9.94 14.25 -1.16
N ALA A 38 -10.13 13.07 -0.55
CA ALA A 38 -11.32 12.78 0.21
C ALA A 38 -11.37 13.68 1.44
N ASN A 39 -10.67 14.82 1.37
CA ASN A 39 -10.65 15.76 2.48
C ASN A 39 -10.50 15.00 3.80
N SER A 40 -9.78 13.88 3.77
CA SER A 40 -9.57 13.07 4.95
C SER A 40 -10.83 12.31 5.29
N LEU A 41 -10.69 11.16 5.94
CA LEU A 41 -11.82 10.33 6.33
C LEU A 41 -11.46 9.35 7.46
N LEU A 42 -10.18 9.00 7.53
CA LEU A 42 -9.68 8.06 8.54
C LEU A 42 -8.36 8.53 9.16
N GLU A 43 -7.84 7.73 10.10
CA GLU A 43 -6.60 8.05 10.77
C GLU A 43 -5.75 6.80 10.95
N PHE A 44 -4.55 6.80 10.38
CA PHE A 44 -3.66 5.66 10.47
C PHE A 44 -3.38 5.35 11.93
N GLU A 45 -3.49 4.07 12.30
CA GLU A 45 -3.24 3.65 13.67
C GLU A 45 -1.84 3.07 13.80
N LYS A 46 -1.48 2.16 12.88
CA LYS A 46 -0.17 1.54 12.89
C LYS A 46 -0.03 0.61 11.71
N LEU A 47 1.06 -0.17 11.68
CA LEU A 47 1.33 -1.11 10.60
C LEU A 47 1.21 -2.56 11.05
N VAL A 48 0.78 -3.42 10.13
CA VAL A 48 0.61 -4.84 10.42
C VAL A 48 1.61 -5.65 9.62
N SER A 49 1.63 -5.45 8.30
CA SER A 49 2.54 -6.17 7.43
C SER A 49 2.52 -5.55 6.04
N VAL A 50 3.40 -6.04 5.16
CA VAL A 50 3.48 -5.53 3.81
C VAL A 50 3.97 -6.63 2.87
N LYS A 51 3.65 -6.50 1.58
CA LYS A 51 4.06 -7.48 0.59
C LYS A 51 4.75 -6.79 -0.57
N GLN A 52 5.55 -7.55 -1.33
CA GLN A 52 6.27 -7.00 -2.47
C GLN A 52 5.98 -7.84 -3.70
N GLN A 53 5.75 -7.18 -4.84
CA GLN A 53 5.47 -7.85 -6.08
C GLN A 53 6.25 -7.21 -7.22
N VAL A 54 6.60 -8.01 -8.23
CA VAL A 54 7.34 -7.51 -9.37
C VAL A 54 6.50 -7.64 -10.64
N VAL A 55 6.33 -6.54 -11.36
CA VAL A 55 5.55 -6.53 -12.58
C VAL A 55 6.00 -5.39 -13.48
N ALA A 56 5.08 -4.46 -13.77
CA ALA A 56 5.38 -3.33 -14.62
C ALA A 56 6.11 -2.27 -13.81
N GLY A 57 6.62 -2.65 -12.64
CA GLY A 57 7.33 -1.74 -11.78
C GLY A 57 7.59 -2.37 -10.42
N THR A 58 7.25 -1.65 -9.34
CA THR A 58 7.45 -2.15 -8.00
C THR A 58 6.17 -2.01 -7.20
N LEU A 59 5.45 -3.12 -7.02
CA LEU A 59 4.20 -3.13 -6.29
C LEU A 59 4.37 -3.63 -4.84
N TYR A 60 3.76 -2.92 -3.90
CA TYR A 60 3.85 -3.28 -2.50
C TYR A 60 2.47 -3.26 -1.87
N TYR A 61 2.11 -4.35 -1.19
CA TYR A 61 0.81 -4.45 -0.55
C TYR A 61 0.95 -4.17 0.95
N PHE A 62 0.66 -2.92 1.34
CA PHE A 62 0.75 -2.54 2.74
C PHE A 62 -0.56 -2.85 3.44
N THR A 63 -0.47 -3.56 4.57
CA THR A 63 -1.64 -3.92 5.34
C THR A 63 -1.61 -3.23 6.69
N ILE A 64 -2.02 -1.95 6.73
CA ILE A 64 -2.04 -1.19 7.97
C ILE A 64 -3.47 -0.97 8.41
N GLU A 65 -3.65 -0.74 9.71
CA GLU A 65 -4.98 -0.50 10.26
C GLU A 65 -5.16 0.97 10.56
N VAL A 66 -6.34 1.51 10.21
CA VAL A 66 -6.63 2.91 10.43
C VAL A 66 -7.99 3.04 11.13
N LYS A 67 -8.09 3.98 12.06
CA LYS A 67 -9.32 4.20 12.79
C LYS A 67 -10.26 5.06 11.97
N GLU A 68 -11.33 4.45 11.45
CA GLU A 68 -12.30 5.15 10.65
C GLU A 68 -13.39 5.75 11.53
N GLY A 69 -13.56 7.07 11.46
CA GLY A 69 -14.56 7.75 12.26
C GLY A 69 -14.37 7.42 13.74
N ASP A 70 -15.30 6.64 14.29
CA ASP A 70 -15.24 6.25 15.69
C ASP A 70 -14.96 4.76 15.79
N ALA A 71 -14.20 4.22 14.83
CA ALA A 71 -13.87 2.82 14.82
C ALA A 71 -12.50 2.61 14.17
N LYS A 72 -12.17 1.36 13.85
CA LYS A 72 -10.91 1.04 13.23
C LYS A 72 -11.02 -0.28 12.47
N LYS A 73 -10.36 -0.36 11.32
CA LYS A 73 -10.38 -1.55 10.50
C LYS A 73 -9.06 -1.73 9.79
N LEU A 74 -9.06 -2.46 8.67
CA LEU A 74 -7.85 -2.72 7.89
C LEU A 74 -7.93 -2.07 6.51
N TYR A 75 -6.76 -1.61 6.02
CA TYR A 75 -6.69 -0.97 4.72
C TYR A 75 -5.44 -1.44 3.98
N GLU A 76 -5.64 -2.06 2.82
CA GLU A 76 -4.54 -2.56 2.03
C GLU A 76 -3.99 -1.45 1.13
N ALA A 77 -2.98 -0.74 1.62
CA ALA A 77 -2.38 0.34 0.86
C ALA A 77 -1.46 -0.22 -0.22
N LYS A 78 -1.83 -0.01 -1.48
CA LYS A 78 -1.04 -0.51 -2.59
C LYS A 78 -0.38 0.66 -3.32
N VAL A 79 0.95 0.67 -3.35
CA VAL A 79 1.69 1.72 -4.00
C VAL A 79 2.51 1.15 -5.16
N TRP A 80 2.92 2.00 -6.09
CA TRP A 80 3.70 1.57 -7.22
C TRP A 80 4.94 2.44 -7.37
N GLU A 81 6.03 2.03 -6.73
CA GLU A 81 7.27 2.79 -6.79
C GLU A 81 8.09 2.33 -7.99
N LYS A 82 9.03 3.19 -8.43
CA LYS A 82 9.88 2.87 -9.55
C LYS A 82 11.20 3.61 -9.44
N PRO A 83 12.27 2.88 -9.13
CA PRO A 83 13.60 3.41 -8.97
C PRO A 83 14.17 3.78 -10.34
N TRP A 84 13.99 2.89 -11.32
CA TRP A 84 14.48 3.14 -12.66
C TRP A 84 14.16 4.56 -13.08
N MET A 85 13.21 5.18 -12.38
CA MET A 85 12.80 6.54 -12.69
C MET A 85 12.48 7.29 -11.41
N ASP A 86 12.73 6.65 -10.26
CA ASP A 86 12.46 7.26 -8.97
C ASP A 86 11.11 7.96 -9.01
N PHE A 87 10.03 7.18 -9.17
CA PHE A 87 8.70 7.74 -9.23
C PHE A 87 7.73 6.79 -8.53
N LYS A 88 6.82 7.36 -7.73
CA LYS A 88 5.84 6.57 -7.01
C LYS A 88 4.45 7.16 -7.20
N GLU A 89 3.42 6.31 -7.21
CA GLU A 89 2.07 6.76 -7.39
C GLU A 89 1.11 5.82 -6.63
N LEU A 90 0.32 6.39 -5.73
CA LEU A 90 -0.64 5.63 -4.93
C LEU A 90 -1.73 5.00 -5.80
N GLN A 91 -1.97 3.71 -5.61
CA GLN A 91 -2.98 2.99 -6.37
C GLN A 91 -4.28 2.95 -5.58
N GLU A 92 -4.19 2.65 -4.28
CA GLU A 92 -5.36 2.59 -3.44
C GLU A 92 -5.02 1.87 -2.13
N PHE A 93 -5.55 2.37 -1.02
CA PHE A 93 -5.30 1.78 0.28
C PHE A 93 -6.62 1.57 1.01
N LYS A 94 -7.21 0.38 0.85
CA LYS A 94 -8.47 0.06 1.49
C LYS A 94 -8.63 -1.46 1.55
N PRO A 95 -9.57 -1.92 2.39
CA PRO A 95 -9.88 -3.31 2.57
C PRO A 95 -10.61 -3.85 1.35
N VAL A 96 -10.75 -3.00 0.33
CA VAL A 96 -11.44 -3.39 -0.89
C VAL A 96 -12.83 -3.92 -0.56
N ASP A 97 -13.77 -3.02 -0.29
CA ASP A 97 -15.12 -3.40 0.04
C ASP A 97 -15.90 -3.69 -1.23
N ALA A 98 -15.91 -4.97 -1.63
CA ALA A 98 -16.61 -5.38 -2.84
C ALA A 98 -16.94 -6.86 -2.75
N SER A 99 -17.94 -7.30 -3.53
CA SER A 99 -18.34 -8.69 -3.55
C SER A 99 -18.94 -9.07 -2.19
N ALA A 100 -18.09 -9.24 -1.19
CA ALA A 100 -18.53 -9.60 0.14
C ALA A 100 -19.30 -10.91 0.10
N ASN A 101 -19.02 -11.74 -0.91
CA ASN A 101 -19.69 -13.02 -1.08
C ASN A 101 -21.19 -12.80 -1.21
N ALA A 102 -21.93 -13.89 -1.42
CA ALA A 102 -23.36 -13.82 -1.56
C ALA A 102 -23.99 -15.14 -1.15
N MET A 1 21.36 8.28 -3.62
CA MET A 1 22.20 7.36 -4.34
C MET A 1 21.62 7.08 -5.72
N SER A 2 22.23 6.15 -6.46
CA SER A 2 21.77 5.81 -7.78
C SER A 2 20.69 4.73 -7.68
N SER A 3 21.10 3.52 -7.29
CA SER A 3 20.17 2.41 -7.16
C SER A 3 20.91 1.18 -6.66
N ASP A 4 20.22 0.04 -6.64
CA ASP A 4 20.81 -1.21 -6.18
C ASP A 4 20.61 -2.28 -7.24
N GLY A 5 21.01 -3.52 -6.91
CA GLY A 5 20.87 -4.62 -7.83
C GLY A 5 20.07 -5.75 -7.20
N GLY A 6 19.96 -6.88 -7.90
CA GLY A 6 19.22 -8.02 -7.40
C GLY A 6 18.94 -9.01 -8.52
N PRO A 7 19.90 -9.90 -8.78
CA PRO A 7 19.80 -10.91 -9.82
C PRO A 7 18.81 -11.98 -9.39
N VAL A 8 17.91 -11.64 -8.47
CA VAL A 8 16.91 -12.57 -7.99
C VAL A 8 15.51 -12.06 -8.34
N LEU A 9 14.54 -12.96 -8.36
CA LEU A 9 13.16 -12.62 -8.70
C LEU A 9 12.36 -12.18 -7.46
N GLY A 10 11.98 -13.15 -6.63
CA GLY A 10 11.22 -12.88 -5.43
C GLY A 10 9.84 -12.37 -5.80
N GLY A 11 8.92 -13.30 -6.07
CA GLY A 11 7.56 -12.95 -6.43
C GLY A 11 6.83 -12.36 -5.22
N VAL A 12 5.52 -12.61 -5.15
CA VAL A 12 4.72 -12.11 -4.04
C VAL A 12 5.32 -12.55 -2.71
N GLU A 13 6.20 -11.72 -2.16
CA GLU A 13 6.85 -12.03 -0.89
C GLU A 13 6.28 -11.15 0.21
N PRO A 14 5.62 -11.77 1.19
CA PRO A 14 5.01 -11.10 2.32
C PRO A 14 6.10 -10.61 3.26
N VAL A 15 6.09 -9.31 3.56
CA VAL A 15 7.07 -8.72 4.45
C VAL A 15 6.37 -7.91 5.54
N GLY A 16 7.11 -7.02 6.20
CA GLY A 16 6.55 -6.19 7.25
C GLY A 16 7.66 -5.39 7.93
N ASN A 17 7.63 -5.37 9.26
CA ASN A 17 8.62 -4.64 10.02
C ASN A 17 8.58 -3.16 9.67
N GLU A 18 7.93 -2.37 10.51
CA GLU A 18 7.82 -0.94 10.28
C GLU A 18 9.19 -0.30 10.35
N ASN A 19 10.16 -1.00 10.92
CA ASN A 19 11.51 -0.50 11.05
C ASN A 19 11.97 0.09 9.72
N ASP A 20 11.32 -0.32 8.63
CA ASP A 20 11.66 0.16 7.30
C ASP A 20 10.85 1.41 6.99
N LEU A 21 11.38 2.57 7.37
CA LEU A 21 10.71 3.85 7.15
C LEU A 21 10.05 3.92 5.76
N HIS A 22 10.80 3.48 4.74
CA HIS A 22 10.32 3.48 3.36
C HIS A 22 8.96 2.77 3.28
N LEU A 23 8.86 1.55 3.78
CA LEU A 23 7.62 0.77 3.73
C LEU A 23 6.43 1.55 4.29
N VAL A 24 6.56 1.97 5.55
CA VAL A 24 5.51 2.72 6.22
C VAL A 24 5.16 3.96 5.41
N ASP A 25 6.19 4.63 4.88
CA ASP A 25 5.99 5.83 4.08
C ASP A 25 4.88 5.59 3.07
N LEU A 26 4.90 4.43 2.41
CA LEU A 26 3.90 4.09 1.40
C LEU A 26 2.48 4.08 1.98
N ALA A 27 2.30 3.31 3.07
CA ALA A 27 1.02 3.19 3.71
C ALA A 27 0.59 4.55 4.26
N ARG A 28 1.45 5.18 5.06
CA ARG A 28 1.17 6.47 5.65
C ARG A 28 0.90 7.48 4.55
N PHE A 29 1.55 7.29 3.39
CA PHE A 29 1.37 8.20 2.26
C PHE A 29 -0.05 8.10 1.74
N ALA A 30 -0.51 6.87 1.47
CA ALA A 30 -1.85 6.64 0.97
C ALA A 30 -2.85 7.45 1.79
N VAL A 31 -3.02 7.06 3.06
CA VAL A 31 -3.95 7.75 3.95
C VAL A 31 -3.87 9.25 3.72
N THR A 32 -2.64 9.79 3.69
CA THR A 32 -2.44 11.20 3.48
C THR A 32 -3.05 11.62 2.15
N GLU A 33 -2.49 11.11 1.05
CA GLU A 33 -2.99 11.43 -0.28
C GLU A 33 -4.52 11.41 -0.27
N HIS A 34 -5.10 10.32 0.20
CA HIS A 34 -6.56 10.17 0.27
C HIS A 34 -7.18 11.33 1.07
N ASN A 35 -6.66 11.59 2.27
CA ASN A 35 -7.19 12.66 3.10
C ASN A 35 -7.13 13.98 2.36
N LYS A 36 -6.07 14.18 1.56
CA LYS A 36 -5.90 15.40 0.81
C LYS A 36 -7.10 15.61 -0.11
N LYS A 37 -7.62 14.51 -0.68
CA LYS A 37 -8.75 14.58 -1.57
C LYS A 37 -10.04 14.43 -0.77
N ALA A 38 -10.27 13.25 -0.21
CA ALA A 38 -11.46 12.99 0.58
C ALA A 38 -11.46 13.87 1.83
N ASN A 39 -10.74 14.99 1.76
CA ASN A 39 -10.66 15.91 2.88
C ASN A 39 -10.48 15.13 4.18
N SER A 40 -9.87 13.95 4.08
CA SER A 40 -9.65 13.11 5.25
C SER A 40 -10.94 12.43 5.65
N LEU A 41 -10.82 11.25 6.27
CA LEU A 41 -11.99 10.47 6.70
C LEU A 41 -11.65 9.53 7.86
N LEU A 42 -10.36 9.25 8.03
CA LEU A 42 -9.88 8.36 9.07
C LEU A 42 -8.54 8.81 9.66
N GLU A 43 -7.99 8.00 10.57
CA GLU A 43 -6.72 8.31 11.19
C GLU A 43 -5.88 7.05 11.33
N PHE A 44 -4.85 6.93 10.50
CA PHE A 44 -3.99 5.77 10.53
C PHE A 44 -3.50 5.52 11.95
N GLU A 45 -3.52 4.25 12.38
CA GLU A 45 -3.09 3.89 13.71
C GLU A 45 -1.67 3.35 13.67
N LYS A 46 -1.43 2.38 12.78
CA LYS A 46 -0.12 1.78 12.65
C LYS A 46 -0.12 0.82 11.47
N LEU A 47 1.03 0.18 11.22
CA LEU A 47 1.18 -0.76 10.11
C LEU A 47 1.39 -2.19 10.60
N VAL A 48 0.81 -3.15 9.87
CA VAL A 48 0.93 -4.55 10.23
C VAL A 48 2.03 -5.21 9.40
N SER A 49 1.81 -5.33 8.09
CA SER A 49 2.79 -5.92 7.21
C SER A 49 2.68 -5.29 5.83
N VAL A 50 3.54 -5.73 4.90
CA VAL A 50 3.56 -5.21 3.55
C VAL A 50 4.22 -6.20 2.62
N LYS A 51 3.50 -6.61 1.56
CA LYS A 51 4.04 -7.56 0.60
C LYS A 51 4.74 -6.82 -0.52
N GLN A 52 5.30 -7.56 -1.47
CA GLN A 52 6.01 -6.97 -2.59
C GLN A 52 5.90 -7.88 -3.81
N GLN A 53 5.49 -7.30 -4.95
CA GLN A 53 5.34 -8.06 -6.17
C GLN A 53 6.23 -7.47 -7.26
N VAL A 54 6.52 -8.25 -8.29
CA VAL A 54 7.36 -7.81 -9.38
C VAL A 54 6.59 -7.92 -10.69
N VAL A 55 6.45 -6.78 -11.40
CA VAL A 55 5.74 -6.76 -12.66
C VAL A 55 6.26 -5.60 -13.52
N ALA A 56 5.37 -4.67 -13.85
CA ALA A 56 5.73 -3.52 -14.66
C ALA A 56 6.44 -2.48 -13.80
N GLY A 57 6.93 -2.91 -12.63
CA GLY A 57 7.62 -2.01 -11.73
C GLY A 57 7.81 -2.68 -10.38
N THR A 58 7.56 -1.93 -9.30
CA THR A 58 7.71 -2.47 -7.96
C THR A 58 6.43 -2.27 -7.17
N LEU A 59 5.67 -3.35 -6.96
CA LEU A 59 4.41 -3.29 -6.23
C LEU A 59 4.57 -3.76 -4.78
N TYR A 60 3.81 -3.14 -3.89
CA TYR A 60 3.86 -3.47 -2.47
C TYR A 60 2.45 -3.48 -1.90
N TYR A 61 2.08 -4.58 -1.24
CA TYR A 61 0.77 -4.71 -0.64
C TYR A 61 0.85 -4.43 0.86
N PHE A 62 0.64 -3.17 1.24
CA PHE A 62 0.69 -2.77 2.64
C PHE A 62 -0.62 -3.13 3.32
N THR A 63 -0.53 -3.69 4.53
CA THR A 63 -1.71 -4.08 5.29
C THR A 63 -1.69 -3.41 6.66
N ILE A 64 -2.09 -2.13 6.69
CA ILE A 64 -2.12 -1.38 7.93
C ILE A 64 -3.56 -1.23 8.41
N GLU A 65 -3.74 -0.62 9.58
CA GLU A 65 -5.07 -0.42 10.13
C GLU A 65 -5.25 1.04 10.52
N VAL A 66 -6.40 1.61 10.16
CA VAL A 66 -6.70 3.00 10.47
C VAL A 66 -8.07 3.09 11.13
N LYS A 67 -8.24 4.06 12.04
CA LYS A 67 -9.50 4.26 12.73
C LYS A 67 -10.39 5.18 11.92
N GLU A 68 -11.49 4.64 11.38
CA GLU A 68 -12.42 5.42 10.60
C GLU A 68 -13.57 5.90 11.48
N GLY A 69 -13.82 7.21 11.44
CA GLY A 69 -14.90 7.79 12.24
C GLY A 69 -14.79 7.32 13.69
N ASP A 70 -15.79 6.56 14.14
CA ASP A 70 -15.81 6.06 15.50
C ASP A 70 -15.49 4.57 15.50
N ALA A 71 -14.57 4.16 14.62
CA ALA A 71 -14.17 2.76 14.53
C ALA A 71 -12.78 2.67 13.92
N LYS A 72 -12.39 1.45 13.53
CA LYS A 72 -11.09 1.23 12.93
C LYS A 72 -11.05 -0.13 12.25
N LYS A 73 -10.39 -0.21 11.10
CA LYS A 73 -10.28 -1.45 10.36
C LYS A 73 -8.97 -1.49 9.59
N LEU A 74 -8.73 -2.58 8.87
CA LEU A 74 -7.50 -2.76 8.10
C LEU A 74 -7.69 -2.37 6.63
N TYR A 75 -6.69 -1.67 6.08
CA TYR A 75 -6.73 -1.23 4.69
C TYR A 75 -5.51 -1.72 3.95
N GLU A 76 -5.70 -2.19 2.71
CA GLU A 76 -4.60 -2.68 1.91
C GLU A 76 -4.03 -1.55 1.06
N ALA A 77 -2.95 -0.92 1.54
CA ALA A 77 -2.31 0.16 0.83
C ALA A 77 -1.40 -0.40 -0.25
N LYS A 78 -1.76 -0.17 -1.52
CA LYS A 78 -0.98 -0.64 -2.64
C LYS A 78 -0.29 0.52 -3.33
N VAL A 79 1.04 0.51 -3.37
CA VAL A 79 1.80 1.56 -4.01
C VAL A 79 2.67 0.97 -5.11
N TRP A 80 2.93 1.77 -6.16
CA TRP A 80 3.75 1.32 -7.26
C TRP A 80 4.87 2.32 -7.51
N GLU A 81 6.08 2.00 -7.03
CA GLU A 81 7.22 2.87 -7.19
C GLU A 81 8.23 2.21 -8.12
N LYS A 82 9.11 3.02 -8.73
CA LYS A 82 10.12 2.52 -9.63
C LYS A 82 11.48 3.10 -9.25
N PRO A 83 12.40 2.22 -8.87
CA PRO A 83 13.75 2.58 -8.48
C PRO A 83 14.56 2.98 -9.71
N TRP A 84 14.48 2.17 -10.76
CA TRP A 84 15.20 2.44 -11.99
C TRP A 84 14.99 3.90 -12.39
N MET A 85 13.97 4.54 -11.81
CA MET A 85 13.67 5.92 -12.11
C MET A 85 13.18 6.63 -10.85
N ASP A 86 13.38 6.00 -9.69
CA ASP A 86 12.94 6.56 -8.43
C ASP A 86 11.61 7.27 -8.61
N PHE A 87 10.52 6.50 -8.60
CA PHE A 87 9.19 7.05 -8.77
C PHE A 87 8.20 6.29 -7.89
N LYS A 88 6.99 6.84 -7.75
CA LYS A 88 5.97 6.21 -6.94
C LYS A 88 4.62 6.87 -7.21
N GLU A 89 3.54 6.11 -7.05
CA GLU A 89 2.20 6.62 -7.28
C GLU A 89 1.19 5.76 -6.53
N LEU A 90 0.45 6.37 -5.61
CA LEU A 90 -0.55 5.68 -4.82
C LEU A 90 -1.70 5.15 -5.68
N GLN A 91 -1.98 3.84 -5.54
CA GLN A 91 -3.04 3.21 -6.31
C GLN A 91 -4.30 3.10 -5.46
N GLU A 92 -4.12 2.85 -4.16
CA GLU A 92 -5.24 2.73 -3.25
C GLU A 92 -4.77 2.16 -1.92
N PHE A 93 -5.63 2.24 -0.90
CA PHE A 93 -5.30 1.72 0.42
C PHE A 93 -6.57 1.49 1.22
N LYS A 94 -7.22 0.34 1.00
CA LYS A 94 -8.44 0.01 1.69
C LYS A 94 -8.68 -1.49 1.62
N PRO A 95 -9.60 -1.99 2.45
CA PRO A 95 -9.95 -3.40 2.53
C PRO A 95 -10.77 -3.78 1.30
N VAL A 96 -10.93 -2.83 0.37
CA VAL A 96 -11.69 -3.07 -0.84
C VAL A 96 -13.10 -3.51 -0.49
N ASP A 97 -13.98 -2.55 -0.20
CA ASP A 97 -15.34 -2.85 0.15
C ASP A 97 -16.10 -3.34 -1.08
N ALA A 98 -16.85 -4.43 -0.93
CA ALA A 98 -17.61 -5.01 -2.02
C ALA A 98 -18.48 -6.14 -1.51
N SER A 99 -19.78 -6.10 -1.86
CA SER A 99 -20.71 -7.13 -1.43
C SER A 99 -21.04 -8.03 -2.61
N ALA A 100 -20.16 -8.07 -3.61
CA ALA A 100 -20.36 -8.90 -4.77
C ALA A 100 -19.03 -9.32 -5.35
N ASN A 101 -19.05 -9.94 -6.54
CA ASN A 101 -17.83 -10.39 -7.20
C ASN A 101 -18.12 -10.67 -8.67
N ALA A 102 -17.11 -10.45 -9.51
CA ALA A 102 -17.25 -10.69 -10.94
C ALA A 102 -18.24 -9.70 -11.52
N MET A 1 -13.86 -4.65 -26.68
CA MET A 1 -13.57 -3.23 -26.56
C MET A 1 -12.16 -3.04 -26.03
N SER A 2 -11.74 -1.78 -25.89
CA SER A 2 -10.41 -1.47 -25.39
C SER A 2 -10.13 -2.26 -24.12
N SER A 3 -9.10 -3.12 -24.17
CA SER A 3 -8.74 -3.93 -23.03
C SER A 3 -7.57 -4.84 -23.39
N ASP A 4 -7.07 -5.59 -22.41
CA ASP A 4 -5.96 -6.50 -22.64
C ASP A 4 -5.77 -7.39 -21.42
N GLY A 5 -5.02 -8.48 -21.57
CA GLY A 5 -4.76 -9.39 -20.49
C GLY A 5 -3.33 -9.89 -20.54
N GLY A 6 -2.81 -10.35 -19.39
CA GLY A 6 -1.44 -10.85 -19.33
C GLY A 6 -1.15 -11.34 -17.92
N PRO A 7 -1.16 -12.67 -17.74
CA PRO A 7 -0.89 -13.32 -16.47
C PRO A 7 0.58 -13.22 -16.14
N VAL A 8 0.90 -12.77 -14.92
CA VAL A 8 2.28 -12.62 -14.49
C VAL A 8 2.52 -13.46 -13.25
N LEU A 9 3.68 -14.13 -13.19
CA LEU A 9 4.03 -14.97 -12.06
C LEU A 9 4.84 -14.21 -11.00
N GLY A 10 6.09 -13.91 -11.32
CA GLY A 10 6.97 -13.20 -10.42
C GLY A 10 7.05 -13.93 -9.08
N GLY A 11 6.37 -13.41 -8.06
CA GLY A 11 6.38 -14.02 -6.75
C GLY A 11 5.97 -12.99 -5.69
N VAL A 12 5.16 -13.43 -4.73
CA VAL A 12 4.70 -12.55 -3.66
C VAL A 12 5.56 -12.76 -2.43
N GLU A 13 6.48 -11.82 -2.17
CA GLU A 13 7.35 -11.89 -1.02
C GLU A 13 6.75 -11.12 0.14
N PRO A 14 6.21 -11.85 1.13
CA PRO A 14 5.59 -11.29 2.31
C PRO A 14 6.67 -10.73 3.23
N VAL A 15 6.40 -9.57 3.83
CA VAL A 15 7.35 -8.93 4.73
C VAL A 15 6.60 -8.07 5.74
N GLY A 16 7.32 -7.15 6.39
CA GLY A 16 6.71 -6.28 7.38
C GLY A 16 7.79 -5.49 8.11
N ASN A 17 7.69 -5.41 9.43
CA ASN A 17 8.65 -4.69 10.24
C ASN A 17 8.67 -3.22 9.82
N GLU A 18 7.81 -2.41 10.45
CA GLU A 18 7.72 -0.99 10.14
C GLU A 18 9.10 -0.35 10.31
N ASN A 19 10.09 -1.15 10.73
CA ASN A 19 11.43 -0.66 10.93
C ASN A 19 11.96 -0.03 9.65
N ASP A 20 11.39 -0.45 8.51
CA ASP A 20 11.80 0.07 7.22
C ASP A 20 10.98 1.31 6.87
N LEU A 21 11.45 2.48 7.28
CA LEU A 21 10.75 3.74 7.02
C LEU A 21 10.13 3.78 5.62
N HIS A 22 10.93 3.38 4.63
CA HIS A 22 10.49 3.35 3.23
C HIS A 22 9.09 2.73 3.11
N LEU A 23 8.94 1.46 3.50
CA LEU A 23 7.67 0.76 3.41
C LEU A 23 6.53 1.56 4.06
N VAL A 24 6.71 1.88 5.34
CA VAL A 24 5.71 2.63 6.08
C VAL A 24 5.30 3.86 5.29
N ASP A 25 6.28 4.60 4.78
CA ASP A 25 6.02 5.79 4.01
C ASP A 25 4.88 5.52 3.01
N LEU A 26 4.94 4.39 2.34
CA LEU A 26 3.93 4.02 1.35
C LEU A 26 2.52 3.98 1.96
N ALA A 27 2.38 3.25 3.07
CA ALA A 27 1.11 3.12 3.74
C ALA A 27 0.67 4.48 4.27
N ARG A 28 1.53 5.11 5.08
CA ARG A 28 1.23 6.41 5.65
C ARG A 28 0.96 7.41 4.54
N PHE A 29 1.52 7.16 3.36
CA PHE A 29 1.34 8.04 2.23
C PHE A 29 -0.08 7.92 1.70
N ALA A 30 -0.54 6.68 1.53
CA ALA A 30 -1.89 6.43 1.04
C ALA A 30 -2.90 7.24 1.85
N VAL A 31 -3.06 6.88 3.13
CA VAL A 31 -3.98 7.57 4.00
C VAL A 31 -3.88 9.07 3.79
N THR A 32 -2.65 9.56 3.65
CA THR A 32 -2.42 10.98 3.44
C THR A 32 -3.03 11.42 2.12
N GLU A 33 -2.42 10.99 1.01
CA GLU A 33 -2.91 11.34 -0.31
C GLU A 33 -4.43 11.26 -0.34
N HIS A 34 -4.99 10.15 0.17
CA HIS A 34 -6.43 9.95 0.22
C HIS A 34 -7.10 11.07 1.05
N ASN A 35 -6.61 11.32 2.26
CA ASN A 35 -7.18 12.33 3.12
C ASN A 35 -7.08 13.69 2.45
N LYS A 36 -6.14 13.83 1.51
CA LYS A 36 -5.94 15.08 0.80
C LYS A 36 -7.15 15.36 -0.08
N LYS A 37 -7.52 14.40 -0.93
CA LYS A 37 -8.65 14.56 -1.82
C LYS A 37 -9.92 14.11 -1.11
N ALA A 38 -9.79 13.65 0.13
CA ALA A 38 -10.93 13.19 0.91
C ALA A 38 -11.07 14.06 2.16
N ASN A 39 -10.43 15.23 2.15
CA ASN A 39 -10.51 16.13 3.29
C ASN A 39 -10.38 15.35 4.59
N SER A 40 -9.77 14.17 4.51
CA SER A 40 -9.58 13.34 5.69
C SER A 40 -10.91 12.71 6.08
N LEU A 41 -10.84 11.54 6.73
CA LEU A 41 -12.04 10.82 7.16
C LEU A 41 -11.74 9.81 8.28
N LEU A 42 -10.45 9.60 8.53
CA LEU A 42 -10.00 8.66 9.56
C LEU A 42 -8.70 9.11 10.22
N GLU A 43 -8.17 8.26 11.11
CA GLU A 43 -6.93 8.57 11.81
C GLU A 43 -6.03 7.34 11.83
N PHE A 44 -5.07 7.30 10.91
CA PHE A 44 -4.14 6.19 10.81
C PHE A 44 -3.47 5.97 12.17
N GLU A 45 -3.49 4.72 12.65
CA GLU A 45 -2.88 4.38 13.92
C GLU A 45 -1.55 3.70 13.69
N LYS A 46 -1.52 2.69 12.81
CA LYS A 46 -0.31 1.96 12.51
C LYS A 46 -0.58 0.92 11.43
N LEU A 47 0.38 0.04 11.19
CA LEU A 47 0.26 -0.99 10.16
C LEU A 47 0.52 -2.39 10.73
N VAL A 48 0.30 -3.41 9.90
CA VAL A 48 0.50 -4.78 10.30
C VAL A 48 1.70 -5.37 9.56
N SER A 49 1.63 -5.36 8.22
CA SER A 49 2.71 -5.87 7.40
C SER A 49 2.60 -5.30 5.99
N VAL A 50 3.41 -5.84 5.07
CA VAL A 50 3.42 -5.38 3.69
C VAL A 50 4.01 -6.46 2.80
N LYS A 51 3.66 -6.43 1.52
CA LYS A 51 4.16 -7.39 0.56
C LYS A 51 4.84 -6.68 -0.60
N GLN A 52 5.50 -7.45 -1.47
CA GLN A 52 6.19 -6.88 -2.61
C GLN A 52 6.01 -7.78 -3.82
N GLN A 53 5.52 -7.20 -4.93
CA GLN A 53 5.29 -7.95 -6.15
C GLN A 53 6.10 -7.33 -7.29
N VAL A 54 6.45 -8.15 -8.28
CA VAL A 54 7.22 -7.69 -9.42
C VAL A 54 6.38 -7.80 -10.68
N VAL A 55 6.25 -6.69 -11.41
CA VAL A 55 5.48 -6.68 -12.64
C VAL A 55 5.97 -5.55 -13.55
N ALA A 56 5.09 -4.60 -13.86
CA ALA A 56 5.43 -3.49 -14.72
C ALA A 56 6.18 -2.44 -13.91
N GLY A 57 6.67 -2.84 -12.74
CA GLY A 57 7.41 -1.93 -11.88
C GLY A 57 7.66 -2.57 -10.52
N THR A 58 7.37 -1.83 -9.44
CA THR A 58 7.57 -2.33 -8.10
C THR A 58 6.30 -2.14 -7.28
N LEU A 59 5.56 -3.23 -7.06
CA LEU A 59 4.31 -3.19 -6.31
C LEU A 59 4.50 -3.65 -4.86
N TYR A 60 3.73 -3.04 -3.95
CA TYR A 60 3.81 -3.38 -2.55
C TYR A 60 2.42 -3.36 -1.93
N TYR A 61 2.04 -4.46 -1.26
CA TYR A 61 0.74 -4.56 -0.63
C TYR A 61 0.87 -4.30 0.87
N PHE A 62 0.52 -3.08 1.29
CA PHE A 62 0.59 -2.71 2.69
C PHE A 62 -0.72 -3.04 3.39
N THR A 63 -0.64 -3.77 4.49
CA THR A 63 -1.83 -4.15 5.24
C THR A 63 -1.81 -3.48 6.61
N ILE A 64 -2.14 -2.18 6.65
CA ILE A 64 -2.16 -1.44 7.89
C ILE A 64 -3.58 -1.31 8.39
N GLU A 65 -3.76 -0.68 9.55
CA GLU A 65 -5.08 -0.50 10.13
C GLU A 65 -5.24 0.93 10.62
N VAL A 66 -6.42 1.51 10.39
CA VAL A 66 -6.71 2.88 10.80
C VAL A 66 -8.09 2.95 11.40
N LYS A 67 -8.28 3.85 12.37
CA LYS A 67 -9.56 4.02 13.02
C LYS A 67 -10.36 5.11 12.32
N GLU A 68 -11.49 4.72 11.71
CA GLU A 68 -12.34 5.66 11.01
C GLU A 68 -13.50 6.07 11.90
N GLY A 69 -13.73 7.38 12.02
CA GLY A 69 -14.80 7.90 12.84
C GLY A 69 -14.79 7.23 14.21
N ASP A 70 -15.85 6.50 14.53
CA ASP A 70 -15.96 5.81 15.80
C ASP A 70 -15.72 4.33 15.62
N ALA A 71 -14.75 3.98 14.76
CA ALA A 71 -14.43 2.60 14.50
C ALA A 71 -13.03 2.49 13.91
N LYS A 72 -12.70 1.32 13.38
CA LYS A 72 -11.38 1.10 12.79
C LYS A 72 -11.41 -0.14 11.91
N LYS A 73 -10.63 -0.13 10.83
CA LYS A 73 -10.57 -1.25 9.92
C LYS A 73 -9.29 -1.17 9.09
N LEU A 74 -8.72 -2.33 8.76
CA LEU A 74 -7.49 -2.40 7.98
C LEU A 74 -7.63 -1.73 6.62
N TYR A 75 -6.50 -1.49 5.96
CA TYR A 75 -6.49 -0.85 4.66
C TYR A 75 -5.32 -1.37 3.83
N GLU A 76 -5.62 -2.06 2.72
CA GLU A 76 -4.60 -2.60 1.86
C GLU A 76 -4.04 -1.50 0.96
N ALA A 77 -3.06 -0.76 1.47
CA ALA A 77 -2.45 0.31 0.72
C ALA A 77 -1.49 -0.26 -0.32
N LYS A 78 -1.79 -0.04 -1.60
CA LYS A 78 -0.96 -0.54 -2.68
C LYS A 78 -0.25 0.62 -3.37
N VAL A 79 1.08 0.56 -3.41
CA VAL A 79 1.87 1.61 -4.04
C VAL A 79 2.65 1.03 -5.21
N TRP A 80 3.01 1.87 -6.18
CA TRP A 80 3.76 1.44 -7.34
C TRP A 80 4.90 2.41 -7.61
N GLU A 81 6.10 2.06 -7.13
CA GLU A 81 7.27 2.90 -7.33
C GLU A 81 8.23 2.23 -8.29
N LYS A 82 9.23 2.99 -8.77
CA LYS A 82 10.20 2.47 -9.70
C LYS A 82 11.55 3.13 -9.45
N PRO A 83 12.54 2.34 -9.05
CA PRO A 83 13.89 2.79 -8.77
C PRO A 83 14.59 3.12 -10.08
N TRP A 84 14.48 2.23 -11.06
CA TRP A 84 15.11 2.45 -12.35
C TRP A 84 14.85 3.86 -12.83
N MET A 85 13.88 4.54 -12.20
CA MET A 85 13.54 5.90 -12.57
C MET A 85 13.13 6.68 -11.33
N ASP A 86 13.31 6.08 -10.16
CA ASP A 86 12.96 6.72 -8.91
C ASP A 86 11.60 7.39 -9.04
N PHE A 87 10.53 6.61 -8.87
CA PHE A 87 9.17 7.13 -8.97
C PHE A 87 8.26 6.34 -8.05
N LYS A 88 7.02 6.83 -7.88
CA LYS A 88 6.05 6.17 -7.03
C LYS A 88 4.72 6.91 -7.09
N GLU A 89 3.62 6.18 -6.94
CA GLU A 89 2.30 6.77 -6.98
C GLU A 89 1.30 5.85 -6.31
N LEU A 90 0.51 6.39 -5.38
CA LEU A 90 -0.49 5.61 -4.65
C LEU A 90 -1.55 5.01 -5.60
N GLN A 91 -1.76 3.70 -5.48
CA GLN A 91 -2.73 3.01 -6.31
C GLN A 91 -4.08 2.97 -5.61
N GLU A 92 -4.06 2.63 -4.31
CA GLU A 92 -5.28 2.56 -3.53
C GLU A 92 -5.03 1.79 -2.24
N PHE A 93 -5.59 2.29 -1.13
CA PHE A 93 -5.42 1.65 0.15
C PHE A 93 -6.78 1.45 0.82
N LYS A 94 -7.26 0.20 0.84
CA LYS A 94 -8.54 -0.11 1.45
C LYS A 94 -8.61 -1.59 1.78
N PRO A 95 -9.55 -1.97 2.64
CA PRO A 95 -9.77 -3.33 3.06
C PRO A 95 -10.39 -4.14 1.93
N VAL A 96 -10.55 -3.49 0.77
CA VAL A 96 -11.13 -4.15 -0.39
C VAL A 96 -12.50 -4.73 -0.03
N ASP A 97 -13.55 -3.93 -0.22
CA ASP A 97 -14.90 -4.37 0.10
C ASP A 97 -15.63 -4.72 -1.19
N ALA A 98 -15.74 -6.02 -1.48
CA ALA A 98 -16.42 -6.49 -2.68
C ALA A 98 -16.49 -8.01 -2.67
N SER A 99 -15.37 -8.66 -2.34
CA SER A 99 -15.31 -10.10 -2.30
C SER A 99 -15.44 -10.66 -3.71
N ALA A 100 -15.07 -9.86 -4.70
CA ALA A 100 -15.13 -10.28 -6.09
C ALA A 100 -13.73 -10.59 -6.61
N ASN A 101 -13.61 -11.68 -7.38
CA ASN A 101 -12.32 -12.08 -7.93
C ASN A 101 -12.22 -11.63 -9.38
N ALA A 102 -11.33 -10.66 -9.63
CA ALA A 102 -11.14 -10.15 -10.97
C ALA A 102 -10.12 -9.01 -10.93
N MET A 1 30.55 -1.37 10.04
CA MET A 1 31.42 -0.85 9.00
C MET A 1 30.59 -0.19 7.91
N SER A 2 29.44 -0.79 7.58
CA SER A 2 28.56 -0.26 6.56
C SER A 2 27.36 -1.17 6.40
N SER A 3 27.60 -2.44 6.06
CA SER A 3 26.54 -3.40 5.89
C SER A 3 25.69 -3.02 4.68
N ASP A 4 25.89 -3.71 3.55
CA ASP A 4 25.16 -3.43 2.34
C ASP A 4 25.21 -4.64 1.42
N GLY A 5 24.66 -4.50 0.21
CA GLY A 5 24.65 -5.58 -0.76
C GLY A 5 24.14 -5.09 -2.09
N GLY A 6 23.36 -5.92 -2.78
CA GLY A 6 22.81 -5.57 -4.07
C GLY A 6 21.33 -5.93 -4.13
N PRO A 7 20.72 -5.76 -5.32
CA PRO A 7 19.33 -6.06 -5.57
C PRO A 7 19.12 -7.57 -5.58
N VAL A 8 17.99 -8.01 -5.04
CA VAL A 8 17.67 -9.43 -4.99
C VAL A 8 16.33 -9.69 -5.67
N LEU A 9 16.28 -10.71 -6.52
CA LEU A 9 15.06 -11.05 -7.25
C LEU A 9 14.01 -11.69 -6.35
N GLY A 10 12.77 -11.76 -6.85
CA GLY A 10 11.68 -12.34 -6.09
C GLY A 10 10.34 -11.91 -6.67
N GLY A 11 9.25 -12.42 -6.11
CA GLY A 11 7.92 -12.08 -6.57
C GLY A 11 6.88 -12.43 -5.51
N VAL A 12 5.92 -11.53 -5.30
CA VAL A 12 4.88 -11.74 -4.32
C VAL A 12 5.47 -12.34 -3.05
N GLU A 13 6.03 -11.49 -2.19
CA GLU A 13 6.63 -11.94 -0.95
C GLU A 13 6.06 -11.14 0.21
N PRO A 14 5.48 -11.84 1.20
CA PRO A 14 4.89 -11.25 2.37
C PRO A 14 5.99 -10.76 3.31
N VAL A 15 5.98 -9.46 3.61
CA VAL A 15 6.98 -8.87 4.48
C VAL A 15 6.30 -8.02 5.54
N GLY A 16 7.06 -7.11 6.16
CA GLY A 16 6.52 -6.23 7.17
C GLY A 16 7.64 -5.43 7.82
N ASN A 17 7.65 -5.39 9.16
CA ASN A 17 8.66 -4.65 9.89
C ASN A 17 8.63 -3.18 9.51
N GLU A 18 7.96 -2.36 10.33
CA GLU A 18 7.87 -0.94 10.07
C GLU A 18 9.23 -0.28 10.22
N ASN A 19 10.17 -0.99 10.86
CA ASN A 19 11.50 -0.47 11.06
C ASN A 19 12.05 0.10 9.77
N ASP A 20 11.48 -0.33 8.64
CA ASP A 20 11.90 0.13 7.34
C ASP A 20 11.09 1.36 6.94
N LEU A 21 11.59 2.54 7.28
CA LEU A 21 10.91 3.80 6.97
C LEU A 21 10.28 3.78 5.58
N HIS A 22 11.05 3.33 4.59
CA HIS A 22 10.59 3.25 3.21
C HIS A 22 9.18 2.64 3.15
N LEU A 23 9.02 1.41 3.61
CA LEU A 23 7.73 0.72 3.59
C LEU A 23 6.61 1.56 4.22
N VAL A 24 6.83 1.95 5.48
CA VAL A 24 5.86 2.75 6.20
C VAL A 24 5.47 3.97 5.37
N ASP A 25 6.47 4.66 4.82
CA ASP A 25 6.23 5.83 4.01
C ASP A 25 5.06 5.58 3.06
N LEU A 26 5.07 4.43 2.39
CA LEU A 26 4.02 4.06 1.45
C LEU A 26 2.64 4.06 2.10
N ALA A 27 2.52 3.34 3.23
CA ALA A 27 1.27 3.26 3.94
C ALA A 27 0.86 4.63 4.45
N ARG A 28 1.74 5.27 5.23
CA ARG A 28 1.47 6.58 5.76
C ARG A 28 1.12 7.54 4.64
N PHE A 29 1.69 7.32 3.46
CA PHE A 29 1.44 8.16 2.31
C PHE A 29 0.00 7.96 1.83
N ALA A 30 -0.43 6.71 1.78
CA ALA A 30 -1.77 6.38 1.33
C ALA A 30 -2.78 7.25 2.07
N VAL A 31 -2.92 7.02 3.37
CA VAL A 31 -3.86 7.77 4.18
C VAL A 31 -3.75 9.25 3.85
N THR A 32 -2.51 9.74 3.72
CA THR A 32 -2.28 11.14 3.40
C THR A 32 -2.95 11.49 2.08
N GLU A 33 -2.47 10.89 0.99
CA GLU A 33 -3.02 11.14 -0.33
C GLU A 33 -4.53 11.18 -0.25
N HIS A 34 -5.13 10.14 0.35
CA HIS A 34 -6.58 10.05 0.50
C HIS A 34 -7.12 11.29 1.24
N ASN A 35 -6.56 11.61 2.40
CA ASN A 35 -7.00 12.75 3.19
C ASN A 35 -6.89 14.02 2.36
N LYS A 36 -5.87 14.08 1.50
CA LYS A 36 -5.66 15.24 0.65
C LYS A 36 -6.89 15.49 -0.20
N LYS A 37 -7.48 14.41 -0.73
CA LYS A 37 -8.66 14.53 -1.56
C LYS A 37 -9.91 14.45 -0.70
N ALA A 38 -10.16 13.27 -0.11
CA ALA A 38 -11.31 13.08 0.75
C ALA A 38 -11.23 13.99 1.96
N ASN A 39 -10.42 15.05 1.86
CA ASN A 39 -10.25 15.98 2.95
C ASN A 39 -10.15 15.24 4.27
N SER A 40 -9.59 14.02 4.23
CA SER A 40 -9.43 13.21 5.42
C SER A 40 -10.76 12.59 5.80
N LEU A 41 -10.72 11.42 6.43
CA LEU A 41 -11.93 10.70 6.84
C LEU A 41 -11.64 9.68 7.95
N LEU A 42 -10.40 9.20 7.98
CA LEU A 42 -9.98 8.20 8.97
C LEU A 42 -8.83 8.71 9.84
N GLU A 43 -8.31 7.83 10.70
CA GLU A 43 -7.22 8.19 11.59
C GLU A 43 -6.23 7.04 11.67
N PHE A 44 -5.28 7.01 10.74
CA PHE A 44 -4.27 5.97 10.70
C PHE A 44 -3.77 5.69 12.11
N GLU A 45 -3.72 4.41 12.50
CA GLU A 45 -3.26 4.03 13.82
C GLU A 45 -1.82 3.55 13.74
N LYS A 46 -1.55 2.63 12.81
CA LYS A 46 -0.22 2.09 12.64
C LYS A 46 -0.19 1.11 11.47
N LEU A 47 0.94 0.42 11.29
CA LEU A 47 1.10 -0.54 10.20
C LEU A 47 1.34 -1.96 10.73
N VAL A 48 0.81 -2.95 10.00
CA VAL A 48 0.95 -4.34 10.38
C VAL A 48 2.07 -4.97 9.58
N SER A 49 1.89 -5.08 8.26
CA SER A 49 2.88 -5.67 7.38
C SER A 49 2.68 -5.17 5.96
N VAL A 50 3.51 -5.64 5.03
CA VAL A 50 3.41 -5.26 3.64
C VAL A 50 4.11 -6.28 2.77
N LYS A 51 3.57 -6.53 1.58
CA LYS A 51 4.15 -7.49 0.66
C LYS A 51 4.83 -6.75 -0.49
N GLN A 52 5.29 -7.51 -1.49
CA GLN A 52 5.96 -6.93 -2.64
C GLN A 52 5.77 -7.82 -3.85
N GLN A 53 5.31 -7.23 -4.96
CA GLN A 53 5.09 -7.97 -6.19
C GLN A 53 5.93 -7.39 -7.31
N VAL A 54 6.21 -8.21 -8.33
CA VAL A 54 7.00 -7.76 -9.46
C VAL A 54 6.17 -7.85 -10.73
N VAL A 55 6.05 -6.72 -11.45
CA VAL A 55 5.29 -6.69 -12.68
C VAL A 55 5.81 -5.56 -13.56
N ALA A 56 4.93 -4.59 -13.87
CA ALA A 56 5.30 -3.47 -14.70
C ALA A 56 6.07 -2.44 -13.88
N GLY A 57 6.58 -2.87 -12.72
CA GLY A 57 7.33 -1.99 -11.85
C GLY A 57 7.56 -2.65 -10.50
N THR A 58 7.32 -1.90 -9.42
CA THR A 58 7.50 -2.42 -8.08
C THR A 58 6.24 -2.20 -7.26
N LEU A 59 5.47 -3.27 -7.04
CA LEU A 59 4.23 -3.19 -6.27
C LEU A 59 4.41 -3.67 -4.83
N TYR A 60 3.69 -3.02 -3.91
CA TYR A 60 3.77 -3.35 -2.50
C TYR A 60 2.37 -3.35 -1.89
N TYR A 61 2.01 -4.47 -1.24
CA TYR A 61 0.70 -4.58 -0.62
C TYR A 61 0.82 -4.33 0.87
N PHE A 62 0.61 -3.07 1.29
CA PHE A 62 0.70 -2.70 2.68
C PHE A 62 -0.61 -3.04 3.39
N THR A 63 -0.52 -3.60 4.59
CA THR A 63 -1.70 -3.96 5.36
C THR A 63 -1.67 -3.26 6.71
N ILE A 64 -2.10 -1.99 6.72
CA ILE A 64 -2.13 -1.21 7.94
C ILE A 64 -3.54 -1.18 8.50
N GLU A 65 -3.72 -0.53 9.65
CA GLU A 65 -5.03 -0.43 10.27
C GLU A 65 -5.30 1.01 10.67
N VAL A 66 -6.48 1.52 10.31
CA VAL A 66 -6.87 2.88 10.63
C VAL A 66 -8.31 2.91 11.11
N LYS A 67 -8.62 3.84 12.01
CA LYS A 67 -9.96 3.97 12.54
C LYS A 67 -10.74 5.01 11.74
N GLU A 68 -11.62 4.55 10.86
CA GLU A 68 -12.43 5.45 10.05
C GLU A 68 -13.61 5.96 10.85
N GLY A 69 -13.68 7.27 11.07
CA GLY A 69 -14.76 7.87 11.82
C GLY A 69 -14.92 7.18 13.16
N ASP A 70 -15.96 6.37 13.29
CA ASP A 70 -16.23 5.66 14.54
C ASP A 70 -16.04 4.16 14.32
N ALA A 71 -15.08 3.80 13.46
CA ALA A 71 -14.81 2.40 13.16
C ALA A 71 -13.30 2.18 13.09
N LYS A 72 -12.88 0.91 13.11
CA LYS A 72 -11.48 0.57 13.04
C LYS A 72 -11.30 -0.75 12.30
N LYS A 73 -10.38 -0.77 11.33
CA LYS A 73 -10.12 -1.97 10.56
C LYS A 73 -8.75 -1.88 9.90
N LEU A 74 -8.56 -2.61 8.81
CA LEU A 74 -7.28 -2.62 8.10
C LEU A 74 -7.47 -2.39 6.59
N TYR A 75 -6.64 -1.50 6.03
CA TYR A 75 -6.71 -1.17 4.63
C TYR A 75 -5.47 -1.70 3.91
N GLU A 76 -5.65 -2.11 2.65
CA GLU A 76 -4.55 -2.64 1.87
C GLU A 76 -3.95 -1.54 1.01
N ALA A 77 -2.95 -0.84 1.54
CA ALA A 77 -2.31 0.23 0.82
C ALA A 77 -1.39 -0.34 -0.26
N LYS A 78 -1.78 -0.20 -1.53
CA LYS A 78 -1.00 -0.70 -2.63
C LYS A 78 -0.32 0.45 -3.36
N VAL A 79 1.01 0.51 -3.29
CA VAL A 79 1.77 1.55 -3.93
C VAL A 79 2.58 0.97 -5.09
N TRP A 80 2.98 1.82 -6.03
CA TRP A 80 3.76 1.39 -7.17
C TRP A 80 5.00 2.25 -7.31
N GLU A 81 6.10 1.83 -6.69
CA GLU A 81 7.35 2.56 -6.75
C GLU A 81 8.17 2.09 -7.95
N LYS A 82 9.10 2.93 -8.40
CA LYS A 82 9.95 2.60 -9.53
C LYS A 82 11.28 3.32 -9.41
N PRO A 83 12.34 2.57 -9.13
CA PRO A 83 13.69 3.08 -8.98
C PRO A 83 14.24 3.49 -10.34
N TRP A 84 14.04 2.62 -11.34
CA TRP A 84 14.52 2.89 -12.68
C TRP A 84 14.19 4.32 -13.07
N MET A 85 13.26 4.94 -12.34
CA MET A 85 12.86 6.30 -12.62
C MET A 85 12.58 7.04 -11.32
N ASP A 86 12.84 6.36 -10.19
CA ASP A 86 12.62 6.95 -8.88
C ASP A 86 11.30 7.70 -8.87
N PHE A 87 10.21 6.99 -9.16
CA PHE A 87 8.89 7.59 -9.18
C PHE A 87 7.89 6.66 -8.52
N LYS A 88 7.03 7.21 -7.65
CA LYS A 88 6.04 6.42 -6.96
C LYS A 88 4.66 7.03 -7.18
N GLU A 89 3.63 6.18 -7.17
CA GLU A 89 2.26 6.65 -7.38
C GLU A 89 1.30 5.73 -6.64
N LEU A 90 0.46 6.32 -5.78
CA LEU A 90 -0.52 5.56 -5.00
C LEU A 90 -1.59 4.93 -5.87
N GLN A 91 -1.82 3.64 -5.68
CA GLN A 91 -2.81 2.90 -6.45
C GLN A 91 -4.12 2.86 -5.68
N GLU A 92 -4.05 2.55 -4.39
CA GLU A 92 -5.24 2.48 -3.55
C GLU A 92 -4.92 1.75 -2.25
N PHE A 93 -5.42 2.28 -1.14
CA PHE A 93 -5.18 1.69 0.16
C PHE A 93 -6.51 1.45 0.87
N LYS A 94 -7.09 0.27 0.67
CA LYS A 94 -8.36 -0.07 1.29
C LYS A 94 -8.53 -1.58 1.30
N PRO A 95 -9.40 -2.07 2.19
CA PRO A 95 -9.70 -3.48 2.34
C PRO A 95 -10.54 -3.96 1.15
N VAL A 96 -10.78 -3.06 0.19
CA VAL A 96 -11.56 -3.38 -0.98
C VAL A 96 -12.86 -4.06 -0.56
N ASP A 97 -13.89 -3.26 -0.29
CA ASP A 97 -15.18 -3.78 0.11
C ASP A 97 -15.90 -4.35 -1.10
N ALA A 98 -16.52 -5.52 -0.94
CA ALA A 98 -17.25 -6.16 -2.01
C ALA A 98 -18.58 -5.46 -2.23
N SER A 99 -18.73 -4.82 -3.39
CA SER A 99 -19.96 -4.12 -3.72
C SER A 99 -20.29 -4.30 -5.19
N ALA A 100 -19.82 -5.41 -5.78
CA ALA A 100 -20.07 -5.70 -7.17
C ALA A 100 -21.12 -6.79 -7.29
N ASN A 101 -21.38 -7.22 -8.52
CA ASN A 101 -22.37 -8.27 -8.77
C ASN A 101 -21.91 -9.16 -9.91
N ALA A 102 -22.66 -10.24 -10.17
CA ALA A 102 -22.32 -11.16 -11.24
C ALA A 102 -23.27 -10.95 -12.41
N MET A 1 36.89 8.38 -6.36
CA MET A 1 36.11 7.16 -6.45
C MET A 1 34.63 7.47 -6.32
N SER A 2 34.30 8.51 -5.56
CA SER A 2 32.93 8.91 -5.36
C SER A 2 32.10 7.72 -4.87
N SER A 3 30.78 7.92 -4.77
CA SER A 3 29.90 6.86 -4.32
C SER A 3 28.90 6.52 -5.41
N ASP A 4 28.99 5.32 -5.97
CA ASP A 4 28.09 4.89 -7.03
C ASP A 4 28.05 3.37 -7.06
N GLY A 5 26.89 2.79 -6.74
CA GLY A 5 26.72 1.35 -6.74
C GLY A 5 25.61 0.95 -5.79
N GLY A 6 24.76 0.01 -6.23
CA GLY A 6 23.64 -0.45 -5.42
C GLY A 6 23.28 -1.87 -5.80
N PRO A 7 23.10 -2.74 -4.80
CA PRO A 7 22.74 -4.13 -4.97
C PRO A 7 21.29 -4.24 -5.42
N VAL A 8 21.08 -4.79 -6.61
CA VAL A 8 19.74 -4.95 -7.15
C VAL A 8 18.94 -5.91 -6.27
N LEU A 9 17.76 -5.49 -5.84
CA LEU A 9 16.90 -6.31 -4.98
C LEU A 9 15.42 -6.16 -5.34
N GLY A 10 14.91 -7.09 -6.16
CA GLY A 10 13.54 -7.06 -6.58
C GLY A 10 12.99 -8.48 -6.69
N GLY A 11 11.73 -8.66 -6.27
CA GLY A 11 11.09 -9.96 -6.33
C GLY A 11 9.69 -9.89 -5.75
N VAL A 12 9.13 -11.05 -5.39
CA VAL A 12 7.79 -11.11 -4.82
C VAL A 12 7.81 -11.96 -3.57
N GLU A 13 7.43 -11.36 -2.43
CA GLU A 13 7.41 -12.06 -1.17
C GLU A 13 6.82 -11.16 -0.09
N PRO A 14 6.23 -11.78 0.95
CA PRO A 14 5.63 -11.09 2.07
C PRO A 14 6.71 -10.49 2.94
N VAL A 15 6.36 -9.48 3.74
CA VAL A 15 7.30 -8.83 4.62
C VAL A 15 6.56 -7.91 5.57
N GLY A 16 7.30 -6.99 6.21
CA GLY A 16 6.71 -6.05 7.15
C GLY A 16 7.71 -5.67 8.23
N ASN A 17 7.92 -4.37 8.42
CA ASN A 17 8.84 -3.90 9.43
C ASN A 17 8.84 -2.38 9.45
N GLU A 18 7.94 -1.79 10.26
CA GLU A 18 7.84 -0.35 10.36
C GLU A 18 9.23 0.27 10.43
N ASN A 19 10.18 -0.48 11.01
CA ASN A 19 11.54 0.00 11.15
C ASN A 19 12.05 0.51 9.80
N ASP A 20 11.47 -0.01 8.72
CA ASP A 20 11.85 0.39 7.38
C ASP A 20 11.03 1.59 6.93
N LEU A 21 11.49 2.79 7.28
CA LEU A 21 10.78 4.02 6.92
C LEU A 21 10.20 3.96 5.51
N HIS A 22 10.93 3.32 4.60
CA HIS A 22 10.51 3.17 3.21
C HIS A 22 9.10 2.55 3.13
N LEU A 23 8.94 1.32 3.64
CA LEU A 23 7.66 0.63 3.60
C LEU A 23 6.52 1.48 4.19
N VAL A 24 6.73 1.93 5.43
CA VAL A 24 5.75 2.73 6.12
C VAL A 24 5.36 3.94 5.27
N ASP A 25 6.37 4.62 4.71
CA ASP A 25 6.14 5.78 3.87
C ASP A 25 4.99 5.49 2.90
N LEU A 26 5.02 4.31 2.29
CA LEU A 26 3.99 3.91 1.33
C LEU A 26 2.59 3.92 1.95
N ALA A 27 2.46 3.23 3.09
CA ALA A 27 1.19 3.14 3.80
C ALA A 27 0.78 4.53 4.28
N ARG A 28 1.67 5.20 5.01
CA ARG A 28 1.39 6.52 5.54
C ARG A 28 1.12 7.49 4.39
N PHE A 29 1.65 7.16 3.20
CA PHE A 29 1.47 8.00 2.04
C PHE A 29 0.03 7.89 1.54
N ALA A 30 -0.46 6.66 1.41
CA ALA A 30 -1.82 6.43 0.95
C ALA A 30 -2.79 7.25 1.78
N VAL A 31 -2.92 6.92 3.06
CA VAL A 31 -3.82 7.63 3.95
C VAL A 31 -3.69 9.13 3.73
N THR A 32 -2.46 9.60 3.51
CA THR A 32 -2.22 11.00 3.28
C THR A 32 -2.85 11.44 1.97
N GLU A 33 -2.29 10.96 0.85
CA GLU A 33 -2.80 11.30 -0.46
C GLU A 33 -4.33 11.27 -0.45
N HIS A 34 -4.90 10.19 0.10
CA HIS A 34 -6.35 10.04 0.20
C HIS A 34 -6.96 11.20 0.99
N ASN A 35 -6.47 11.44 2.21
CA ASN A 35 -6.99 12.51 3.04
C ASN A 35 -6.75 13.86 2.38
N LYS A 36 -5.85 13.88 1.39
CA LYS A 36 -5.54 15.10 0.68
C LYS A 36 -6.68 15.47 -0.26
N LYS A 37 -7.10 14.51 -1.10
CA LYS A 37 -8.17 14.73 -2.04
C LYS A 37 -9.51 14.37 -1.39
N ALA A 38 -9.46 13.93 -0.13
CA ALA A 38 -10.65 13.54 0.59
C ALA A 38 -10.77 14.35 1.87
N ASN A 39 -9.98 15.43 1.97
CA ASN A 39 -10.00 16.29 3.14
C ASN A 39 -10.05 15.44 4.40
N SER A 40 -9.23 14.38 4.44
CA SER A 40 -9.17 13.50 5.58
C SER A 40 -10.50 12.76 5.74
N LEU A 41 -10.44 11.54 6.26
CA LEU A 41 -11.64 10.71 6.44
C LEU A 41 -11.42 9.60 7.47
N LEU A 42 -10.15 9.42 7.86
CA LEU A 42 -9.78 8.38 8.82
C LEU A 42 -8.65 8.83 9.74
N GLU A 43 -8.21 7.93 10.62
CA GLU A 43 -7.15 8.23 11.56
C GLU A 43 -6.17 7.07 11.64
N PHE A 44 -5.37 6.89 10.58
CA PHE A 44 -4.39 5.82 10.54
C PHE A 44 -3.64 5.74 11.86
N GLU A 45 -3.59 4.55 12.46
CA GLU A 45 -2.90 4.35 13.72
C GLU A 45 -1.53 3.74 13.46
N LYS A 46 -1.49 2.68 12.65
CA LYS A 46 -0.25 2.01 12.35
C LYS A 46 -0.49 0.93 11.30
N LEU A 47 0.52 0.10 11.05
CA LEU A 47 0.43 -0.98 10.06
C LEU A 47 0.47 -2.35 10.71
N VAL A 48 0.41 -3.40 9.88
CA VAL A 48 0.43 -4.76 10.36
C VAL A 48 1.45 -5.57 9.57
N SER A 49 1.37 -5.49 8.24
CA SER A 49 2.28 -6.22 7.37
C SER A 49 2.35 -5.53 6.02
N VAL A 50 3.22 -6.04 5.14
CA VAL A 50 3.39 -5.48 3.82
C VAL A 50 4.04 -6.51 2.90
N LYS A 51 3.71 -6.44 1.60
CA LYS A 51 4.26 -7.37 0.63
C LYS A 51 4.86 -6.60 -0.54
N GLN A 52 5.47 -7.32 -1.47
CA GLN A 52 6.08 -6.70 -2.64
C GLN A 52 5.86 -7.58 -3.86
N GLN A 53 5.58 -6.95 -5.01
CA GLN A 53 5.36 -7.68 -6.24
C GLN A 53 6.25 -7.12 -7.34
N VAL A 54 6.44 -7.89 -8.41
CA VAL A 54 7.26 -7.48 -9.53
C VAL A 54 6.47 -7.57 -10.82
N VAL A 55 6.31 -6.43 -11.50
CA VAL A 55 5.57 -6.38 -12.75
C VAL A 55 6.09 -5.23 -13.60
N ALA A 56 5.21 -4.27 -13.90
CA ALA A 56 5.58 -3.12 -14.70
C ALA A 56 6.34 -2.11 -13.85
N GLY A 57 6.82 -2.55 -12.69
CA GLY A 57 7.55 -1.68 -11.79
C GLY A 57 7.77 -2.37 -10.46
N THR A 58 7.53 -1.65 -9.35
CA THR A 58 7.70 -2.20 -8.03
C THR A 58 6.43 -2.02 -7.22
N LEU A 59 5.70 -3.11 -7.00
CA LEU A 59 4.45 -3.08 -6.24
C LEU A 59 4.64 -3.53 -4.80
N TYR A 60 3.76 -3.07 -3.92
CA TYR A 60 3.82 -3.41 -2.51
C TYR A 60 2.42 -3.42 -1.91
N TYR A 61 2.04 -4.54 -1.29
CA TYR A 61 0.74 -4.67 -0.68
C TYR A 61 0.83 -4.45 0.82
N PHE A 62 0.55 -3.22 1.26
CA PHE A 62 0.62 -2.88 2.67
C PHE A 62 -0.70 -3.22 3.34
N THR A 63 -0.64 -3.68 4.60
CA THR A 63 -1.84 -4.03 5.35
C THR A 63 -1.84 -3.33 6.70
N ILE A 64 -2.14 -2.03 6.68
CA ILE A 64 -2.17 -1.24 7.90
C ILE A 64 -3.62 -1.08 8.37
N GLU A 65 -3.80 -0.81 9.66
CA GLU A 65 -5.12 -0.64 10.23
C GLU A 65 -5.33 0.81 10.62
N VAL A 66 -6.49 1.38 10.25
CA VAL A 66 -6.81 2.76 10.57
C VAL A 66 -8.20 2.83 11.19
N LYS A 67 -8.41 3.85 12.04
CA LYS A 67 -9.69 4.02 12.69
C LYS A 67 -10.25 5.39 12.37
N GLU A 68 -11.42 5.42 11.70
CA GLU A 68 -12.06 6.67 11.34
C GLU A 68 -13.14 7.02 12.35
N GLY A 69 -12.95 8.15 13.06
CA GLY A 69 -13.92 8.58 14.05
C GLY A 69 -14.06 7.52 15.14
N ASP A 70 -15.20 6.84 15.16
CA ASP A 70 -15.46 5.82 16.15
C ASP A 70 -15.46 4.44 15.49
N ALA A 71 -14.58 4.26 14.50
CA ALA A 71 -14.47 3.00 13.80
C ALA A 71 -13.01 2.64 13.60
N LYS A 72 -12.73 1.33 13.50
CA LYS A 72 -11.37 0.87 13.31
C LYS A 72 -11.37 -0.39 12.45
N LYS A 73 -10.53 -0.41 11.42
CA LYS A 73 -10.44 -1.56 10.53
C LYS A 73 -9.10 -1.52 9.78
N LEU A 74 -8.91 -2.49 8.88
CA LEU A 74 -7.68 -2.59 8.10
C LEU A 74 -7.84 -2.01 6.69
N TYR A 75 -6.71 -1.67 6.07
CA TYR A 75 -6.72 -1.11 4.74
C TYR A 75 -5.51 -1.59 3.96
N GLU A 76 -5.74 -2.28 2.84
CA GLU A 76 -4.66 -2.78 2.01
C GLU A 76 -4.10 -1.66 1.14
N ALA A 77 -3.07 -0.98 1.64
CA ALA A 77 -2.45 0.11 0.90
C ALA A 77 -1.52 -0.45 -0.16
N LYS A 78 -1.87 -0.27 -1.43
CA LYS A 78 -1.06 -0.76 -2.53
C LYS A 78 -0.43 0.41 -3.26
N VAL A 79 0.91 0.50 -3.22
CA VAL A 79 1.63 1.56 -3.88
C VAL A 79 2.44 1.00 -5.04
N TRP A 80 2.86 1.88 -5.95
CA TRP A 80 3.63 1.46 -7.11
C TRP A 80 4.75 2.46 -7.37
N GLU A 81 5.94 2.18 -6.84
CA GLU A 81 7.08 3.05 -7.02
C GLU A 81 8.08 2.41 -7.97
N LYS A 82 9.06 3.19 -8.44
CA LYS A 82 10.07 2.71 -9.34
C LYS A 82 11.41 3.37 -9.05
N PRO A 83 12.38 2.56 -8.61
CA PRO A 83 13.72 3.02 -8.29
C PRO A 83 14.47 3.38 -9.56
N TRP A 84 14.38 2.51 -10.57
CA TRP A 84 15.05 2.74 -11.83
C TRP A 84 14.81 4.18 -12.29
N MET A 85 13.84 4.84 -11.68
CA MET A 85 13.51 6.22 -12.02
C MET A 85 13.01 6.95 -10.80
N ASP A 86 13.17 6.34 -9.62
CA ASP A 86 12.74 6.95 -8.38
C ASP A 86 11.38 7.60 -8.57
N PHE A 87 10.31 6.79 -8.48
CA PHE A 87 8.96 7.29 -8.65
C PHE A 87 8.01 6.53 -7.74
N LYS A 88 6.79 7.04 -7.59
CA LYS A 88 5.79 6.40 -6.75
C LYS A 88 4.41 6.97 -7.07
N GLU A 89 3.38 6.12 -6.93
CA GLU A 89 2.02 6.54 -7.20
C GLU A 89 1.05 5.62 -6.47
N LEU A 90 0.27 6.20 -5.56
CA LEU A 90 -0.70 5.44 -4.77
C LEU A 90 -1.82 4.87 -5.64
N GLN A 91 -2.07 3.56 -5.51
CA GLN A 91 -3.08 2.89 -6.27
C GLN A 91 -4.38 2.83 -5.48
N GLU A 92 -4.28 2.50 -4.19
CA GLU A 92 -5.44 2.42 -3.32
C GLU A 92 -5.07 1.71 -2.03
N PHE A 93 -5.64 2.17 -0.91
CA PHE A 93 -5.38 1.58 0.38
C PHE A 93 -6.69 1.38 1.14
N LYS A 94 -7.27 0.20 1.01
CA LYS A 94 -8.52 -0.12 1.68
C LYS A 94 -8.70 -1.62 1.77
N PRO A 95 -9.54 -2.07 2.71
CA PRO A 95 -9.83 -3.47 2.94
C PRO A 95 -10.71 -4.00 1.82
N VAL A 96 -10.99 -3.15 0.82
CA VAL A 96 -11.82 -3.52 -0.30
C VAL A 96 -13.03 -4.29 0.19
N ASP A 97 -14.07 -3.57 0.63
CA ASP A 97 -15.28 -4.19 1.12
C ASP A 97 -16.10 -4.73 -0.05
N ALA A 98 -17.22 -5.40 0.27
CA ALA A 98 -18.08 -5.96 -0.75
C ALA A 98 -19.47 -5.37 -0.63
N SER A 99 -20.14 -5.16 -1.76
CA SER A 99 -21.48 -4.62 -1.77
C SER A 99 -21.96 -4.45 -3.20
N ALA A 100 -21.23 -3.66 -3.99
CA ALA A 100 -21.58 -3.42 -5.37
C ALA A 100 -22.95 -2.75 -5.45
N ASN A 101 -23.44 -2.53 -6.67
CA ASN A 101 -24.73 -1.91 -6.87
C ASN A 101 -25.56 -2.73 -7.86
N ALA A 102 -26.85 -2.41 -7.96
CA ALA A 102 -27.74 -3.12 -8.86
C ALA A 102 -27.49 -2.67 -10.29
N MET A 1 5.72 5.67 -28.11
CA MET A 1 5.30 4.80 -27.03
C MET A 1 5.50 5.48 -25.69
N SER A 2 4.39 5.72 -24.97
CA SER A 2 4.45 6.38 -23.68
C SER A 2 3.84 5.47 -22.62
N SER A 3 3.86 4.17 -22.86
CA SER A 3 3.30 3.21 -21.92
C SER A 3 4.11 1.92 -21.96
N ASP A 4 3.71 0.93 -21.16
CA ASP A 4 4.40 -0.34 -21.11
C ASP A 4 3.45 -1.43 -20.62
N GLY A 5 3.95 -2.66 -20.50
CA GLY A 5 3.14 -3.76 -20.05
C GLY A 5 3.77 -5.09 -20.46
N GLY A 6 3.01 -6.18 -20.35
CA GLY A 6 3.50 -7.49 -20.72
C GLY A 6 3.29 -8.47 -19.56
N PRO A 7 2.74 -9.64 -19.86
CA PRO A 7 2.48 -10.69 -18.90
C PRO A 7 3.79 -11.34 -18.48
N VAL A 8 4.29 -10.95 -17.30
CA VAL A 8 5.52 -11.49 -16.77
C VAL A 8 5.24 -12.35 -15.55
N LEU A 9 5.99 -13.44 -15.40
CA LEU A 9 5.81 -14.37 -14.28
C LEU A 9 6.41 -13.81 -12.98
N GLY A 10 5.56 -13.23 -12.14
CA GLY A 10 6.00 -12.66 -10.88
C GLY A 10 5.27 -13.31 -9.72
N GLY A 11 5.27 -12.65 -8.57
CA GLY A 11 4.60 -13.17 -7.39
C GLY A 11 4.52 -12.09 -6.31
N VAL A 12 4.16 -12.50 -5.09
CA VAL A 12 4.05 -11.57 -3.98
C VAL A 12 4.61 -12.21 -2.72
N GLU A 13 5.57 -11.52 -2.09
CA GLU A 13 6.19 -12.01 -0.87
C GLU A 13 5.99 -11.02 0.26
N PRO A 14 5.33 -11.46 1.33
CA PRO A 14 5.05 -10.66 2.50
C PRO A 14 6.33 -10.45 3.30
N VAL A 15 6.37 -9.37 4.10
CA VAL A 15 7.53 -9.07 4.90
C VAL A 15 7.16 -8.07 5.99
N GLY A 16 8.16 -7.60 6.74
CA GLY A 16 7.92 -6.65 7.81
C GLY A 16 7.89 -5.24 7.25
N ASN A 17 8.36 -4.26 8.05
CA ASN A 17 8.37 -2.88 7.64
C ASN A 17 8.62 -1.99 8.84
N GLU A 18 8.21 -2.45 10.03
CA GLU A 18 8.39 -1.69 11.25
C GLU A 18 9.79 -1.07 11.27
N ASN A 19 10.77 -1.79 10.71
CA ASN A 19 12.13 -1.31 10.66
C ASN A 19 12.43 -0.70 9.30
N ASP A 20 11.62 -1.06 8.31
CA ASP A 20 11.80 -0.55 6.96
C ASP A 20 11.03 0.74 6.79
N LEU A 21 11.68 1.87 7.10
CA LEU A 21 11.04 3.19 7.00
C LEU A 21 10.33 3.38 5.65
N HIS A 22 11.01 2.99 4.56
CA HIS A 22 10.46 3.10 3.22
C HIS A 22 9.06 2.45 3.16
N LEU A 23 8.93 1.22 3.63
CA LEU A 23 7.67 0.49 3.60
C LEU A 23 6.53 1.30 4.23
N VAL A 24 6.71 1.69 5.50
CA VAL A 24 5.72 2.45 6.22
C VAL A 24 5.39 3.72 5.45
N ASP A 25 6.42 4.40 4.94
CA ASP A 25 6.22 5.62 4.19
C ASP A 25 5.07 5.45 3.21
N LEU A 26 5.05 4.31 2.51
CA LEU A 26 4.01 4.02 1.52
C LEU A 26 2.61 4.03 2.15
N ALA A 27 2.45 3.23 3.20
CA ALA A 27 1.17 3.14 3.89
C ALA A 27 0.78 4.50 4.45
N ARG A 28 1.70 5.14 5.19
CA ARG A 28 1.45 6.44 5.77
C ARG A 28 1.15 7.44 4.68
N PHE A 29 1.76 7.26 3.51
CA PHE A 29 1.56 8.15 2.38
C PHE A 29 0.12 8.05 1.90
N ALA A 30 -0.33 6.82 1.61
CA ALA A 30 -1.68 6.60 1.14
C ALA A 30 -2.66 7.44 1.94
N VAL A 31 -2.78 7.14 3.24
CA VAL A 31 -3.67 7.87 4.11
C VAL A 31 -3.61 9.36 3.80
N THR A 32 -2.38 9.89 3.69
CA THR A 32 -2.19 11.29 3.39
C THR A 32 -2.79 11.62 2.03
N GLU A 33 -2.27 10.99 0.97
CA GLU A 33 -2.76 11.22 -0.38
C GLU A 33 -4.27 11.26 -0.37
N HIS A 34 -4.90 10.19 0.14
CA HIS A 34 -6.36 10.09 0.21
C HIS A 34 -6.94 11.32 0.92
N ASN A 35 -6.43 11.66 2.10
CA ASN A 35 -6.92 12.80 2.85
C ASN A 35 -6.75 14.07 2.04
N LYS A 36 -5.90 14.01 1.00
CA LYS A 36 -5.65 15.16 0.15
C LYS A 36 -6.82 15.35 -0.81
N LYS A 37 -7.21 14.26 -1.49
CA LYS A 37 -8.30 14.31 -2.44
C LYS A 37 -9.62 14.02 -1.73
N ALA A 38 -9.56 13.83 -0.41
CA ALA A 38 -10.73 13.54 0.38
C ALA A 38 -10.75 14.41 1.63
N ASN A 39 -9.96 15.49 1.62
CA ASN A 39 -9.89 16.39 2.75
C ASN A 39 -9.82 15.60 4.04
N SER A 40 -9.21 14.42 3.99
CA SER A 40 -9.07 13.56 5.16
C SER A 40 -10.41 12.89 5.46
N LEU A 41 -10.35 11.73 6.11
CA LEU A 41 -11.55 10.97 6.45
C LEU A 41 -11.30 9.98 7.59
N LEU A 42 -10.08 9.42 7.62
CA LEU A 42 -9.70 8.45 8.64
C LEU A 42 -8.45 8.88 9.41
N GLU A 43 -8.00 8.02 10.33
CA GLU A 43 -6.82 8.32 11.12
C GLU A 43 -5.98 7.06 11.28
N PHE A 44 -4.95 6.92 10.45
CA PHE A 44 -4.08 5.77 10.50
C PHE A 44 -3.63 5.52 11.95
N GLU A 45 -3.70 4.26 12.38
CA GLU A 45 -3.30 3.89 13.72
C GLU A 45 -1.91 3.30 13.72
N LYS A 46 -1.66 2.36 12.81
CA LYS A 46 -0.36 1.72 12.70
C LYS A 46 -0.33 0.82 11.46
N LEU A 47 0.77 0.09 11.29
CA LEU A 47 0.94 -0.80 10.15
C LEU A 47 1.25 -2.24 10.59
N VAL A 48 0.56 -3.20 9.97
CA VAL A 48 0.75 -4.60 10.28
C VAL A 48 1.94 -5.15 9.51
N SER A 49 1.79 -5.28 8.19
CA SER A 49 2.85 -5.78 7.34
C SER A 49 2.70 -5.23 5.93
N VAL A 50 3.50 -5.75 4.99
CA VAL A 50 3.44 -5.31 3.61
C VAL A 50 4.06 -6.37 2.71
N LYS A 51 3.54 -6.49 1.49
CA LYS A 51 4.04 -7.46 0.54
C LYS A 51 4.85 -6.76 -0.54
N GLN A 52 5.38 -7.54 -1.48
CA GLN A 52 6.18 -6.99 -2.56
C GLN A 52 5.96 -7.81 -3.84
N GLN A 53 5.81 -7.13 -4.97
CA GLN A 53 5.59 -7.79 -6.24
C GLN A 53 6.40 -7.09 -7.32
N VAL A 54 6.81 -7.85 -8.34
CA VAL A 54 7.58 -7.31 -9.44
C VAL A 54 6.80 -7.46 -10.74
N VAL A 55 6.60 -6.35 -11.45
CA VAL A 55 5.89 -6.36 -12.70
C VAL A 55 6.31 -5.17 -13.56
N ALA A 56 5.37 -4.26 -13.83
CA ALA A 56 5.66 -3.08 -14.63
C ALA A 56 6.35 -2.03 -13.78
N GLY A 57 6.82 -2.44 -12.59
CA GLY A 57 7.50 -1.53 -11.69
C GLY A 57 7.75 -2.20 -10.35
N THR A 58 7.40 -1.51 -9.27
CA THR A 58 7.59 -2.05 -7.93
C THR A 58 6.30 -1.93 -7.14
N LEU A 59 5.58 -3.04 -6.99
CA LEU A 59 4.31 -3.07 -6.26
C LEU A 59 4.48 -3.60 -4.84
N TYR A 60 3.75 -3.01 -3.90
CA TYR A 60 3.81 -3.40 -2.51
C TYR A 60 2.41 -3.44 -1.91
N TYR A 61 2.06 -4.55 -1.27
CA TYR A 61 0.75 -4.70 -0.66
C TYR A 61 0.85 -4.44 0.84
N PHE A 62 0.63 -3.19 1.24
CA PHE A 62 0.69 -2.82 2.64
C PHE A 62 -0.63 -3.16 3.33
N THR A 63 -0.54 -3.76 4.52
CA THR A 63 -1.73 -4.14 5.27
C THR A 63 -1.72 -3.47 6.63
N ILE A 64 -2.09 -2.18 6.67
CA ILE A 64 -2.12 -1.42 7.90
C ILE A 64 -3.55 -1.31 8.40
N GLU A 65 -3.76 -0.56 9.50
CA GLU A 65 -5.08 -0.39 10.06
C GLU A 65 -5.31 1.08 10.37
N VAL A 66 -6.49 1.59 10.02
CA VAL A 66 -6.83 2.98 10.27
C VAL A 66 -8.22 3.07 10.88
N LYS A 67 -8.39 3.97 11.85
CA LYS A 67 -9.66 4.14 12.52
C LYS A 67 -10.55 5.07 11.71
N GLU A 68 -11.61 4.52 11.11
CA GLU A 68 -12.53 5.30 10.31
C GLU A 68 -13.74 5.68 11.14
N GLY A 69 -14.09 6.97 11.13
CA GLY A 69 -15.23 7.45 11.88
C GLY A 69 -15.16 6.95 13.32
N ASP A 70 -16.14 6.12 13.70
CA ASP A 70 -16.18 5.57 15.05
C ASP A 70 -15.79 4.11 15.02
N ALA A 71 -14.80 3.76 14.19
CA ALA A 71 -14.34 2.39 14.08
C ALA A 71 -12.90 2.38 13.58
N LYS A 72 -12.39 1.18 13.26
CA LYS A 72 -11.03 1.04 12.78
C LYS A 72 -10.83 -0.37 12.23
N LYS A 73 -10.28 -0.46 11.02
CA LYS A 73 -10.03 -1.74 10.39
C LYS A 73 -8.75 -1.67 9.56
N LEU A 74 -8.33 -2.82 9.03
CA LEU A 74 -7.11 -2.89 8.22
C LEU A 74 -7.36 -2.52 6.76
N TYR A 75 -6.59 -1.55 6.26
CA TYR A 75 -6.73 -1.10 4.89
C TYR A 75 -5.54 -1.57 4.07
N GLU A 76 -5.81 -2.13 2.88
CA GLU A 76 -4.77 -2.63 2.01
C GLU A 76 -4.17 -1.48 1.22
N ALA A 77 -3.03 -0.96 1.67
CA ALA A 77 -2.36 0.14 1.00
C ALA A 77 -1.48 -0.41 -0.12
N LYS A 78 -1.89 -0.17 -1.37
CA LYS A 78 -1.14 -0.63 -2.51
C LYS A 78 -0.47 0.55 -3.20
N VAL A 79 0.86 0.56 -3.18
CA VAL A 79 1.63 1.63 -3.80
C VAL A 79 2.47 1.08 -4.94
N TRP A 80 2.63 1.86 -6.00
CA TRP A 80 3.41 1.44 -7.15
C TRP A 80 4.43 2.51 -7.51
N GLU A 81 5.67 2.33 -7.04
CA GLU A 81 6.74 3.28 -7.31
C GLU A 81 7.81 2.63 -8.16
N LYS A 82 8.73 3.44 -8.69
CA LYS A 82 9.81 2.93 -9.52
C LYS A 82 11.09 3.69 -9.19
N PRO A 83 12.14 2.93 -8.82
CA PRO A 83 13.45 3.48 -8.49
C PRO A 83 14.14 3.95 -9.75
N TRP A 84 14.14 3.12 -10.79
CA TRP A 84 14.77 3.47 -12.05
C TRP A 84 14.37 4.87 -12.46
N MET A 85 13.35 5.42 -11.79
CA MET A 85 12.87 6.76 -12.09
C MET A 85 12.43 7.45 -10.80
N ASP A 86 12.61 6.78 -9.67
CA ASP A 86 12.22 7.32 -8.39
C ASP A 86 10.88 8.00 -8.50
N PHE A 87 9.81 7.21 -8.64
CA PHE A 87 8.47 7.74 -8.75
C PHE A 87 7.47 6.78 -8.11
N LYS A 88 6.64 7.30 -7.21
CA LYS A 88 5.66 6.50 -6.52
C LYS A 88 4.26 6.94 -6.92
N GLU A 89 3.35 5.98 -7.07
CA GLU A 89 1.98 6.27 -7.45
C GLU A 89 1.01 5.42 -6.64
N LEU A 90 0.34 6.04 -5.67
CA LEU A 90 -0.61 5.33 -4.81
C LEU A 90 -1.78 4.73 -5.61
N GLN A 91 -2.03 3.44 -5.39
CA GLN A 91 -3.09 2.74 -6.09
C GLN A 91 -4.38 2.81 -5.27
N GLU A 92 -4.27 2.53 -3.97
CA GLU A 92 -5.41 2.57 -3.08
C GLU A 92 -5.07 1.90 -1.76
N PHE A 93 -5.52 2.50 -0.65
CA PHE A 93 -5.26 1.97 0.66
C PHE A 93 -6.57 1.81 1.43
N LYS A 94 -7.29 0.72 1.17
CA LYS A 94 -8.55 0.46 1.83
C LYS A 94 -8.74 -1.05 2.01
N PRO A 95 -9.68 -1.43 2.88
CA PRO A 95 -10.00 -2.81 3.17
C PRO A 95 -10.75 -3.42 1.99
N VAL A 96 -10.93 -2.64 0.93
CA VAL A 96 -11.62 -3.10 -0.25
C VAL A 96 -13.00 -3.62 0.13
N ASP A 97 -13.88 -2.72 0.57
CA ASP A 97 -15.22 -3.08 0.96
C ASP A 97 -15.99 -3.61 -0.25
N ALA A 98 -15.26 -3.93 -1.32
CA ALA A 98 -15.88 -4.43 -2.53
C ALA A 98 -15.62 -5.92 -2.65
N SER A 99 -14.53 -6.40 -2.05
CA SER A 99 -14.19 -7.80 -2.09
C SER A 99 -14.05 -8.25 -3.53
N ALA A 100 -13.63 -9.51 -3.73
CA ALA A 100 -13.46 -10.06 -5.06
C ALA A 100 -14.28 -11.34 -5.20
N ASN A 101 -15.24 -11.34 -6.13
CA ASN A 101 -16.08 -12.50 -6.35
C ASN A 101 -15.22 -13.71 -6.69
N ALA A 102 -14.08 -13.47 -7.31
CA ALA A 102 -13.17 -14.53 -7.69
C ALA A 102 -11.91 -14.46 -6.84
N MET A 1 5.14 -9.73 -32.62
CA MET A 1 5.92 -10.52 -33.54
C MET A 1 7.40 -10.24 -33.35
N SER A 2 7.77 -9.80 -32.13
CA SER A 2 9.15 -9.49 -31.82
C SER A 2 9.34 -9.46 -30.31
N SER A 3 9.89 -10.54 -29.76
CA SER A 3 10.13 -10.62 -28.32
C SER A 3 11.44 -11.35 -28.06
N ASP A 4 12.15 -10.95 -27.01
CA ASP A 4 13.41 -11.56 -26.66
C ASP A 4 13.86 -11.06 -25.30
N GLY A 5 13.95 -11.95 -24.32
CA GLY A 5 14.36 -11.60 -22.97
C GLY A 5 14.04 -12.71 -22.00
N GLY A 6 12.76 -13.08 -21.93
CA GLY A 6 12.31 -14.13 -21.03
C GLY A 6 11.54 -13.54 -19.87
N PRO A 7 10.25 -13.28 -20.07
CA PRO A 7 9.35 -12.72 -19.08
C PRO A 7 9.04 -13.77 -18.02
N VAL A 8 9.39 -13.47 -16.77
CA VAL A 8 9.14 -14.40 -15.68
C VAL A 8 7.81 -14.05 -15.00
N LEU A 9 7.05 -15.07 -14.63
CA LEU A 9 5.75 -14.89 -13.98
C LEU A 9 5.87 -14.07 -12.69
N GLY A 10 7.05 -14.11 -12.09
CA GLY A 10 7.30 -13.38 -10.85
C GLY A 10 6.47 -13.98 -9.72
N GLY A 11 5.98 -13.12 -8.82
CA GLY A 11 5.18 -13.55 -7.70
C GLY A 11 5.08 -12.45 -6.66
N VAL A 12 4.75 -12.83 -5.42
CA VAL A 12 4.62 -11.88 -4.34
C VAL A 12 5.16 -12.49 -3.05
N GLU A 13 6.08 -11.79 -2.39
CA GLU A 13 6.67 -12.26 -1.16
C GLU A 13 6.04 -11.53 0.02
N PRO A 14 5.28 -12.27 0.84
CA PRO A 14 4.61 -11.76 2.01
C PRO A 14 5.63 -11.47 3.10
N VAL A 15 5.61 -10.25 3.64
CA VAL A 15 6.53 -9.85 4.68
C VAL A 15 5.85 -8.84 5.59
N GLY A 16 6.67 -8.05 6.31
CA GLY A 16 6.15 -7.04 7.21
C GLY A 16 7.28 -6.46 8.06
N ASN A 17 7.24 -5.15 8.29
CA ASN A 17 8.25 -4.48 9.08
C ASN A 17 8.06 -2.96 9.00
N GLU A 18 7.57 -2.37 10.10
CA GLU A 18 7.34 -0.94 10.15
C GLU A 18 8.67 -0.21 10.21
N ASN A 19 9.66 -0.82 10.86
CA ASN A 19 10.98 -0.23 11.01
C ASN A 19 11.37 0.44 9.70
N ASP A 20 11.36 -0.32 8.60
CA ASP A 20 11.72 0.20 7.29
C ASP A 20 10.93 1.48 7.01
N LEU A 21 11.48 2.62 7.44
CA LEU A 21 10.83 3.91 7.24
C LEU A 21 10.17 4.02 5.87
N HIS A 22 10.88 3.55 4.83
CA HIS A 22 10.38 3.57 3.46
C HIS A 22 9.01 2.88 3.36
N LEU A 23 8.94 1.61 3.80
CA LEU A 23 7.70 0.84 3.73
C LEU A 23 6.51 1.62 4.30
N VAL A 24 6.64 2.07 5.54
CA VAL A 24 5.59 2.82 6.21
C VAL A 24 5.22 4.03 5.37
N ASP A 25 6.24 4.78 4.91
CA ASP A 25 6.02 5.96 4.12
C ASP A 25 4.92 5.69 3.09
N LEU A 26 4.97 4.53 2.45
CA LEU A 26 3.99 4.15 1.43
C LEU A 26 2.57 4.10 2.00
N ALA A 27 2.41 3.33 3.09
CA ALA A 27 1.12 3.18 3.73
C ALA A 27 0.65 4.53 4.28
N ARG A 28 1.51 5.18 5.06
CA ARG A 28 1.18 6.47 5.64
C ARG A 28 0.91 7.48 4.54
N PHE A 29 1.52 7.25 3.36
CA PHE A 29 1.35 8.15 2.24
C PHE A 29 -0.07 8.04 1.71
N ALA A 30 -0.55 6.81 1.52
CA ALA A 30 -1.89 6.56 1.01
C ALA A 30 -2.89 7.36 1.83
N VAL A 31 -3.05 6.98 3.10
CA VAL A 31 -3.98 7.66 3.98
C VAL A 31 -3.90 9.16 3.77
N THR A 32 -2.67 9.68 3.63
CA THR A 32 -2.47 11.10 3.41
C THR A 32 -3.09 11.53 2.09
N GLU A 33 -2.52 11.03 0.99
CA GLU A 33 -3.02 11.36 -0.33
C GLU A 33 -4.55 11.32 -0.34
N HIS A 34 -5.12 10.23 0.19
CA HIS A 34 -6.57 10.06 0.27
C HIS A 34 -7.21 11.23 1.03
N ASN A 35 -6.71 11.52 2.24
CA ASN A 35 -7.25 12.59 3.05
C ASN A 35 -7.07 13.92 2.33
N LYS A 36 -6.20 13.95 1.33
CA LYS A 36 -5.95 15.15 0.57
C LYS A 36 -7.06 15.37 -0.44
N LYS A 37 -7.40 14.33 -1.20
CA LYS A 37 -8.45 14.41 -2.21
C LYS A 37 -9.79 14.04 -1.58
N ALA A 38 -9.79 13.80 -0.27
CA ALA A 38 -11.00 13.44 0.44
C ALA A 38 -11.13 14.29 1.69
N ASN A 39 -10.48 15.46 1.70
CA ASN A 39 -10.54 16.35 2.83
C ASN A 39 -10.39 15.57 4.13
N SER A 40 -9.70 14.42 4.05
CA SER A 40 -9.48 13.58 5.21
C SER A 40 -10.77 12.86 5.58
N LEU A 41 -10.65 11.72 6.25
CA LEU A 41 -11.82 10.92 6.66
C LEU A 41 -11.47 9.96 7.79
N LEU A 42 -10.30 9.33 7.69
CA LEU A 42 -9.84 8.36 8.69
C LEU A 42 -8.55 8.81 9.37
N GLU A 43 -8.05 7.98 10.29
CA GLU A 43 -6.83 8.28 11.01
C GLU A 43 -5.98 7.02 11.16
N PHE A 44 -4.84 6.99 10.47
CA PHE A 44 -3.95 5.85 10.52
C PHE A 44 -3.46 5.64 11.95
N GLU A 45 -3.50 4.40 12.42
CA GLU A 45 -3.06 4.08 13.77
C GLU A 45 -1.65 3.51 13.73
N LYS A 46 -1.43 2.52 12.85
CA LYS A 46 -0.14 1.89 12.72
C LYS A 46 -0.15 0.91 11.56
N LEU A 47 0.97 0.22 11.34
CA LEU A 47 1.10 -0.74 10.24
C LEU A 47 1.25 -2.17 10.75
N VAL A 48 0.79 -3.14 9.96
CA VAL A 48 0.87 -4.54 10.33
C VAL A 48 1.97 -5.22 9.51
N SER A 49 1.79 -5.27 8.20
CA SER A 49 2.76 -5.88 7.32
C SER A 49 2.65 -5.29 5.91
N VAL A 50 3.42 -5.84 4.98
CA VAL A 50 3.40 -5.36 3.60
C VAL A 50 3.97 -6.44 2.68
N LYS A 51 3.43 -6.53 1.47
CA LYS A 51 3.89 -7.51 0.50
C LYS A 51 4.62 -6.81 -0.64
N GLN A 52 5.36 -7.59 -1.44
CA GLN A 52 6.09 -7.04 -2.56
C GLN A 52 5.74 -7.80 -3.83
N GLN A 53 5.33 -7.08 -4.87
CA GLN A 53 4.97 -7.68 -6.14
C GLN A 53 5.87 -7.15 -7.24
N VAL A 54 6.21 -8.02 -8.20
CA VAL A 54 7.06 -7.63 -9.31
C VAL A 54 6.28 -7.70 -10.61
N VAL A 55 6.22 -6.60 -11.34
CA VAL A 55 5.52 -6.54 -12.60
C VAL A 55 6.08 -5.42 -13.46
N ALA A 56 5.25 -4.42 -13.75
CA ALA A 56 5.67 -3.29 -14.57
C ALA A 56 6.48 -2.32 -13.73
N GLY A 57 7.01 -2.80 -12.61
CA GLY A 57 7.81 -1.97 -11.72
C GLY A 57 7.98 -2.65 -10.37
N THR A 58 7.79 -1.89 -9.29
CA THR A 58 7.92 -2.42 -7.95
C THR A 58 6.70 -2.04 -7.12
N LEU A 59 5.79 -3.00 -6.93
CA LEU A 59 4.57 -2.77 -6.16
C LEU A 59 4.66 -3.37 -4.75
N TYR A 60 4.05 -2.68 -3.79
CA TYR A 60 4.06 -3.12 -2.40
C TYR A 60 2.67 -3.03 -1.82
N TYR A 61 2.17 -4.13 -1.27
CA TYR A 61 0.85 -4.16 -0.67
C TYR A 61 0.95 -4.03 0.83
N PHE A 62 0.80 -2.80 1.34
CA PHE A 62 0.87 -2.56 2.77
C PHE A 62 -0.46 -2.87 3.43
N THR A 63 -0.42 -3.52 4.58
CA THR A 63 -1.63 -3.88 5.31
C THR A 63 -1.63 -3.22 6.68
N ILE A 64 -1.97 -1.93 6.72
CA ILE A 64 -2.02 -1.18 7.96
C ILE A 64 -3.45 -1.07 8.45
N GLU A 65 -3.64 -0.55 9.67
CA GLU A 65 -4.96 -0.40 10.23
C GLU A 65 -5.20 1.06 10.60
N VAL A 66 -6.36 1.60 10.18
CA VAL A 66 -6.70 2.98 10.47
C VAL A 66 -8.03 3.04 11.20
N LYS A 67 -8.14 3.94 12.18
CA LYS A 67 -9.36 4.08 12.95
C LYS A 67 -10.36 4.92 12.17
N GLU A 68 -11.47 4.28 11.76
CA GLU A 68 -12.50 4.97 11.00
C GLU A 68 -13.60 5.43 11.94
N GLY A 69 -13.87 6.74 11.94
CA GLY A 69 -14.90 7.31 12.79
C GLY A 69 -14.70 6.86 14.23
N ASP A 70 -15.65 6.09 14.76
CA ASP A 70 -15.57 5.61 16.12
C ASP A 70 -15.21 4.12 16.12
N ALA A 71 -14.31 3.73 15.22
CA ALA A 71 -13.89 2.34 15.12
C ALA A 71 -12.54 2.27 14.44
N LYS A 72 -12.12 1.05 14.07
CA LYS A 72 -10.84 0.85 13.42
C LYS A 72 -10.87 -0.45 12.63
N LYS A 73 -10.23 -0.45 11.45
CA LYS A 73 -10.19 -1.62 10.61
C LYS A 73 -8.85 -1.70 9.89
N LEU A 74 -8.79 -2.47 8.81
CA LEU A 74 -7.56 -2.64 8.03
C LEU A 74 -7.71 -2.11 6.60
N TYR A 75 -6.59 -1.65 6.03
CA TYR A 75 -6.59 -1.12 4.68
C TYR A 75 -5.34 -1.57 3.95
N GLU A 76 -5.51 -2.15 2.76
CA GLU A 76 -4.39 -2.61 1.96
C GLU A 76 -3.89 -1.49 1.07
N ALA A 77 -2.89 -0.75 1.55
CA ALA A 77 -2.33 0.35 0.79
C ALA A 77 -1.33 -0.20 -0.23
N LYS A 78 -1.63 0.02 -1.52
CA LYS A 78 -0.76 -0.44 -2.59
C LYS A 78 -0.12 0.75 -3.28
N VAL A 79 1.21 0.81 -3.24
CA VAL A 79 1.95 1.89 -3.87
C VAL A 79 2.90 1.33 -4.92
N TRP A 80 2.82 1.84 -6.14
CA TRP A 80 3.67 1.38 -7.22
C TRP A 80 4.78 2.40 -7.46
N GLU A 81 6.00 2.05 -7.04
CA GLU A 81 7.14 2.94 -7.20
C GLU A 81 8.21 2.24 -8.03
N LYS A 82 9.04 3.02 -8.72
CA LYS A 82 10.10 2.47 -9.54
C LYS A 82 11.43 3.08 -9.14
N PRO A 83 12.43 2.24 -8.87
CA PRO A 83 13.76 2.63 -8.47
C PRO A 83 14.50 3.22 -9.67
N TRP A 84 14.41 2.55 -10.82
CA TRP A 84 15.07 3.02 -12.02
C TRP A 84 14.74 4.49 -12.26
N MET A 85 13.65 4.97 -11.64
CA MET A 85 13.23 6.34 -11.79
C MET A 85 12.75 6.88 -10.45
N ASP A 86 13.07 6.17 -9.36
CA ASP A 86 12.67 6.58 -8.04
C ASP A 86 11.30 7.24 -8.09
N PHE A 87 10.37 6.63 -8.84
CA PHE A 87 9.03 7.16 -8.98
C PHE A 87 8.08 6.38 -8.07
N LYS A 88 6.85 6.89 -7.92
CA LYS A 88 5.85 6.26 -7.09
C LYS A 88 4.50 6.92 -7.30
N GLU A 89 3.43 6.16 -7.06
CA GLU A 89 2.09 6.67 -7.23
C GLU A 89 1.08 5.76 -6.51
N LEU A 90 0.42 6.29 -5.49
CA LEU A 90 -0.55 5.53 -4.71
C LEU A 90 -1.63 4.90 -5.60
N GLN A 91 -1.84 3.60 -5.45
CA GLN A 91 -2.83 2.88 -6.23
C GLN A 91 -4.15 2.84 -5.48
N GLU A 92 -4.08 2.52 -4.18
CA GLU A 92 -5.27 2.45 -3.36
C GLU A 92 -4.95 1.74 -2.05
N PHE A 93 -5.52 2.24 -0.95
CA PHE A 93 -5.28 1.66 0.36
C PHE A 93 -6.62 1.42 1.06
N LYS A 94 -7.19 0.23 0.88
CA LYS A 94 -8.46 -0.11 1.49
C LYS A 94 -8.59 -1.63 1.62
N PRO A 95 -9.51 -2.07 2.48
CA PRO A 95 -9.77 -3.47 2.72
C PRO A 95 -10.48 -4.09 1.52
N VAL A 96 -10.66 -3.29 0.47
CA VAL A 96 -11.33 -3.74 -0.74
C VAL A 96 -12.60 -4.50 -0.37
N ASP A 97 -13.67 -3.76 -0.07
CA ASP A 97 -14.93 -4.36 0.30
C ASP A 97 -15.91 -4.26 -0.87
N ALA A 98 -16.33 -5.41 -1.39
CA ALA A 98 -17.25 -5.44 -2.50
C ALA A 98 -16.58 -4.92 -3.76
N SER A 99 -16.17 -5.83 -4.65
CA SER A 99 -15.51 -5.46 -5.89
C SER A 99 -16.53 -4.89 -6.87
N ALA A 100 -17.74 -5.45 -6.86
CA ALA A 100 -18.80 -4.99 -7.74
C ALA A 100 -19.34 -3.66 -7.26
N ASN A 101 -19.25 -2.63 -8.11
CA ASN A 101 -19.74 -1.31 -7.76
C ASN A 101 -20.59 -0.76 -8.89
N ALA A 102 -20.21 -1.07 -10.13
CA ALA A 102 -20.93 -0.59 -11.29
C ALA A 102 -20.86 0.92 -11.37
N MET A 1 15.44 1.02 -2.16
CA MET A 1 16.62 0.29 -1.73
C MET A 1 17.03 -0.70 -2.82
N SER A 2 18.29 -0.61 -3.26
CA SER A 2 18.80 -1.50 -4.28
C SER A 2 18.94 -2.90 -3.73
N SER A 3 19.07 -3.89 -4.62
CA SER A 3 19.22 -5.27 -4.21
C SER A 3 19.87 -6.08 -5.31
N ASP A 4 19.41 -5.89 -6.54
CA ASP A 4 19.96 -6.59 -7.69
C ASP A 4 19.80 -8.09 -7.50
N GLY A 5 18.74 -8.66 -8.07
CA GLY A 5 18.47 -10.08 -7.95
C GLY A 5 17.93 -10.40 -6.57
N GLY A 6 18.49 -9.74 -5.54
CA GLY A 6 18.05 -9.96 -4.18
C GLY A 6 18.64 -11.26 -3.64
N PRO A 7 18.60 -11.44 -2.32
CA PRO A 7 19.11 -12.61 -1.63
C PRO A 7 18.18 -13.79 -1.88
N VAL A 8 16.89 -13.61 -1.62
CA VAL A 8 15.90 -14.65 -1.80
C VAL A 8 15.10 -14.38 -3.08
N LEU A 9 14.83 -15.43 -3.85
CA LEU A 9 14.08 -15.31 -5.10
C LEU A 9 12.77 -16.11 -5.07
N GLY A 10 11.70 -15.49 -5.56
CA GLY A 10 10.40 -16.13 -5.58
C GLY A 10 9.37 -15.22 -6.22
N GLY A 11 8.60 -14.50 -5.40
CA GLY A 11 7.58 -13.59 -5.90
C GLY A 11 7.03 -12.74 -4.76
N VAL A 12 5.72 -12.80 -4.56
CA VAL A 12 5.07 -12.04 -3.51
C VAL A 12 5.68 -12.41 -2.16
N GLU A 13 6.70 -11.65 -1.74
CA GLU A 13 7.36 -11.89 -0.48
C GLU A 13 6.64 -11.15 0.63
N PRO A 14 6.02 -11.91 1.55
CA PRO A 14 5.28 -11.38 2.68
C PRO A 14 6.26 -10.81 3.70
N VAL A 15 6.37 -9.48 3.75
CA VAL A 15 7.26 -8.81 4.67
C VAL A 15 6.45 -8.11 5.75
N GLY A 16 7.04 -7.08 6.38
CA GLY A 16 6.37 -6.34 7.41
C GLY A 16 7.36 -5.96 8.51
N ASN A 17 7.67 -4.66 8.61
CA ASN A 17 8.60 -4.18 9.60
C ASN A 17 8.64 -2.66 9.57
N GLU A 18 7.81 -2.01 10.40
CA GLU A 18 7.75 -0.57 10.47
C GLU A 18 9.17 0.00 10.46
N ASN A 19 10.10 -0.73 11.08
CA ASN A 19 11.48 -0.29 11.15
C ASN A 19 11.94 0.22 9.79
N ASP A 20 11.29 -0.27 8.72
CA ASP A 20 11.63 0.13 7.38
C ASP A 20 10.84 1.38 7.00
N LEU A 21 11.39 2.56 7.30
CA LEU A 21 10.74 3.83 7.01
C LEU A 21 10.11 3.84 5.61
N HIS A 22 10.84 3.28 4.64
CA HIS A 22 10.37 3.22 3.25
C HIS A 22 8.97 2.56 3.18
N LEU A 23 8.84 1.33 3.69
CA LEU A 23 7.58 0.61 3.65
C LEU A 23 6.43 1.44 4.22
N VAL A 24 6.57 1.88 5.47
CA VAL A 24 5.56 2.68 6.13
C VAL A 24 5.22 3.89 5.28
N ASP A 25 6.25 4.59 4.81
CA ASP A 25 6.05 5.77 3.98
C ASP A 25 4.96 5.51 2.96
N LEU A 26 4.97 4.33 2.35
CA LEU A 26 3.97 3.95 1.35
C LEU A 26 2.55 3.96 1.92
N ALA A 27 2.35 3.20 3.00
CA ALA A 27 1.06 3.11 3.64
C ALA A 27 0.63 4.49 4.15
N ARG A 28 1.52 5.13 4.92
CA ARG A 28 1.22 6.45 5.47
C ARG A 28 0.96 7.43 4.34
N PHE A 29 1.61 7.21 3.19
CA PHE A 29 1.44 8.08 2.05
C PHE A 29 0.01 8.00 1.54
N ALA A 30 -0.48 6.78 1.32
CA ALA A 30 -1.83 6.57 0.84
C ALA A 30 -2.80 7.38 1.67
N VAL A 31 -2.95 7.03 2.95
CA VAL A 31 -3.83 7.73 3.85
C VAL A 31 -3.71 9.24 3.63
N THR A 32 -2.49 9.72 3.48
CA THR A 32 -2.24 11.13 3.26
C THR A 32 -2.85 11.57 1.93
N GLU A 33 -2.26 11.11 0.82
CA GLU A 33 -2.76 11.44 -0.49
C GLU A 33 -4.28 11.39 -0.51
N HIS A 34 -4.85 10.26 -0.06
CA HIS A 34 -6.30 10.08 0.00
C HIS A 34 -6.95 11.19 0.85
N ASN A 35 -6.45 11.41 2.07
CA ASN A 35 -7.00 12.42 2.95
C ASN A 35 -6.89 13.79 2.30
N LYS A 36 -5.93 13.94 1.38
CA LYS A 36 -5.73 15.19 0.69
C LYS A 36 -6.95 15.54 -0.14
N LYS A 37 -7.41 14.59 -0.96
CA LYS A 37 -8.59 14.80 -1.79
C LYS A 37 -9.85 14.42 -1.04
N ALA A 38 -9.67 13.76 0.12
CA ALA A 38 -10.80 13.34 0.93
C ALA A 38 -10.86 14.18 2.19
N ASN A 39 -10.14 15.31 2.19
CA ASN A 39 -10.12 16.19 3.33
C ASN A 39 -10.01 15.39 4.62
N SER A 40 -9.40 14.21 4.53
CA SER A 40 -9.23 13.34 5.68
C SER A 40 -10.57 12.72 6.06
N LEU A 41 -10.52 11.55 6.70
CA LEU A 41 -11.73 10.83 7.12
C LEU A 41 -11.44 9.83 8.23
N LEU A 42 -10.16 9.53 8.44
CA LEU A 42 -9.72 8.57 9.45
C LEU A 42 -8.37 8.94 10.06
N GLU A 43 -7.85 8.07 10.92
CA GLU A 43 -6.58 8.29 11.56
C GLU A 43 -5.78 6.99 11.62
N PHE A 44 -4.72 6.91 10.82
CA PHE A 44 -3.88 5.73 10.79
C PHE A 44 -3.42 5.38 12.20
N GLU A 45 -3.48 4.10 12.56
CA GLU A 45 -3.07 3.65 13.87
C GLU A 45 -1.67 3.05 13.80
N LYS A 46 -1.46 2.14 12.84
CA LYS A 46 -0.16 1.51 12.66
C LYS A 46 -0.20 0.58 11.46
N LEU A 47 0.90 -0.15 11.23
CA LEU A 47 1.01 -1.06 10.10
C LEU A 47 1.15 -2.52 10.55
N VAL A 48 0.52 -3.43 9.81
CA VAL A 48 0.57 -4.84 10.13
C VAL A 48 1.70 -5.50 9.36
N SER A 49 1.57 -5.54 8.03
CA SER A 49 2.58 -6.14 7.18
C SER A 49 2.49 -5.55 5.77
N VAL A 50 3.23 -6.13 4.83
CA VAL A 50 3.23 -5.67 3.46
C VAL A 50 3.74 -6.77 2.54
N LYS A 51 3.33 -6.74 1.27
CA LYS A 51 3.74 -7.73 0.30
C LYS A 51 4.42 -7.04 -0.88
N GLN A 52 5.63 -7.51 -1.22
CA GLN A 52 6.38 -6.94 -2.33
C GLN A 52 6.15 -7.77 -3.58
N GLN A 53 5.77 -7.10 -4.68
CA GLN A 53 5.53 -7.78 -5.93
C GLN A 53 6.43 -7.21 -7.02
N VAL A 54 6.75 -8.01 -8.03
CA VAL A 54 7.59 -7.58 -9.12
C VAL A 54 6.84 -7.72 -10.44
N VAL A 55 6.66 -6.61 -11.16
CA VAL A 55 5.97 -6.62 -12.42
C VAL A 55 6.51 -5.51 -13.32
N ALA A 56 5.64 -4.59 -13.72
CA ALA A 56 6.03 -3.49 -14.57
C ALA A 56 6.71 -2.41 -13.74
N GLY A 57 7.13 -2.77 -12.52
CA GLY A 57 7.79 -1.83 -11.64
C GLY A 57 7.99 -2.46 -10.26
N THR A 58 7.65 -1.70 -9.21
CA THR A 58 7.80 -2.18 -7.85
C THR A 58 6.50 -2.00 -7.09
N LEU A 59 5.77 -3.09 -6.89
CA LEU A 59 4.48 -3.06 -6.19
C LEU A 59 4.62 -3.49 -4.72
N TYR A 60 3.84 -2.85 -3.84
CA TYR A 60 3.87 -3.15 -2.43
C TYR A 60 2.46 -3.10 -1.86
N TYR A 61 2.00 -4.22 -1.30
CA TYR A 61 0.67 -4.30 -0.73
C TYR A 61 0.76 -4.16 0.78
N PHE A 62 0.67 -2.93 1.28
CA PHE A 62 0.74 -2.67 2.71
C PHE A 62 -0.60 -2.96 3.35
N THR A 63 -0.59 -3.73 4.45
CA THR A 63 -1.81 -4.06 5.14
C THR A 63 -1.81 -3.43 6.53
N ILE A 64 -2.12 -2.13 6.60
CA ILE A 64 -2.15 -1.42 7.85
C ILE A 64 -3.59 -1.28 8.32
N GLU A 65 -3.78 -0.60 9.46
CA GLU A 65 -5.11 -0.39 10.01
C GLU A 65 -5.26 1.05 10.47
N VAL A 66 -6.41 1.65 10.16
CA VAL A 66 -6.68 3.03 10.55
C VAL A 66 -8.07 3.13 11.16
N LYS A 67 -8.26 4.11 12.04
CA LYS A 67 -9.54 4.32 12.69
C LYS A 67 -10.36 5.34 11.91
N GLU A 68 -11.49 4.90 11.34
CA GLU A 68 -12.35 5.77 10.57
C GLU A 68 -13.51 6.24 11.44
N GLY A 69 -13.70 7.56 11.53
CA GLY A 69 -14.77 8.12 12.31
C GLY A 69 -14.78 7.52 13.71
N ASP A 70 -15.86 6.79 14.04
CA ASP A 70 -15.99 6.17 15.34
C ASP A 70 -15.74 4.67 15.21
N ALA A 71 -14.73 4.30 14.41
CA ALA A 71 -14.40 2.91 14.21
C ALA A 71 -12.97 2.79 13.69
N LYS A 72 -12.59 1.58 13.26
CA LYS A 72 -11.25 1.35 12.74
C LYS A 72 -11.18 -0.02 12.08
N LYS A 73 -10.35 -0.14 11.04
CA LYS A 73 -10.20 -1.39 10.33
C LYS A 73 -8.89 -1.39 9.57
N LEU A 74 -8.60 -2.49 8.87
CA LEU A 74 -7.37 -2.63 8.10
C LEU A 74 -7.58 -2.24 6.62
N TYR A 75 -6.64 -1.44 6.09
CA TYR A 75 -6.71 -0.99 4.72
C TYR A 75 -5.48 -1.46 3.96
N GLU A 76 -5.69 -2.12 2.82
CA GLU A 76 -4.59 -2.61 2.01
C GLU A 76 -4.07 -1.50 1.12
N ALA A 77 -3.04 -0.79 1.60
CA ALA A 77 -2.45 0.30 0.84
C ALA A 77 -1.50 -0.27 -0.20
N LYS A 78 -1.84 -0.09 -1.48
CA LYS A 78 -1.03 -0.57 -2.57
C LYS A 78 -0.43 0.61 -3.33
N VAL A 79 0.90 0.68 -3.38
CA VAL A 79 1.59 1.75 -4.07
C VAL A 79 2.52 1.17 -5.13
N TRP A 80 2.73 1.92 -6.21
CA TRP A 80 3.59 1.47 -7.29
C TRP A 80 4.72 2.47 -7.50
N GLU A 81 5.88 2.19 -6.93
CA GLU A 81 7.04 3.06 -7.05
C GLU A 81 8.07 2.42 -7.96
N LYS A 82 9.04 3.22 -8.42
CA LYS A 82 10.08 2.73 -9.29
C LYS A 82 11.39 3.45 -8.99
N PRO A 83 12.40 2.70 -8.54
CA PRO A 83 13.70 3.21 -8.21
C PRO A 83 14.45 3.58 -9.48
N TRP A 84 14.42 2.69 -10.48
CA TRP A 84 15.09 2.92 -11.74
C TRP A 84 14.78 4.33 -12.23
N MET A 85 13.76 4.96 -11.64
CA MET A 85 13.37 6.30 -12.02
C MET A 85 12.89 7.07 -10.79
N ASP A 86 13.06 6.47 -9.61
CA ASP A 86 12.64 7.09 -8.38
C ASP A 86 11.27 7.73 -8.56
N PHE A 87 10.23 6.91 -8.60
CA PHE A 87 8.87 7.40 -8.76
C PHE A 87 7.93 6.61 -7.85
N LYS A 88 6.65 7.01 -7.85
CA LYS A 88 5.66 6.35 -7.02
C LYS A 88 4.29 6.96 -7.27
N GLU A 89 3.24 6.15 -7.11
CA GLU A 89 1.88 6.62 -7.32
C GLU A 89 0.90 5.72 -6.58
N LEU A 90 0.09 6.32 -5.71
CA LEU A 90 -0.89 5.58 -4.92
C LEU A 90 -1.96 4.93 -5.80
N GLN A 91 -2.21 3.64 -5.57
CA GLN A 91 -3.21 2.89 -6.34
C GLN A 91 -4.50 2.79 -5.55
N GLU A 92 -4.38 2.51 -4.24
CA GLU A 92 -5.55 2.39 -3.39
C GLU A 92 -5.16 1.74 -2.07
N PHE A 93 -5.70 2.26 -0.97
CA PHE A 93 -5.40 1.73 0.35
C PHE A 93 -6.70 1.54 1.13
N LYS A 94 -7.29 0.34 1.05
CA LYS A 94 -8.52 0.04 1.75
C LYS A 94 -8.68 -1.46 1.88
N PRO A 95 -9.69 -1.88 2.66
CA PRO A 95 -10.00 -3.28 2.91
C PRO A 95 -10.62 -3.88 1.65
N VAL A 96 -10.69 -3.11 0.57
CA VAL A 96 -11.26 -3.57 -0.67
C VAL A 96 -10.45 -4.75 -1.20
N ASP A 97 -10.65 -5.92 -0.60
CA ASP A 97 -9.94 -7.12 -1.01
C ASP A 97 -10.36 -7.51 -2.42
N ALA A 98 -9.41 -7.52 -3.35
CA ALA A 98 -9.69 -7.88 -4.73
C ALA A 98 -10.62 -9.09 -4.77
N SER A 99 -10.11 -10.25 -4.39
CA SER A 99 -10.89 -11.47 -4.38
C SER A 99 -11.25 -11.85 -5.81
N ALA A 100 -10.52 -11.31 -6.78
CA ALA A 100 -10.76 -11.60 -8.18
C ALA A 100 -10.15 -12.95 -8.55
N ASN A 101 -9.02 -13.29 -7.92
CA ASN A 101 -8.34 -14.54 -8.18
C ASN A 101 -7.97 -14.63 -9.64
N ALA A 102 -7.82 -13.47 -10.30
CA ALA A 102 -7.47 -13.43 -11.71
C ALA A 102 -8.44 -14.27 -12.51
N MET A 1 -21.16 -7.24 -24.97
CA MET A 1 -20.18 -7.07 -26.03
C MET A 1 -18.80 -6.88 -25.41
N SER A 2 -18.57 -7.51 -24.26
CA SER A 2 -17.29 -7.41 -23.58
C SER A 2 -16.65 -8.78 -23.49
N SER A 3 -15.31 -8.81 -23.43
CA SER A 3 -14.58 -10.06 -23.34
C SER A 3 -13.08 -9.77 -23.27
N ASP A 4 -12.30 -10.79 -22.89
CA ASP A 4 -10.87 -10.65 -22.77
C ASP A 4 -10.53 -9.74 -21.60
N GLY A 5 -9.27 -9.81 -21.14
CA GLY A 5 -8.83 -9.00 -20.02
C GLY A 5 -8.44 -9.89 -18.86
N GLY A 6 -7.12 -10.10 -18.69
CA GLY A 6 -6.62 -10.93 -17.62
C GLY A 6 -5.12 -10.70 -17.43
N PRO A 7 -4.76 -9.97 -16.37
CA PRO A 7 -3.40 -9.64 -16.02
C PRO A 7 -2.70 -10.89 -15.50
N VAL A 8 -1.44 -11.07 -15.91
CA VAL A 8 -0.66 -12.22 -15.49
C VAL A 8 0.19 -11.84 -14.28
N LEU A 9 -0.01 -12.54 -13.17
CA LEU A 9 0.72 -12.28 -11.93
C LEU A 9 1.36 -13.56 -11.36
N GLY A 10 2.64 -13.45 -11.00
CA GLY A 10 3.38 -14.58 -10.45
C GLY A 10 4.60 -14.10 -9.68
N GLY A 11 4.61 -14.35 -8.37
CA GLY A 11 5.72 -13.93 -7.53
C GLY A 11 5.24 -12.97 -6.45
N VAL A 12 5.46 -13.34 -5.19
CA VAL A 12 5.05 -12.51 -4.07
C VAL A 12 5.97 -12.75 -2.89
N GLU A 13 6.45 -11.67 -2.27
CA GLU A 13 7.34 -11.76 -1.13
C GLU A 13 6.68 -11.15 0.09
N PRO A 14 6.11 -12.01 0.95
CA PRO A 14 5.44 -11.61 2.17
C PRO A 14 6.46 -11.16 3.19
N VAL A 15 6.18 -10.05 3.88
CA VAL A 15 7.08 -9.52 4.89
C VAL A 15 6.32 -8.57 5.81
N GLY A 16 7.06 -7.80 6.61
CA GLY A 16 6.46 -6.87 7.53
C GLY A 16 7.48 -6.38 8.55
N ASN A 17 7.63 -5.07 8.67
CA ASN A 17 8.57 -4.49 9.61
C ASN A 17 8.70 -2.99 9.35
N GLU A 18 8.03 -2.18 10.18
CA GLU A 18 8.07 -0.74 10.03
C GLU A 18 9.53 -0.27 10.01
N ASN A 19 10.43 -1.11 10.51
CA ASN A 19 11.85 -0.77 10.55
C ASN A 19 12.27 -0.18 9.21
N ASP A 20 11.61 -0.62 8.14
CA ASP A 20 11.93 -0.13 6.81
C ASP A 20 11.15 1.14 6.52
N LEU A 21 11.71 2.29 6.90
CA LEU A 21 11.07 3.58 6.70
C LEU A 21 10.36 3.67 5.35
N HIS A 22 11.03 3.14 4.31
CA HIS A 22 10.48 3.13 2.95
C HIS A 22 9.09 2.50 2.93
N LEU A 23 8.97 1.24 3.36
CA LEU A 23 7.70 0.52 3.35
C LEU A 23 6.58 1.35 3.99
N VAL A 24 6.81 1.78 5.23
CA VAL A 24 5.83 2.57 5.96
C VAL A 24 5.47 3.81 5.15
N ASP A 25 6.48 4.51 4.64
CA ASP A 25 6.27 5.70 3.86
C ASP A 25 5.10 5.49 2.90
N LEU A 26 5.07 4.34 2.24
CA LEU A 26 4.02 4.01 1.28
C LEU A 26 2.63 3.99 1.94
N ALA A 27 2.51 3.20 3.02
CA ALA A 27 1.25 3.09 3.73
C ALA A 27 0.82 4.45 4.25
N ARG A 28 1.75 5.17 4.89
CA ARG A 28 1.46 6.48 5.43
C ARG A 28 1.18 7.46 4.30
N PHE A 29 1.72 7.16 3.11
CA PHE A 29 1.53 8.01 1.94
C PHE A 29 0.10 7.87 1.43
N ALA A 30 -0.43 6.64 1.47
CA ALA A 30 -1.79 6.38 1.01
C ALA A 30 -2.77 7.20 1.83
N VAL A 31 -2.88 6.90 3.12
CA VAL A 31 -3.79 7.61 4.00
C VAL A 31 -3.64 9.11 3.79
N THR A 32 -2.41 9.56 3.53
CA THR A 32 -2.15 10.97 3.31
C THR A 32 -2.76 11.41 1.99
N GLU A 33 -2.14 10.98 0.88
CA GLU A 33 -2.63 11.33 -0.44
C GLU A 33 -4.15 11.22 -0.48
N HIS A 34 -4.68 10.09 -0.02
CA HIS A 34 -6.13 9.84 0.01
C HIS A 34 -6.83 10.91 0.87
N ASN A 35 -6.35 11.13 2.10
CA ASN A 35 -6.95 12.11 2.99
C ASN A 35 -6.80 13.50 2.41
N LYS A 36 -5.90 13.65 1.42
CA LYS A 36 -5.67 14.93 0.79
C LYS A 36 -6.85 15.29 -0.09
N LYS A 37 -7.32 14.34 -0.89
CA LYS A 37 -8.45 14.55 -1.78
C LYS A 37 -9.74 14.23 -1.05
N ALA A 38 -9.82 13.03 -0.49
CA ALA A 38 -11.02 12.60 0.22
C ALA A 38 -11.20 13.45 1.47
N ASN A 39 -10.34 14.46 1.64
CA ASN A 39 -10.42 15.33 2.79
C ASN A 39 -10.32 14.53 4.08
N SER A 40 -9.70 13.35 3.99
CA SER A 40 -9.54 12.49 5.14
C SER A 40 -10.86 11.82 5.48
N LEU A 41 -10.79 10.64 6.10
CA LEU A 41 -11.99 9.88 6.47
C LEU A 41 -11.70 8.85 7.56
N LEU A 42 -10.42 8.73 7.92
CA LEU A 42 -9.99 7.78 8.94
C LEU A 42 -8.87 8.35 9.83
N GLU A 43 -8.37 7.51 10.74
CA GLU A 43 -7.31 7.93 11.65
C GLU A 43 -6.25 6.84 11.75
N PHE A 44 -5.19 6.96 10.94
CA PHE A 44 -4.13 5.98 10.94
C PHE A 44 -3.70 5.68 12.38
N GLU A 45 -3.71 4.40 12.74
CA GLU A 45 -3.33 3.98 14.08
C GLU A 45 -1.88 3.48 14.07
N LYS A 46 -1.58 2.55 13.18
CA LYS A 46 -0.25 1.99 13.07
C LYS A 46 -0.20 0.99 11.93
N LEU A 47 0.94 0.30 11.79
CA LEU A 47 1.13 -0.68 10.72
C LEU A 47 0.82 -2.10 11.19
N VAL A 48 0.54 -2.99 10.23
CA VAL A 48 0.23 -4.37 10.54
C VAL A 48 1.16 -5.30 9.76
N SER A 49 1.25 -5.10 8.44
CA SER A 49 2.09 -5.91 7.60
C SER A 49 2.32 -5.21 6.27
N VAL A 50 3.16 -5.80 5.43
CA VAL A 50 3.46 -5.23 4.13
C VAL A 50 4.03 -6.31 3.21
N LYS A 51 3.74 -6.21 1.91
CA LYS A 51 4.23 -7.17 0.95
C LYS A 51 4.71 -6.45 -0.30
N GLN A 52 5.45 -7.17 -1.16
CA GLN A 52 5.98 -6.59 -2.38
C GLN A 52 5.72 -7.54 -3.54
N GLN A 53 5.61 -6.99 -4.75
CA GLN A 53 5.37 -7.78 -5.94
C GLN A 53 6.26 -7.29 -7.08
N VAL A 54 6.26 -8.03 -8.19
CA VAL A 54 7.06 -7.67 -9.35
C VAL A 54 6.23 -7.80 -10.61
N VAL A 55 6.12 -6.70 -11.37
CA VAL A 55 5.34 -6.70 -12.59
C VAL A 55 5.86 -5.60 -13.51
N ALA A 56 4.99 -4.64 -13.85
CA ALA A 56 5.36 -3.54 -14.72
C ALA A 56 6.13 -2.50 -13.93
N GLY A 57 6.63 -2.89 -12.75
CA GLY A 57 7.38 -1.98 -11.92
C GLY A 57 7.62 -2.60 -10.54
N THR A 58 7.31 -1.84 -9.49
CA THR A 58 7.48 -2.32 -8.13
C THR A 58 6.20 -2.12 -7.34
N LEU A 59 5.50 -3.22 -7.04
CA LEU A 59 4.25 -3.17 -6.29
C LEU A 59 4.45 -3.50 -4.81
N TYR A 60 3.71 -2.80 -3.94
CA TYR A 60 3.81 -3.01 -2.52
C TYR A 60 2.44 -2.83 -1.88
N TYR A 61 1.84 -3.94 -1.43
CA TYR A 61 0.53 -3.90 -0.80
C TYR A 61 0.69 -3.94 0.71
N PHE A 62 0.67 -2.77 1.35
CA PHE A 62 0.81 -2.68 2.79
C PHE A 62 -0.54 -2.90 3.45
N THR A 63 -0.53 -3.27 4.74
CA THR A 63 -1.75 -3.52 5.47
C THR A 63 -1.74 -2.73 6.78
N ILE A 64 -2.21 -1.49 6.73
CA ILE A 64 -2.27 -0.64 7.91
C ILE A 64 -3.67 -0.64 8.49
N GLU A 65 -3.76 -0.48 9.81
CA GLU A 65 -5.05 -0.46 10.48
C GLU A 65 -5.35 0.94 10.99
N VAL A 66 -6.53 1.46 10.65
CA VAL A 66 -6.94 2.79 11.06
C VAL A 66 -8.41 2.77 11.46
N LYS A 67 -8.77 3.61 12.43
CA LYS A 67 -10.15 3.69 12.90
C LYS A 67 -10.91 4.73 12.09
N GLU A 68 -11.88 4.28 11.30
CA GLU A 68 -12.67 5.18 10.48
C GLU A 68 -13.96 5.54 11.21
N GLY A 69 -14.24 6.84 11.34
CA GLY A 69 -15.44 7.31 12.01
C GLY A 69 -15.61 6.59 13.35
N ASP A 70 -16.68 5.81 13.48
CA ASP A 70 -16.95 5.08 14.70
C ASP A 70 -16.61 3.61 14.51
N ALA A 71 -15.49 3.33 13.82
CA ALA A 71 -15.06 1.98 13.58
C ALA A 71 -13.58 1.96 13.23
N LYS A 72 -13.10 0.81 12.73
CA LYS A 72 -11.71 0.67 12.37
C LYS A 72 -11.51 -0.59 11.55
N LYS A 73 -10.62 -0.52 10.54
CA LYS A 73 -10.35 -1.65 9.69
C LYS A 73 -9.01 -1.47 9.00
N LEU A 74 -8.38 -2.58 8.60
CA LEU A 74 -7.08 -2.54 7.93
C LEU A 74 -7.21 -2.23 6.44
N TYR A 75 -6.62 -1.12 6.02
CA TYR A 75 -6.67 -0.70 4.63
C TYR A 75 -5.42 -1.18 3.90
N GLU A 76 -5.61 -1.96 2.84
CA GLU A 76 -4.50 -2.49 2.07
C GLU A 76 -3.99 -1.40 1.11
N ALA A 77 -2.99 -0.64 1.56
CA ALA A 77 -2.42 0.42 0.75
C ALA A 77 -1.46 -0.19 -0.28
N LYS A 78 -1.68 0.14 -1.56
CA LYS A 78 -0.84 -0.37 -2.62
C LYS A 78 -0.21 0.79 -3.38
N VAL A 79 1.13 0.83 -3.41
CA VAL A 79 1.85 1.89 -4.09
C VAL A 79 2.69 1.28 -5.21
N TRP A 80 2.79 2.01 -6.33
CA TRP A 80 3.57 1.55 -7.46
C TRP A 80 4.73 2.50 -7.73
N GLU A 81 5.92 2.11 -7.29
CA GLU A 81 7.10 2.94 -7.48
C GLU A 81 8.07 2.25 -8.45
N LYS A 82 9.04 3.01 -8.94
CA LYS A 82 10.03 2.46 -9.87
C LYS A 82 11.38 3.13 -9.64
N PRO A 83 12.38 2.33 -9.26
CA PRO A 83 13.73 2.78 -9.01
C PRO A 83 14.41 3.14 -10.32
N TRP A 84 14.28 2.27 -11.33
CA TRP A 84 14.88 2.51 -12.62
C TRP A 84 14.58 3.94 -13.08
N MET A 85 13.63 4.59 -12.41
CA MET A 85 13.25 5.95 -12.74
C MET A 85 12.89 6.72 -11.48
N ASP A 86 13.11 6.10 -10.32
CA ASP A 86 12.81 6.72 -9.05
C ASP A 86 11.46 7.42 -9.13
N PHE A 87 10.38 6.65 -9.04
CA PHE A 87 9.04 7.21 -9.11
C PHE A 87 8.11 6.44 -8.18
N LYS A 88 6.87 6.89 -8.06
CA LYS A 88 5.89 6.25 -7.20
C LYS A 88 4.56 6.97 -7.30
N GLU A 89 3.47 6.24 -7.07
CA GLU A 89 2.14 6.81 -7.13
C GLU A 89 1.14 5.89 -6.46
N LEU A 90 0.50 6.38 -5.39
CA LEU A 90 -0.47 5.59 -4.64
C LEU A 90 -1.59 5.05 -5.53
N GLN A 91 -1.85 3.75 -5.44
CA GLN A 91 -2.88 3.10 -6.24
C GLN A 91 -4.19 3.08 -5.46
N GLU A 92 -4.12 2.74 -4.18
CA GLU A 92 -5.29 2.69 -3.34
C GLU A 92 -4.98 1.93 -2.05
N PHE A 93 -5.61 2.34 -0.95
CA PHE A 93 -5.40 1.71 0.34
C PHE A 93 -6.74 1.52 1.05
N LYS A 94 -7.25 0.29 1.06
CA LYS A 94 -8.51 -0.01 1.71
C LYS A 94 -8.60 -1.50 1.99
N PRO A 95 -9.51 -1.88 2.89
CA PRO A 95 -9.76 -3.25 3.28
C PRO A 95 -10.46 -3.99 2.15
N VAL A 96 -10.70 -3.29 1.04
CA VAL A 96 -11.36 -3.88 -0.11
C VAL A 96 -12.60 -4.63 0.35
N ASP A 97 -13.70 -3.91 0.54
CA ASP A 97 -14.95 -4.50 0.97
C ASP A 97 -15.91 -4.61 -0.21
N ALA A 98 -15.71 -5.64 -1.04
CA ALA A 98 -16.56 -5.85 -2.20
C ALA A 98 -16.04 -7.03 -3.00
N SER A 99 -16.94 -7.94 -3.38
CA SER A 99 -16.57 -9.11 -4.15
C SER A 99 -15.74 -10.05 -3.29
N ALA A 100 -14.52 -9.64 -2.97
CA ALA A 100 -13.63 -10.43 -2.15
C ALA A 100 -13.24 -11.70 -2.91
N ASN A 101 -12.55 -12.62 -2.22
CA ASN A 101 -12.12 -13.85 -2.84
C ASN A 101 -11.17 -13.58 -3.98
N ALA A 102 -10.55 -14.63 -4.53
CA ALA A 102 -9.63 -14.48 -5.63
C ALA A 102 -9.30 -15.86 -6.21
N MET A 1 30.59 4.34 -21.08
CA MET A 1 29.48 5.26 -21.22
C MET A 1 28.18 4.57 -20.81
N SER A 2 28.28 3.56 -19.96
CA SER A 2 27.11 2.84 -19.49
C SER A 2 27.35 2.33 -18.08
N SER A 3 26.28 1.84 -17.44
CA SER A 3 26.37 1.32 -16.09
C SER A 3 26.20 -0.19 -16.10
N ASP A 4 26.75 -0.86 -15.09
CA ASP A 4 26.65 -2.30 -14.98
C ASP A 4 25.27 -2.69 -14.46
N GLY A 5 24.77 -3.85 -14.90
CA GLY A 5 23.47 -4.32 -14.48
C GLY A 5 23.53 -5.79 -14.10
N GLY A 6 22.69 -6.20 -13.15
CA GLY A 6 22.66 -7.58 -12.71
C GLY A 6 21.24 -8.11 -12.73
N PRO A 7 21.04 -9.34 -12.22
CA PRO A 7 19.76 -9.99 -12.17
C PRO A 7 18.89 -9.34 -11.10
N VAL A 8 17.58 -9.26 -11.36
CA VAL A 8 16.65 -8.65 -10.43
C VAL A 8 16.23 -9.69 -9.39
N LEU A 9 16.08 -9.24 -8.14
CA LEU A 9 15.69 -10.12 -7.04
C LEU A 9 14.29 -10.70 -7.24
N GLY A 10 13.98 -11.76 -6.49
CA GLY A 10 12.69 -12.41 -6.59
C GLY A 10 11.63 -11.62 -5.84
N GLY A 11 10.54 -11.27 -6.54
CA GLY A 11 9.47 -10.50 -5.93
C GLY A 11 8.41 -11.43 -5.36
N VAL A 12 7.16 -10.99 -5.36
CA VAL A 12 6.06 -11.77 -4.84
C VAL A 12 6.49 -12.46 -3.55
N GLU A 13 6.42 -11.74 -2.42
CA GLU A 13 6.79 -12.29 -1.14
C GLU A 13 6.32 -11.37 -0.02
N PRO A 14 5.78 -11.96 1.04
CA PRO A 14 5.27 -11.25 2.20
C PRO A 14 6.45 -10.69 3.01
N VAL A 15 6.21 -9.60 3.73
CA VAL A 15 7.24 -8.98 4.54
C VAL A 15 6.60 -8.09 5.60
N GLY A 16 7.36 -7.13 6.12
CA GLY A 16 6.86 -6.23 7.14
C GLY A 16 8.02 -5.49 7.80
N ASN A 17 8.04 -5.48 9.13
CA ASN A 17 9.08 -4.80 9.87
C ASN A 17 9.02 -3.31 9.61
N GLU A 18 8.13 -2.62 10.31
CA GLU A 18 7.97 -1.18 10.15
C GLU A 18 9.33 -0.50 10.17
N ASN A 19 10.31 -1.16 10.81
CA ASN A 19 11.66 -0.62 10.90
C ASN A 19 12.08 -0.04 9.56
N ASP A 20 11.43 -0.50 8.48
CA ASP A 20 11.74 -0.03 7.15
C ASP A 20 10.96 1.25 6.86
N LEU A 21 11.54 2.40 7.22
CA LEU A 21 10.89 3.70 7.02
C LEU A 21 10.19 3.77 5.66
N HIS A 22 10.89 3.31 4.61
CA HIS A 22 10.34 3.32 3.25
C HIS A 22 8.96 2.63 3.22
N LEU A 23 8.88 1.39 3.68
CA LEU A 23 7.63 0.63 3.67
C LEU A 23 6.47 1.44 4.27
N VAL A 24 6.63 1.86 5.52
CA VAL A 24 5.61 2.63 6.21
C VAL A 24 5.25 3.85 5.38
N ASP A 25 6.25 4.57 4.89
CA ASP A 25 6.03 5.75 4.09
C ASP A 25 4.92 5.49 3.08
N LEU A 26 4.94 4.31 2.46
CA LEU A 26 3.94 3.94 1.46
C LEU A 26 2.53 3.92 2.05
N ALA A 27 2.35 3.16 3.13
CA ALA A 27 1.07 3.05 3.79
C ALA A 27 0.64 4.40 4.34
N ARG A 28 1.52 5.02 5.14
CA ARG A 28 1.24 6.32 5.72
C ARG A 28 0.97 7.33 4.62
N PHE A 29 1.56 7.11 3.45
CA PHE A 29 1.38 8.01 2.33
C PHE A 29 -0.05 7.94 1.82
N ALA A 30 -0.54 6.71 1.59
CA ALA A 30 -1.90 6.51 1.11
C ALA A 30 -2.87 7.31 1.96
N VAL A 31 -3.00 6.92 3.23
CA VAL A 31 -3.90 7.60 4.14
C VAL A 31 -3.83 9.10 3.91
N THR A 32 -2.62 9.62 3.73
CA THR A 32 -2.42 11.04 3.51
C THR A 32 -3.03 11.44 2.17
N GLU A 33 -2.50 10.87 1.08
CA GLU A 33 -3.00 11.18 -0.25
C GLU A 33 -4.52 11.20 -0.25
N HIS A 34 -5.13 10.11 0.22
CA HIS A 34 -6.59 9.99 0.30
C HIS A 34 -7.18 11.18 1.08
N ASN A 35 -6.67 11.44 2.29
CA ASN A 35 -7.17 12.53 3.10
C ASN A 35 -7.06 13.84 2.34
N LYS A 36 -6.18 13.87 1.34
CA LYS A 36 -5.98 15.06 0.54
C LYS A 36 -7.20 15.33 -0.32
N LYS A 37 -7.60 14.34 -1.12
CA LYS A 37 -8.76 14.46 -1.98
C LYS A 37 -10.03 14.14 -1.20
N ALA A 38 -9.87 13.77 0.07
CA ALA A 38 -11.00 13.44 0.91
C ALA A 38 -10.99 14.32 2.16
N ASN A 39 -10.21 15.40 2.12
CA ASN A 39 -10.12 16.32 3.24
C ASN A 39 -10.02 15.54 4.53
N SER A 40 -9.36 14.37 4.48
CA SER A 40 -9.19 13.54 5.66
C SER A 40 -10.52 12.90 6.03
N LEU A 41 -10.47 11.71 6.63
CA LEU A 41 -11.67 10.98 7.04
C LEU A 41 -11.37 9.93 8.11
N LEU A 42 -10.10 9.50 8.17
CA LEU A 42 -9.67 8.49 9.13
C LEU A 42 -8.41 8.93 9.89
N GLU A 43 -8.00 8.10 10.85
CA GLU A 43 -6.82 8.40 11.65
C GLU A 43 -5.93 7.17 11.72
N PHE A 44 -4.94 7.10 10.82
CA PHE A 44 -4.02 5.98 10.78
C PHE A 44 -3.54 5.66 12.20
N GLU A 45 -3.56 4.38 12.55
CA GLU A 45 -3.12 3.95 13.86
C GLU A 45 -1.70 3.40 13.79
N LYS A 46 -1.45 2.50 12.83
CA LYS A 46 -0.14 1.91 12.65
C LYS A 46 -0.17 0.95 11.46
N LEU A 47 0.92 0.20 11.29
CA LEU A 47 1.04 -0.74 10.18
C LEU A 47 1.20 -2.18 10.67
N VAL A 48 0.58 -3.12 9.96
CA VAL A 48 0.65 -4.53 10.32
C VAL A 48 1.76 -5.20 9.53
N SER A 49 1.64 -5.21 8.21
CA SER A 49 2.63 -5.82 7.35
C SER A 49 2.49 -5.29 5.93
N VAL A 50 3.27 -5.86 5.01
CA VAL A 50 3.23 -5.44 3.62
C VAL A 50 3.81 -6.53 2.74
N LYS A 51 3.51 -6.48 1.44
CA LYS A 51 4.01 -7.46 0.50
C LYS A 51 4.81 -6.77 -0.60
N GLN A 52 5.35 -7.56 -1.53
CA GLN A 52 6.14 -7.02 -2.62
C GLN A 52 5.95 -7.88 -3.87
N GLN A 53 5.58 -7.24 -4.98
CA GLN A 53 5.36 -7.94 -6.23
C GLN A 53 6.20 -7.32 -7.33
N VAL A 54 6.69 -8.14 -8.27
CA VAL A 54 7.49 -7.66 -9.37
C VAL A 54 6.70 -7.75 -10.67
N VAL A 55 6.58 -6.62 -11.38
CA VAL A 55 5.85 -6.58 -12.63
C VAL A 55 6.37 -5.45 -13.48
N ALA A 56 5.50 -4.49 -13.81
CA ALA A 56 5.87 -3.36 -14.63
C ALA A 56 6.59 -2.32 -13.77
N GLY A 57 7.08 -2.75 -12.61
CA GLY A 57 7.79 -1.86 -11.71
C GLY A 57 7.97 -2.52 -10.35
N THR A 58 7.68 -1.77 -9.28
CA THR A 58 7.81 -2.29 -7.93
C THR A 58 6.52 -2.10 -7.17
N LEU A 59 5.77 -3.18 -6.98
CA LEU A 59 4.49 -3.14 -6.28
C LEU A 59 4.61 -3.60 -4.83
N TYR A 60 3.95 -2.87 -3.92
CA TYR A 60 3.99 -3.20 -2.50
C TYR A 60 2.58 -3.13 -1.92
N TYR A 61 2.12 -4.24 -1.36
CA TYR A 61 0.79 -4.31 -0.77
C TYR A 61 0.89 -4.17 0.74
N PHE A 62 0.68 -2.95 1.24
CA PHE A 62 0.75 -2.70 2.67
C PHE A 62 -0.61 -2.99 3.32
N THR A 63 -0.57 -3.58 4.51
CA THR A 63 -1.79 -3.92 5.23
C THR A 63 -1.78 -3.26 6.60
N ILE A 64 -2.11 -1.96 6.65
CA ILE A 64 -2.14 -1.23 7.89
C ILE A 64 -3.58 -1.12 8.38
N GLU A 65 -3.76 -0.49 9.54
CA GLU A 65 -5.09 -0.32 10.12
C GLU A 65 -5.26 1.12 10.59
N VAL A 66 -6.43 1.70 10.30
CA VAL A 66 -6.72 3.07 10.70
C VAL A 66 -8.15 3.15 11.24
N LYS A 67 -8.38 4.04 12.21
CA LYS A 67 -9.68 4.21 12.79
C LYS A 67 -10.46 5.28 12.03
N GLU A 68 -11.61 4.91 11.48
CA GLU A 68 -12.43 5.84 10.72
C GLU A 68 -13.24 6.70 11.68
N GLY A 69 -14.25 7.39 11.15
CA GLY A 69 -15.09 8.25 11.96
C GLY A 69 -15.24 7.68 13.35
N ASP A 70 -16.13 6.70 13.51
CA ASP A 70 -16.36 6.07 14.80
C ASP A 70 -16.10 4.57 14.69
N ALA A 71 -15.10 4.20 13.89
CA ALA A 71 -14.75 2.80 13.72
C ALA A 71 -13.25 2.69 13.42
N LYS A 72 -12.83 1.52 12.94
CA LYS A 72 -11.44 1.28 12.63
C LYS A 72 -11.28 -0.09 12.00
N LYS A 73 -10.43 -0.19 10.97
CA LYS A 73 -10.19 -1.44 10.29
C LYS A 73 -8.87 -1.37 9.52
N LEU A 74 -8.51 -2.46 8.86
CA LEU A 74 -7.26 -2.54 8.10
C LEU A 74 -7.47 -2.22 6.62
N TYR A 75 -6.61 -1.36 6.07
CA TYR A 75 -6.70 -0.98 4.67
C TYR A 75 -5.47 -1.46 3.92
N GLU A 76 -5.69 -2.11 2.78
CA GLU A 76 -4.60 -2.62 1.96
C GLU A 76 -4.06 -1.51 1.07
N ALA A 77 -3.04 -0.80 1.56
CA ALA A 77 -2.44 0.28 0.80
C ALA A 77 -1.48 -0.29 -0.24
N LYS A 78 -1.86 -0.18 -1.51
CA LYS A 78 -1.04 -0.69 -2.60
C LYS A 78 -0.41 0.47 -3.35
N VAL A 79 0.93 0.51 -3.37
CA VAL A 79 1.64 1.57 -4.07
C VAL A 79 2.44 0.98 -5.22
N TRP A 80 3.03 1.85 -6.04
CA TRP A 80 3.81 1.41 -7.18
C TRP A 80 4.93 2.42 -7.46
N GLU A 81 6.12 2.14 -6.94
CA GLU A 81 7.26 3.02 -7.16
C GLU A 81 8.28 2.34 -8.06
N LYS A 82 9.22 3.13 -8.59
CA LYS A 82 10.25 2.61 -9.47
C LYS A 82 11.57 3.30 -9.18
N PRO A 83 12.58 2.53 -8.78
CA PRO A 83 13.91 3.01 -8.47
C PRO A 83 14.63 3.38 -9.75
N TRP A 84 14.54 2.52 -10.76
CA TRP A 84 15.19 2.77 -12.04
C TRP A 84 14.88 4.20 -12.50
N MET A 85 13.88 4.82 -11.86
CA MET A 85 13.50 6.18 -12.22
C MET A 85 13.05 6.93 -10.97
N ASP A 86 13.26 6.32 -9.80
CA ASP A 86 12.89 6.93 -8.54
C ASP A 86 11.52 7.60 -8.68
N PHE A 87 10.46 6.78 -8.69
CA PHE A 87 9.12 7.29 -8.81
C PHE A 87 8.18 6.52 -7.89
N LYS A 88 6.91 6.92 -7.85
CA LYS A 88 5.92 6.26 -7.01
C LYS A 88 4.55 6.90 -7.21
N GLU A 89 3.50 6.11 -7.03
CA GLU A 89 2.15 6.60 -7.20
C GLU A 89 1.17 5.70 -6.47
N LEU A 90 0.26 6.30 -5.69
CA LEU A 90 -0.73 5.55 -4.93
C LEU A 90 -1.79 4.91 -5.83
N GLN A 91 -2.04 3.61 -5.60
CA GLN A 91 -3.02 2.88 -6.40
C GLN A 91 -4.33 2.81 -5.64
N GLU A 92 -4.26 2.51 -4.33
CA GLU A 92 -5.44 2.41 -3.50
C GLU A 92 -5.11 1.72 -2.19
N PHE A 93 -5.62 2.25 -1.08
CA PHE A 93 -5.37 1.68 0.22
C PHE A 93 -6.69 1.48 0.96
N LYS A 94 -7.28 0.29 0.82
CA LYS A 94 -8.54 -0.02 1.47
C LYS A 94 -8.72 -1.54 1.54
N PRO A 95 -9.61 -1.98 2.44
CA PRO A 95 -9.91 -3.38 2.65
C PRO A 95 -10.72 -3.92 1.47
N VAL A 96 -10.91 -3.07 0.45
CA VAL A 96 -11.67 -3.46 -0.72
C VAL A 96 -13.03 -3.97 -0.31
N ASP A 97 -14.03 -3.07 -0.30
CA ASP A 97 -15.38 -3.43 0.08
C ASP A 97 -15.85 -4.62 -0.75
N ALA A 98 -16.98 -5.21 -0.37
CA ALA A 98 -17.53 -6.35 -1.07
C ALA A 98 -19.01 -6.14 -1.33
N SER A 99 -19.62 -7.05 -2.09
CA SER A 99 -21.03 -6.95 -2.41
C SER A 99 -21.85 -7.63 -1.32
N ALA A 100 -21.27 -7.76 -0.13
CA ALA A 100 -21.95 -8.38 1.00
C ALA A 100 -23.34 -7.78 1.16
N ASN A 101 -24.36 -8.60 0.96
CA ASN A 101 -25.74 -8.14 1.08
C ASN A 101 -26.01 -7.03 0.08
N ALA A 102 -26.62 -7.39 -1.06
CA ALA A 102 -26.93 -6.42 -2.09
C ALA A 102 -25.66 -5.72 -2.54
N MET A 1 -18.17 -6.53 -19.18
CA MET A 1 -17.86 -6.12 -20.54
C MET A 1 -16.68 -6.93 -21.07
N SER A 2 -15.52 -6.79 -20.41
CA SER A 2 -14.33 -7.50 -20.81
C SER A 2 -13.21 -7.24 -19.81
N SER A 3 -12.74 -8.31 -19.16
CA SER A 3 -11.67 -8.19 -18.18
C SER A 3 -11.14 -9.57 -17.83
N ASP A 4 -10.03 -9.96 -18.46
CA ASP A 4 -9.42 -11.25 -18.22
C ASP A 4 -7.95 -11.08 -17.90
N GLY A 5 -7.50 -11.63 -16.76
CA GLY A 5 -6.12 -11.52 -16.36
C GLY A 5 -5.79 -12.60 -15.34
N GLY A 6 -4.59 -13.18 -15.44
CA GLY A 6 -4.16 -14.21 -14.53
C GLY A 6 -2.89 -13.79 -13.80
N PRO A 7 -2.96 -13.68 -12.47
CA PRO A 7 -1.86 -13.30 -11.62
C PRO A 7 -0.84 -14.43 -11.55
N VAL A 8 -0.85 -15.31 -12.56
CA VAL A 8 0.07 -16.42 -12.61
C VAL A 8 1.43 -15.96 -13.10
N LEU A 9 1.61 -14.64 -13.19
CA LEU A 9 2.87 -14.06 -13.66
C LEU A 9 3.47 -13.09 -12.64
N GLY A 10 4.80 -13.11 -12.53
CA GLY A 10 5.50 -12.25 -11.60
C GLY A 10 5.84 -13.01 -10.33
N GLY A 11 5.56 -12.41 -9.17
CA GLY A 11 5.85 -13.03 -7.90
C GLY A 11 5.44 -12.12 -6.75
N VAL A 12 5.18 -12.70 -5.58
CA VAL A 12 4.78 -11.94 -4.42
C VAL A 12 5.46 -12.50 -3.18
N GLU A 13 6.17 -11.64 -2.44
CA GLU A 13 6.86 -12.07 -1.24
C GLU A 13 6.22 -11.40 -0.01
N PRO A 14 5.81 -12.20 0.96
CA PRO A 14 5.19 -11.75 2.19
C PRO A 14 6.24 -11.11 3.08
N VAL A 15 5.95 -9.88 3.54
CA VAL A 15 6.88 -9.16 4.39
C VAL A 15 6.10 -8.41 5.46
N GLY A 16 6.73 -7.41 6.09
CA GLY A 16 6.10 -6.63 7.13
C GLY A 16 7.14 -6.13 8.12
N ASN A 17 7.13 -4.82 8.38
CA ASN A 17 8.07 -4.22 9.30
C ASN A 17 8.05 -2.70 9.16
N GLU A 18 7.63 -2.01 10.22
CA GLU A 18 7.56 -0.57 10.21
C GLU A 18 8.95 0.03 10.35
N ASN A 19 9.84 -0.71 11.03
CA ASN A 19 11.21 -0.26 11.24
C ASN A 19 11.77 0.30 9.95
N ASP A 20 11.22 -0.15 8.81
CA ASP A 20 11.67 0.31 7.51
C ASP A 20 10.86 1.52 7.09
N LEU A 21 11.35 2.72 7.43
CA LEU A 21 10.67 3.97 7.10
C LEU A 21 10.06 3.94 5.70
N HIS A 22 10.85 3.44 4.73
CA HIS A 22 10.41 3.34 3.34
C HIS A 22 9.03 2.66 3.25
N LEU A 23 8.91 1.43 3.75
CA LEU A 23 7.65 0.69 3.70
C LEU A 23 6.48 1.51 4.25
N VAL A 24 6.63 2.01 5.47
CA VAL A 24 5.61 2.80 6.11
C VAL A 24 5.25 3.98 5.24
N ASP A 25 6.27 4.68 4.74
CA ASP A 25 6.07 5.84 3.88
C ASP A 25 4.96 5.56 2.88
N LEU A 26 4.99 4.36 2.28
CA LEU A 26 3.99 3.96 1.29
C LEU A 26 2.57 3.94 1.87
N ALA A 27 2.41 3.20 2.97
CA ALA A 27 1.11 3.09 3.62
C ALA A 27 0.67 4.46 4.12
N ARG A 28 1.54 5.13 4.88
CA ARG A 28 1.23 6.43 5.42
C ARG A 28 0.97 7.41 4.28
N PHE A 29 1.60 7.17 3.13
CA PHE A 29 1.42 8.03 1.97
C PHE A 29 0.00 7.91 1.45
N ALA A 30 -0.50 6.68 1.34
CA ALA A 30 -1.84 6.44 0.85
C ALA A 30 -2.84 7.27 1.65
N VAL A 31 -2.98 6.95 2.94
CA VAL A 31 -3.89 7.66 3.81
C VAL A 31 -3.72 9.16 3.62
N THR A 32 -2.49 9.60 3.41
CA THR A 32 -2.20 11.01 3.20
C THR A 32 -2.82 11.48 1.89
N GLU A 33 -2.25 11.03 0.77
CA GLU A 33 -2.75 11.41 -0.54
C GLU A 33 -4.27 11.35 -0.55
N HIS A 34 -4.82 10.28 0.02
CA HIS A 34 -6.28 10.09 0.08
C HIS A 34 -6.92 11.21 0.92
N ASN A 35 -6.43 11.42 2.15
CA ASN A 35 -6.98 12.45 3.02
C ASN A 35 -6.77 13.81 2.40
N LYS A 36 -5.83 13.91 1.46
CA LYS A 36 -5.53 15.17 0.80
C LYS A 36 -6.69 15.56 -0.11
N LYS A 37 -7.17 14.59 -0.89
CA LYS A 37 -8.27 14.83 -1.81
C LYS A 37 -9.60 14.58 -1.10
N ALA A 38 -9.78 13.38 -0.56
CA ALA A 38 -11.00 13.03 0.13
C ALA A 38 -11.10 13.82 1.42
N ASN A 39 -10.38 14.94 1.50
CA ASN A 39 -10.39 15.78 2.69
C ASN A 39 -10.34 14.92 3.94
N SER A 40 -9.57 13.83 3.87
CA SER A 40 -9.44 12.93 5.01
C SER A 40 -10.77 12.22 5.26
N LEU A 41 -10.69 11.00 5.79
CA LEU A 41 -11.89 10.20 6.07
C LEU A 41 -11.61 9.09 7.09
N LEU A 42 -10.36 9.02 7.55
CA LEU A 42 -9.94 8.00 8.52
C LEU A 42 -8.83 8.52 9.43
N GLU A 43 -8.32 7.64 10.29
CA GLU A 43 -7.27 7.98 11.22
C GLU A 43 -6.26 6.84 11.33
N PHE A 44 -5.17 6.94 10.58
CA PHE A 44 -4.14 5.92 10.59
C PHE A 44 -3.68 5.68 12.02
N GLU A 45 -3.68 4.41 12.44
CA GLU A 45 -3.26 4.06 13.79
C GLU A 45 -1.83 3.50 13.75
N LYS A 46 -1.60 2.53 12.87
CA LYS A 46 -0.28 1.92 12.73
C LYS A 46 -0.28 0.94 11.57
N LEU A 47 0.84 0.25 11.37
CA LEU A 47 0.99 -0.72 10.29
C LEU A 47 1.12 -2.15 10.81
N VAL A 48 0.65 -3.11 10.02
CA VAL A 48 0.70 -4.51 10.38
C VAL A 48 1.81 -5.20 9.62
N SER A 49 1.65 -5.30 8.29
CA SER A 49 2.63 -5.92 7.44
C SER A 49 2.60 -5.32 6.04
N VAL A 50 3.40 -5.86 5.13
CA VAL A 50 3.45 -5.37 3.77
C VAL A 50 4.04 -6.43 2.86
N LYS A 51 3.59 -6.47 1.61
CA LYS A 51 4.09 -7.43 0.64
C LYS A 51 4.83 -6.72 -0.47
N GLN A 52 5.33 -7.49 -1.44
CA GLN A 52 6.06 -6.93 -2.56
C GLN A 52 5.77 -7.72 -3.82
N GLN A 53 5.38 -7.02 -4.89
CA GLN A 53 5.07 -7.67 -6.15
C GLN A 53 5.97 -7.12 -7.25
N VAL A 54 6.36 -7.98 -8.20
CA VAL A 54 7.22 -7.58 -9.29
C VAL A 54 6.47 -7.69 -10.60
N VAL A 55 6.34 -6.57 -11.32
CA VAL A 55 5.65 -6.56 -12.59
C VAL A 55 6.19 -5.44 -13.46
N ALA A 56 5.35 -4.45 -13.78
CA ALA A 56 5.75 -3.33 -14.60
C ALA A 56 6.53 -2.33 -13.76
N GLY A 57 7.03 -2.77 -12.60
CA GLY A 57 7.77 -1.91 -11.72
C GLY A 57 7.97 -2.58 -10.37
N THR A 58 7.73 -1.82 -9.30
CA THR A 58 7.87 -2.34 -7.95
C THR A 58 6.65 -1.99 -7.11
N LEU A 59 5.77 -2.97 -6.89
CA LEU A 59 4.55 -2.77 -6.12
C LEU A 59 4.66 -3.33 -4.70
N TYR A 60 4.06 -2.64 -3.74
CA TYR A 60 4.10 -3.06 -2.35
C TYR A 60 2.69 -3.01 -1.77
N TYR A 61 2.22 -4.14 -1.23
CA TYR A 61 0.90 -4.22 -0.64
C TYR A 61 1.01 -4.11 0.88
N PHE A 62 0.79 -2.91 1.41
CA PHE A 62 0.86 -2.68 2.83
C PHE A 62 -0.50 -2.94 3.47
N THR A 63 -0.49 -3.57 4.64
CA THR A 63 -1.73 -3.88 5.35
C THR A 63 -1.73 -3.20 6.71
N ILE A 64 -2.09 -1.92 6.74
CA ILE A 64 -2.13 -1.16 7.97
C ILE A 64 -3.57 -1.07 8.47
N GLU A 65 -3.75 -0.70 9.74
CA GLU A 65 -5.06 -0.57 10.33
C GLU A 65 -5.33 0.87 10.72
N VAL A 66 -6.52 1.38 10.37
CA VAL A 66 -6.88 2.74 10.68
C VAL A 66 -8.34 2.80 11.11
N LYS A 67 -8.64 3.59 12.15
CA LYS A 67 -10.00 3.72 12.64
C LYS A 67 -10.51 5.13 12.39
N GLU A 68 -11.83 5.28 12.31
CA GLU A 68 -12.44 6.58 12.07
C GLU A 68 -13.46 6.87 13.15
N GLY A 69 -14.29 7.89 12.92
CA GLY A 69 -15.31 8.27 13.88
C GLY A 69 -15.97 7.04 14.47
N ASP A 70 -16.47 6.15 13.60
CA ASP A 70 -17.12 4.93 14.04
C ASP A 70 -16.60 3.75 13.22
N ALA A 71 -15.38 3.88 12.70
CA ALA A 71 -14.78 2.82 11.91
C ALA A 71 -13.48 2.36 12.55
N LYS A 72 -12.99 1.19 12.15
CA LYS A 72 -11.76 0.65 12.69
C LYS A 72 -11.48 -0.71 12.07
N LYS A 73 -10.55 -0.76 11.12
CA LYS A 73 -10.20 -2.00 10.46
C LYS A 73 -8.83 -1.87 9.81
N LEU A 74 -8.57 -2.69 8.79
CA LEU A 74 -7.29 -2.67 8.07
C LEU A 74 -7.47 -2.38 6.59
N TYR A 75 -6.62 -1.49 6.06
CA TYR A 75 -6.68 -1.11 4.67
C TYR A 75 -5.41 -1.55 3.96
N GLU A 76 -5.56 -2.18 2.79
CA GLU A 76 -4.43 -2.66 2.03
C GLU A 76 -3.92 -1.54 1.12
N ALA A 77 -2.93 -0.79 1.58
CA ALA A 77 -2.36 0.30 0.81
C ALA A 77 -1.39 -0.25 -0.22
N LYS A 78 -1.67 0.02 -1.50
CA LYS A 78 -0.82 -0.45 -2.58
C LYS A 78 -0.21 0.73 -3.32
N VAL A 79 1.12 0.84 -3.30
CA VAL A 79 1.81 1.93 -3.96
C VAL A 79 2.79 1.36 -4.99
N TRP A 80 2.72 1.85 -6.23
CA TRP A 80 3.60 1.39 -7.27
C TRP A 80 4.71 2.40 -7.50
N GLU A 81 5.92 2.07 -7.03
CA GLU A 81 7.06 2.95 -7.18
C GLU A 81 8.13 2.26 -8.02
N LYS A 82 9.01 3.07 -8.64
CA LYS A 82 10.07 2.54 -9.47
C LYS A 82 11.41 3.15 -9.05
N PRO A 83 12.40 2.30 -8.79
CA PRO A 83 13.72 2.69 -8.38
C PRO A 83 14.46 3.30 -9.57
N TRP A 84 14.36 2.64 -10.73
CA TRP A 84 15.02 3.12 -11.93
C TRP A 84 14.69 4.59 -12.15
N MET A 85 13.59 5.06 -11.55
CA MET A 85 13.17 6.43 -11.69
C MET A 85 12.67 6.96 -10.36
N ASP A 86 13.01 6.25 -9.27
CA ASP A 86 12.60 6.65 -7.94
C ASP A 86 11.22 7.29 -8.00
N PHE A 87 10.32 6.72 -8.79
CA PHE A 87 8.97 7.23 -8.93
C PHE A 87 8.02 6.45 -8.04
N LYS A 88 6.77 6.90 -7.95
CA LYS A 88 5.77 6.24 -7.14
C LYS A 88 4.42 6.91 -7.34
N GLU A 89 3.34 6.15 -7.11
CA GLU A 89 1.99 6.68 -7.27
C GLU A 89 1.00 5.75 -6.58
N LEU A 90 0.35 6.26 -5.53
CA LEU A 90 -0.64 5.47 -4.77
C LEU A 90 -1.71 4.86 -5.69
N GLN A 91 -1.93 3.55 -5.51
CA GLN A 91 -2.91 2.83 -6.30
C GLN A 91 -4.23 2.76 -5.55
N GLU A 92 -4.16 2.48 -4.25
CA GLU A 92 -5.34 2.38 -3.42
C GLU A 92 -5.00 1.69 -2.10
N PHE A 93 -5.61 2.16 -1.01
CA PHE A 93 -5.37 1.59 0.30
C PHE A 93 -6.69 1.40 1.03
N LYS A 94 -7.23 0.18 0.98
CA LYS A 94 -8.48 -0.12 1.64
C LYS A 94 -8.61 -1.63 1.84
N PRO A 95 -9.60 -2.04 2.64
CA PRO A 95 -9.87 -3.43 2.95
C PRO A 95 -10.46 -4.12 1.73
N VAL A 96 -10.63 -3.37 0.64
CA VAL A 96 -11.19 -3.90 -0.59
C VAL A 96 -12.47 -4.67 -0.27
N ASP A 97 -13.60 -3.96 -0.25
CA ASP A 97 -14.88 -4.57 0.04
C ASP A 97 -15.87 -4.21 -1.06
N ALA A 98 -16.78 -5.14 -1.36
CA ALA A 98 -17.78 -4.92 -2.39
C ALA A 98 -17.10 -4.68 -3.73
N SER A 99 -17.88 -4.72 -4.81
CA SER A 99 -17.34 -4.50 -6.14
C SER A 99 -18.48 -4.37 -7.15
N ALA A 100 -18.92 -3.13 -7.39
CA ALA A 100 -20.01 -2.87 -8.32
C ALA A 100 -19.61 -3.32 -9.71
N ASN A 101 -20.60 -3.55 -10.57
CA ASN A 101 -20.35 -4.00 -11.93
C ASN A 101 -20.77 -2.92 -12.91
N ALA A 102 -20.26 -3.00 -14.15
CA ALA A 102 -20.60 -2.03 -15.17
C ALA A 102 -22.09 -2.08 -15.47
N MET A 1 -22.64 -1.48 -4.93
CA MET A 1 -22.04 -2.80 -4.98
C MET A 1 -22.34 -3.55 -3.69
N SER A 2 -21.62 -3.23 -2.62
CA SER A 2 -21.81 -3.88 -1.35
C SER A 2 -21.90 -5.39 -1.54
N SER A 3 -20.74 -6.05 -1.60
CA SER A 3 -20.69 -7.49 -1.78
C SER A 3 -19.32 -8.01 -1.39
N ASP A 4 -18.63 -7.28 -0.50
CA ASP A 4 -17.31 -7.68 -0.05
C ASP A 4 -16.41 -7.93 -1.24
N GLY A 5 -15.21 -8.44 -0.98
CA GLY A 5 -14.25 -8.72 -2.05
C GLY A 5 -13.38 -9.91 -1.68
N GLY A 6 -12.32 -10.15 -2.45
CA GLY A 6 -11.42 -11.25 -2.20
C GLY A 6 -9.98 -10.80 -2.37
N PRO A 7 -9.08 -11.39 -1.58
CA PRO A 7 -7.66 -11.09 -1.60
C PRO A 7 -7.03 -11.67 -2.86
N VAL A 8 -5.72 -11.47 -3.03
CA VAL A 8 -5.02 -11.97 -4.19
C VAL A 8 -3.70 -12.60 -3.75
N LEU A 9 -3.23 -13.60 -4.51
CA LEU A 9 -1.99 -14.29 -4.20
C LEU A 9 -1.05 -14.35 -5.42
N GLY A 10 0.19 -14.76 -5.18
CA GLY A 10 1.18 -14.87 -6.23
C GLY A 10 2.55 -14.44 -5.71
N GLY A 11 3.27 -13.65 -6.52
CA GLY A 11 4.59 -13.18 -6.14
C GLY A 11 4.50 -12.33 -4.87
N VAL A 12 3.29 -12.18 -4.34
CA VAL A 12 3.07 -11.40 -3.15
C VAL A 12 3.97 -11.92 -2.03
N GLU A 13 5.17 -11.35 -1.92
CA GLU A 13 6.11 -11.77 -0.90
C GLU A 13 5.83 -11.02 0.40
N PRO A 14 5.32 -11.76 1.40
CA PRO A 14 4.98 -11.22 2.71
C PRO A 14 6.26 -10.91 3.48
N VAL A 15 6.47 -9.63 3.81
CA VAL A 15 7.65 -9.21 4.54
C VAL A 15 7.56 -7.73 4.85
N GLY A 16 8.69 -7.12 5.22
CA GLY A 16 8.72 -5.70 5.55
C GLY A 16 7.91 -5.45 6.81
N ASN A 17 8.46 -4.61 7.70
CA ASN A 17 7.79 -4.27 8.94
C ASN A 17 7.74 -2.77 9.11
N GLU A 18 7.79 -2.31 10.36
CA GLU A 18 7.75 -0.89 10.66
C GLU A 18 9.16 -0.32 10.67
N ASN A 19 10.15 -1.16 11.01
CA ASN A 19 11.53 -0.74 11.05
C ASN A 19 11.95 -0.20 9.69
N ASP A 20 11.27 -0.65 8.63
CA ASP A 20 11.58 -0.21 7.29
C ASP A 20 10.86 1.09 6.99
N LEU A 21 11.50 2.22 7.31
CA LEU A 21 10.92 3.54 7.09
C LEU A 21 10.24 3.65 5.72
N HIS A 22 10.93 3.14 4.69
CA HIS A 22 10.42 3.16 3.32
C HIS A 22 9.02 2.53 3.26
N LEU A 23 8.88 1.30 3.76
CA LEU A 23 7.61 0.59 3.74
C LEU A 23 6.47 1.43 4.30
N VAL A 24 6.62 1.86 5.55
CA VAL A 24 5.61 2.67 6.22
C VAL A 24 5.29 3.88 5.37
N ASP A 25 6.33 4.56 4.87
CA ASP A 25 6.15 5.74 4.04
C ASP A 25 5.02 5.50 3.04
N LEU A 26 5.03 4.33 2.40
CA LEU A 26 4.01 3.98 1.40
C LEU A 26 2.60 4.01 1.99
N ALA A 27 2.41 3.27 3.09
CA ALA A 27 1.13 3.19 3.75
C ALA A 27 0.73 4.56 4.27
N ARG A 28 1.61 5.17 5.08
CA ARG A 28 1.36 6.48 5.64
C ARG A 28 1.08 7.47 4.54
N PHE A 29 1.74 7.29 3.39
CA PHE A 29 1.56 8.18 2.26
C PHE A 29 0.12 8.12 1.77
N ALA A 30 -0.38 6.89 1.55
CA ALA A 30 -1.74 6.71 1.09
C ALA A 30 -2.69 7.56 1.91
N VAL A 31 -2.85 7.22 3.19
CA VAL A 31 -3.74 7.97 4.08
C VAL A 31 -3.59 9.45 3.80
N THR A 32 -2.36 9.93 3.68
CA THR A 32 -2.10 11.34 3.43
C THR A 32 -2.71 11.74 2.09
N GLU A 33 -2.17 11.19 1.00
CA GLU A 33 -2.67 11.49 -0.32
C GLU A 33 -4.19 11.52 -0.32
N HIS A 34 -4.80 10.42 0.11
CA HIS A 34 -6.26 10.30 0.19
C HIS A 34 -6.85 11.47 0.99
N ASN A 35 -6.31 11.75 2.18
CA ASN A 35 -6.79 12.83 3.01
C ASN A 35 -6.72 14.15 2.26
N LYS A 36 -5.91 14.19 1.20
CA LYS A 36 -5.76 15.38 0.40
C LYS A 36 -6.90 15.49 -0.60
N LYS A 37 -7.19 14.38 -1.29
CA LYS A 37 -8.26 14.35 -2.27
C LYS A 37 -9.57 13.98 -1.60
N ALA A 38 -9.56 13.90 -0.26
CA ALA A 38 -10.74 13.55 0.50
C ALA A 38 -10.79 14.37 1.78
N ASN A 39 -10.04 15.47 1.82
CA ASN A 39 -9.99 16.32 2.98
C ASN A 39 -9.93 15.48 4.25
N SER A 40 -9.31 14.30 4.15
CA SER A 40 -9.19 13.41 5.28
C SER A 40 -10.52 12.74 5.56
N LEU A 41 -10.47 11.54 6.16
CA LEU A 41 -11.68 10.78 6.49
C LEU A 41 -11.44 9.78 7.61
N LEU A 42 -10.25 9.16 7.60
CA LEU A 42 -9.88 8.17 8.60
C LEU A 42 -8.72 8.63 9.48
N GLU A 43 -8.29 7.77 10.40
CA GLU A 43 -7.20 8.08 11.30
C GLU A 43 -6.28 6.88 11.44
N PHE A 44 -5.31 6.75 10.52
CA PHE A 44 -4.37 5.64 10.56
C PHE A 44 -3.91 5.40 11.99
N GLU A 45 -3.88 4.13 12.39
CA GLU A 45 -3.46 3.77 13.74
C GLU A 45 -2.02 3.29 13.71
N LYS A 46 -1.71 2.37 12.79
CA LYS A 46 -0.36 1.84 12.66
C LYS A 46 -0.29 0.90 11.48
N LEU A 47 0.86 0.24 11.30
CA LEU A 47 1.07 -0.68 10.19
C LEU A 47 1.37 -2.11 10.67
N VAL A 48 0.78 -3.09 10.00
CA VAL A 48 0.98 -4.48 10.36
C VAL A 48 2.14 -5.05 9.57
N SER A 49 1.97 -5.15 8.25
CA SER A 49 3.00 -5.69 7.37
C SER A 49 2.79 -5.20 5.95
N VAL A 50 3.53 -5.77 5.00
CA VAL A 50 3.42 -5.39 3.61
C VAL A 50 3.96 -6.50 2.73
N LYS A 51 3.80 -6.35 1.41
CA LYS A 51 4.27 -7.35 0.46
C LYS A 51 5.02 -6.66 -0.67
N GLN A 52 5.62 -7.46 -1.56
CA GLN A 52 6.36 -6.93 -2.68
C GLN A 52 6.13 -7.80 -3.92
N GLN A 53 5.78 -7.16 -5.03
CA GLN A 53 5.52 -7.86 -6.27
C GLN A 53 6.30 -7.21 -7.41
N VAL A 54 6.85 -8.04 -8.31
CA VAL A 54 7.61 -7.53 -9.45
C VAL A 54 6.79 -7.69 -10.71
N VAL A 55 6.51 -6.57 -11.39
CA VAL A 55 5.74 -6.59 -12.62
C VAL A 55 6.19 -5.45 -13.53
N ALA A 56 5.28 -4.52 -13.82
CA ALA A 56 5.59 -3.40 -14.69
C ALA A 56 6.33 -2.34 -13.89
N GLY A 57 6.83 -2.71 -12.71
CA GLY A 57 7.55 -1.78 -11.86
C GLY A 57 7.82 -2.42 -10.49
N THR A 58 7.51 -1.68 -9.42
CA THR A 58 7.73 -2.16 -8.07
C THR A 58 6.45 -2.01 -7.27
N LEU A 59 5.73 -3.11 -7.06
CA LEU A 59 4.48 -3.10 -6.31
C LEU A 59 4.67 -3.59 -4.87
N TYR A 60 3.84 -3.05 -3.96
CA TYR A 60 3.93 -3.42 -2.56
C TYR A 60 2.54 -3.38 -1.95
N TYR A 61 2.13 -4.49 -1.33
CA TYR A 61 0.82 -4.58 -0.71
C TYR A 61 0.96 -4.39 0.80
N PHE A 62 0.66 -3.18 1.28
CA PHE A 62 0.75 -2.87 2.69
C PHE A 62 -0.56 -3.22 3.37
N THR A 63 -0.46 -3.82 4.57
CA THR A 63 -1.64 -4.21 5.32
C THR A 63 -1.65 -3.50 6.67
N ILE A 64 -2.08 -2.24 6.69
CA ILE A 64 -2.13 -1.46 7.90
C ILE A 64 -3.57 -1.41 8.42
N GLU A 65 -3.79 -0.68 9.51
CA GLU A 65 -5.11 -0.56 10.10
C GLU A 65 -5.38 0.90 10.46
N VAL A 66 -6.50 1.44 9.96
CA VAL A 66 -6.86 2.81 10.23
C VAL A 66 -8.29 2.86 10.75
N LYS A 67 -8.54 3.72 11.75
CA LYS A 67 -9.85 3.86 12.33
C LYS A 67 -10.49 5.16 11.86
N GLU A 68 -11.64 5.06 11.19
CA GLU A 68 -12.34 6.21 10.70
C GLU A 68 -13.13 6.87 11.82
N GLY A 69 -14.10 7.71 11.46
CA GLY A 69 -14.92 8.40 12.44
C GLY A 69 -15.15 7.51 13.65
N ASP A 70 -15.98 6.48 13.47
CA ASP A 70 -16.29 5.55 14.55
C ASP A 70 -16.05 4.12 14.08
N ALA A 71 -15.08 3.94 13.18
CA ALA A 71 -14.75 2.63 12.66
C ALA A 71 -13.27 2.36 12.84
N LYS A 72 -12.87 1.10 12.72
CA LYS A 72 -11.48 0.70 12.87
C LYS A 72 -11.26 -0.67 12.28
N LYS A 73 -10.43 -0.75 11.22
CA LYS A 73 -10.15 -2.01 10.57
C LYS A 73 -8.86 -1.89 9.77
N LEU A 74 -8.47 -2.97 9.10
CA LEU A 74 -7.25 -3.00 8.30
C LEU A 74 -7.50 -2.61 6.85
N TYR A 75 -6.67 -1.71 6.33
CA TYR A 75 -6.81 -1.23 4.97
C TYR A 75 -5.61 -1.69 4.14
N GLU A 76 -5.88 -2.21 2.94
CA GLU A 76 -4.83 -2.69 2.05
C GLU A 76 -4.24 -1.52 1.28
N ALA A 77 -3.09 -1.01 1.74
CA ALA A 77 -2.43 0.10 1.08
C ALA A 77 -1.53 -0.42 -0.02
N LYS A 78 -1.93 -0.18 -1.27
CA LYS A 78 -1.14 -0.62 -2.42
C LYS A 78 -0.47 0.57 -3.07
N VAL A 79 0.85 0.45 -3.31
CA VAL A 79 1.60 1.52 -3.94
C VAL A 79 2.44 0.95 -5.08
N TRP A 80 2.77 1.80 -6.06
CA TRP A 80 3.56 1.38 -7.19
C TRP A 80 4.68 2.39 -7.45
N GLU A 81 5.87 2.09 -6.93
CA GLU A 81 7.01 2.98 -7.10
C GLU A 81 7.98 2.37 -8.10
N LYS A 82 8.96 3.17 -8.54
CA LYS A 82 9.95 2.72 -9.50
C LYS A 82 11.28 3.41 -9.24
N PRO A 83 12.29 2.64 -8.83
CA PRO A 83 13.63 3.13 -8.55
C PRO A 83 14.33 3.49 -9.84
N TRP A 84 14.22 2.61 -10.84
CA TRP A 84 14.86 2.84 -12.13
C TRP A 84 14.57 4.27 -12.60
N MET A 85 13.59 4.92 -11.96
CA MET A 85 13.23 6.27 -12.32
C MET A 85 12.79 7.03 -11.07
N ASP A 86 12.99 6.43 -9.90
CA ASP A 86 12.63 7.04 -8.64
C ASP A 86 11.25 7.69 -8.77
N PHE A 87 10.20 6.87 -8.76
CA PHE A 87 8.85 7.38 -8.88
C PHE A 87 7.91 6.58 -7.98
N LYS A 88 6.64 6.97 -7.92
CA LYS A 88 5.67 6.29 -7.10
C LYS A 88 4.30 6.93 -7.28
N GLU A 89 3.23 6.14 -7.11
CA GLU A 89 1.88 6.64 -7.24
C GLU A 89 0.92 5.75 -6.48
N LEU A 90 0.11 6.36 -5.61
CA LEU A 90 -0.85 5.63 -4.79
C LEU A 90 -1.93 4.94 -5.64
N GLN A 91 -2.14 3.65 -5.38
CA GLN A 91 -3.12 2.87 -6.11
C GLN A 91 -4.43 2.82 -5.33
N GLU A 92 -4.33 2.56 -4.02
CA GLU A 92 -5.50 2.49 -3.18
C GLU A 92 -5.14 1.86 -1.84
N PHE A 93 -5.64 2.44 -0.75
CA PHE A 93 -5.36 1.94 0.58
C PHE A 93 -6.66 1.78 1.35
N LYS A 94 -7.37 0.68 1.12
CA LYS A 94 -8.63 0.41 1.79
C LYS A 94 -8.85 -1.08 1.89
N PRO A 95 -9.78 -1.50 2.76
CA PRO A 95 -10.14 -2.88 3.00
C PRO A 95 -10.92 -3.41 1.81
N VAL A 96 -11.07 -2.58 0.78
CA VAL A 96 -11.80 -2.97 -0.42
C VAL A 96 -13.25 -3.30 -0.05
N ASP A 97 -14.12 -2.29 -0.05
CA ASP A 97 -15.51 -2.48 0.28
C ASP A 97 -16.35 -2.44 -1.00
N ALA A 98 -15.70 -2.61 -2.15
CA ALA A 98 -16.39 -2.59 -3.42
C ALA A 98 -15.50 -3.23 -4.50
N SER A 99 -16.13 -3.69 -5.58
CA SER A 99 -15.40 -4.31 -6.66
C SER A 99 -14.80 -5.63 -6.19
N ALA A 100 -15.32 -6.74 -6.71
CA ALA A 100 -14.83 -8.06 -6.34
C ALA A 100 -14.70 -8.92 -7.59
N ASN A 101 -14.06 -10.09 -7.44
CA ASN A 101 -13.87 -11.00 -8.54
C ASN A 101 -13.98 -12.44 -8.06
N ALA A 102 -14.70 -12.64 -6.95
CA ALA A 102 -14.87 -13.96 -6.39
C ALA A 102 -16.04 -13.95 -5.40
N MET A 1 3.97 -19.89 -10.66
CA MET A 1 3.07 -19.05 -11.41
C MET A 1 3.86 -18.08 -12.26
N SER A 2 5.10 -18.44 -12.60
CA SER A 2 5.94 -17.60 -13.41
C SER A 2 6.33 -18.32 -14.70
N SER A 3 6.43 -17.57 -15.80
CA SER A 3 6.78 -18.15 -17.08
C SER A 3 7.03 -17.04 -18.09
N ASP A 4 6.31 -15.92 -17.94
CA ASP A 4 6.46 -14.80 -18.84
C ASP A 4 6.67 -13.52 -18.03
N GLY A 5 6.05 -13.45 -16.84
CA GLY A 5 6.17 -12.28 -16.00
C GLY A 5 5.37 -11.12 -16.57
N GLY A 6 4.46 -10.58 -15.76
CA GLY A 6 3.63 -9.47 -16.18
C GLY A 6 2.86 -8.89 -15.00
N PRO A 7 1.97 -7.94 -15.27
CA PRO A 7 1.15 -7.29 -14.29
C PRO A 7 0.08 -8.25 -13.78
N VAL A 8 0.31 -9.55 -13.98
CA VAL A 8 -0.63 -10.57 -13.54
C VAL A 8 -0.08 -11.31 -12.33
N LEU A 9 -0.89 -11.43 -11.28
CA LEU A 9 -0.49 -12.10 -10.05
C LEU A 9 0.36 -13.34 -10.32
N GLY A 10 1.36 -13.58 -9.47
CA GLY A 10 2.24 -14.72 -9.62
C GLY A 10 2.95 -15.01 -8.31
N GLY A 11 4.02 -14.25 -8.03
CA GLY A 11 4.77 -14.44 -6.81
C GLY A 11 4.84 -13.13 -6.02
N VAL A 12 4.55 -13.21 -4.72
CA VAL A 12 4.57 -12.03 -3.87
C VAL A 12 5.30 -12.36 -2.57
N GLU A 13 6.34 -11.59 -2.26
CA GLU A 13 7.11 -11.80 -1.04
C GLU A 13 6.49 -11.01 0.11
N PRO A 14 5.85 -11.72 1.04
CA PRO A 14 5.21 -11.14 2.21
C PRO A 14 6.27 -10.67 3.19
N VAL A 15 5.87 -9.79 4.11
CA VAL A 15 6.79 -9.26 5.10
C VAL A 15 6.03 -8.92 6.38
N GLY A 16 6.66 -9.16 7.53
CA GLY A 16 6.03 -8.89 8.81
C GLY A 16 7.02 -8.21 9.75
N ASN A 17 7.36 -6.95 9.44
CA ASN A 17 8.29 -6.20 10.26
C ASN A 17 8.50 -4.82 9.66
N GLU A 18 8.01 -3.79 10.37
CA GLU A 18 8.14 -2.42 9.90
C GLU A 18 9.59 -1.97 10.03
N ASN A 19 9.83 -0.97 10.88
CA ASN A 19 11.17 -0.45 11.10
C ASN A 19 11.70 0.15 9.80
N ASP A 20 11.14 -0.26 8.67
CA ASP A 20 11.55 0.23 7.37
C ASP A 20 10.74 1.46 7.01
N LEU A 21 11.21 2.64 7.41
CA LEU A 21 10.53 3.90 7.14
C LEU A 21 9.94 3.94 5.73
N HIS A 22 10.68 3.37 4.77
CA HIS A 22 10.25 3.32 3.37
C HIS A 22 8.88 2.62 3.25
N LEU A 23 8.78 1.37 3.71
CA LEU A 23 7.54 0.60 3.63
C LEU A 23 6.34 1.38 4.18
N VAL A 24 6.47 1.82 5.44
CA VAL A 24 5.42 2.57 6.11
C VAL A 24 5.05 3.78 5.27
N ASP A 25 6.06 4.53 4.81
CA ASP A 25 5.84 5.70 4.01
C ASP A 25 4.74 5.43 2.99
N LEU A 26 4.81 4.27 2.33
CA LEU A 26 3.84 3.90 1.31
C LEU A 26 2.41 3.85 1.88
N ALA A 27 2.23 3.06 2.94
CA ALA A 27 0.94 2.90 3.57
C ALA A 27 0.48 4.24 4.15
N ARG A 28 1.34 4.86 4.96
CA ARG A 28 1.02 6.14 5.57
C ARG A 28 0.76 7.18 4.49
N PHE A 29 1.38 6.98 3.32
CA PHE A 29 1.22 7.90 2.21
C PHE A 29 -0.20 7.81 1.67
N ALA A 30 -0.67 6.58 1.44
CA ALA A 30 -2.00 6.36 0.92
C ALA A 30 -3.02 7.12 1.75
N VAL A 31 -3.20 6.70 3.00
CA VAL A 31 -4.13 7.35 3.91
C VAL A 31 -4.00 8.86 3.79
N THR A 32 -2.76 9.35 3.65
CA THR A 32 -2.51 10.77 3.52
C THR A 32 -3.10 11.28 2.22
N GLU A 33 -2.48 10.90 1.09
CA GLU A 33 -2.95 11.32 -0.21
C GLU A 33 -4.47 11.28 -0.26
N HIS A 34 -5.05 10.22 0.29
CA HIS A 34 -6.51 10.06 0.32
C HIS A 34 -7.15 11.15 1.20
N ASN A 35 -6.71 11.27 2.46
CA ASN A 35 -7.27 12.25 3.37
C ASN A 35 -6.90 13.66 2.88
N LYS A 36 -6.07 13.74 1.85
CA LYS A 36 -5.65 15.01 1.30
C LYS A 36 -6.62 15.45 0.22
N LYS A 37 -6.86 14.59 -0.77
CA LYS A 37 -7.76 14.89 -1.86
C LYS A 37 -9.17 14.44 -1.51
N ALA A 38 -9.34 13.86 -0.31
CA ALA A 38 -10.62 13.38 0.14
C ALA A 38 -10.82 13.75 1.60
N ASN A 39 -9.82 13.44 2.43
CA ASN A 39 -9.89 13.74 3.85
C ASN A 39 -10.93 12.85 4.52
N SER A 40 -11.08 11.63 4.02
CA SER A 40 -12.03 10.69 4.57
C SER A 40 -11.71 10.41 6.03
N LEU A 41 -12.28 9.34 6.57
CA LEU A 41 -12.06 8.96 7.97
C LEU A 41 -10.75 8.19 8.16
N LEU A 42 -10.17 7.74 7.04
CA LEU A 42 -8.93 6.99 7.06
C LEU A 42 -7.86 7.65 7.94
N GLU A 43 -7.85 7.28 9.22
CA GLU A 43 -6.90 7.84 10.16
C GLU A 43 -5.83 6.81 10.49
N PHE A 44 -4.88 6.62 9.56
CA PHE A 44 -3.81 5.66 9.74
C PHE A 44 -3.32 5.72 11.18
N GLU A 45 -3.26 4.56 11.83
CA GLU A 45 -2.80 4.49 13.21
C GLU A 45 -1.45 3.78 13.27
N LYS A 46 -1.38 2.59 12.68
CA LYS A 46 -0.15 1.82 12.67
C LYS A 46 -0.16 0.85 11.49
N LEU A 47 0.97 0.16 11.28
CA LEU A 47 1.11 -0.79 10.19
C LEU A 47 1.28 -2.23 10.69
N VAL A 48 0.60 -3.16 10.01
CA VAL A 48 0.67 -4.57 10.38
C VAL A 48 1.78 -5.25 9.61
N SER A 49 1.61 -5.35 8.29
CA SER A 49 2.59 -5.98 7.43
C SER A 49 2.55 -5.36 6.04
N VAL A 50 3.39 -5.87 5.13
CA VAL A 50 3.45 -5.36 3.78
C VAL A 50 4.07 -6.40 2.86
N LYS A 51 3.67 -6.40 1.59
CA LYS A 51 4.19 -7.35 0.62
C LYS A 51 4.85 -6.60 -0.52
N GLN A 52 5.44 -7.35 -1.46
CA GLN A 52 6.11 -6.76 -2.61
C GLN A 52 5.93 -7.66 -3.82
N GLN A 53 5.56 -7.06 -4.95
CA GLN A 53 5.37 -7.80 -6.19
C GLN A 53 6.15 -7.15 -7.32
N VAL A 54 6.73 -7.97 -8.20
CA VAL A 54 7.49 -7.47 -9.32
C VAL A 54 6.67 -7.58 -10.60
N VAL A 55 6.52 -6.46 -11.31
CA VAL A 55 5.76 -6.46 -12.54
C VAL A 55 6.23 -5.31 -13.43
N ALA A 56 5.33 -4.38 -13.75
CA ALA A 56 5.67 -3.25 -14.59
C ALA A 56 6.40 -2.19 -13.76
N GLY A 57 6.86 -2.59 -12.57
CA GLY A 57 7.57 -1.67 -11.70
C GLY A 57 7.81 -2.32 -10.34
N THR A 58 7.48 -1.60 -9.27
CA THR A 58 7.66 -2.11 -7.93
C THR A 58 6.37 -1.96 -7.14
N LEU A 59 5.67 -3.07 -6.91
CA LEU A 59 4.41 -3.08 -6.18
C LEU A 59 4.59 -3.51 -4.72
N TYR A 60 3.85 -2.86 -3.82
CA TYR A 60 3.93 -3.17 -2.41
C TYR A 60 2.53 -3.16 -1.80
N TYR A 61 2.14 -4.29 -1.20
CA TYR A 61 0.83 -4.42 -0.58
C TYR A 61 0.96 -4.24 0.92
N PHE A 62 0.69 -3.01 1.40
CA PHE A 62 0.77 -2.72 2.81
C PHE A 62 -0.58 -2.97 3.46
N THR A 63 -0.56 -3.68 4.60
CA THR A 63 -1.78 -3.99 5.32
C THR A 63 -1.77 -3.31 6.69
N ILE A 64 -2.15 -2.03 6.71
CA ILE A 64 -2.19 -1.27 7.95
C ILE A 64 -3.61 -1.18 8.45
N GLU A 65 -3.81 -0.52 9.60
CA GLU A 65 -5.12 -0.36 10.19
C GLU A 65 -5.34 1.10 10.58
N VAL A 66 -6.48 1.67 10.15
CA VAL A 66 -6.81 3.04 10.46
C VAL A 66 -8.17 3.10 11.14
N LYS A 67 -8.31 4.01 12.11
CA LYS A 67 -9.56 4.17 12.83
C LYS A 67 -10.12 5.57 12.59
N GLU A 68 -11.27 5.86 13.19
CA GLU A 68 -11.90 7.15 13.05
C GLU A 68 -12.90 7.38 14.19
N GLY A 69 -12.52 8.22 15.15
CA GLY A 69 -13.38 8.52 16.28
C GLY A 69 -13.79 7.22 16.97
N ASP A 70 -14.84 6.57 16.46
CA ASP A 70 -15.33 5.34 17.03
C ASP A 70 -15.24 4.22 16.01
N ALA A 71 -14.28 4.34 15.08
CA ALA A 71 -14.09 3.34 14.05
C ALA A 71 -12.72 2.69 14.21
N LYS A 72 -12.40 1.76 13.32
CA LYS A 72 -11.12 1.07 13.36
C LYS A 72 -11.17 -0.18 12.49
N LYS A 73 -10.47 -0.14 11.35
CA LYS A 73 -10.44 -1.26 10.44
C LYS A 73 -9.08 -1.34 9.75
N LEU A 74 -8.95 -2.27 8.81
CA LEU A 74 -7.69 -2.46 8.08
C LEU A 74 -7.82 -2.08 6.61
N TYR A 75 -6.81 -1.38 6.09
CA TYR A 75 -6.79 -0.95 4.70
C TYR A 75 -5.51 -1.39 4.03
N GLU A 76 -5.63 -2.14 2.93
CA GLU A 76 -4.46 -2.62 2.20
C GLU A 76 -4.01 -1.56 1.21
N ALA A 77 -3.01 -0.76 1.62
CA ALA A 77 -2.48 0.28 0.76
C ALA A 77 -1.52 -0.32 -0.25
N LYS A 78 -1.74 -0.02 -1.53
CA LYS A 78 -0.89 -0.54 -2.59
C LYS A 78 -0.25 0.62 -3.35
N VAL A 79 1.07 0.74 -3.25
CA VAL A 79 1.80 1.80 -3.92
C VAL A 79 2.62 1.21 -5.05
N TRP A 80 2.93 2.04 -6.06
CA TRP A 80 3.71 1.60 -7.20
C TRP A 80 4.83 2.59 -7.47
N GLU A 81 6.04 2.27 -6.97
CA GLU A 81 7.19 3.14 -7.16
C GLU A 81 8.17 2.49 -8.12
N LYS A 82 9.15 3.26 -8.60
CA LYS A 82 10.14 2.75 -9.52
C LYS A 82 11.47 3.43 -9.25
N PRO A 83 12.47 2.64 -8.83
CA PRO A 83 13.81 3.10 -8.53
C PRO A 83 14.53 3.45 -9.83
N TRP A 84 14.43 2.57 -10.82
CA TRP A 84 15.08 2.79 -12.10
C TRP A 84 14.83 4.20 -12.58
N MET A 85 13.85 4.88 -11.95
CA MET A 85 13.50 6.23 -12.31
C MET A 85 13.04 7.00 -11.09
N ASP A 86 13.23 6.40 -9.91
CA ASP A 86 12.83 7.03 -8.67
C ASP A 86 11.48 7.68 -8.83
N PHE A 87 10.40 6.88 -8.68
CA PHE A 87 9.05 7.39 -8.82
C PHE A 87 8.12 6.64 -7.87
N LYS A 88 6.85 7.05 -7.83
CA LYS A 88 5.87 6.42 -6.97
C LYS A 88 4.52 7.07 -7.16
N GLU A 89 3.45 6.29 -6.96
CA GLU A 89 2.10 6.81 -7.11
C GLU A 89 1.11 5.86 -6.44
N LEU A 90 0.33 6.38 -5.50
CA LEU A 90 -0.66 5.58 -4.78
C LEU A 90 -1.69 4.95 -5.72
N GLN A 91 -1.89 3.63 -5.56
CA GLN A 91 -2.83 2.91 -6.39
C GLN A 91 -4.16 2.80 -5.68
N GLU A 92 -4.13 2.51 -4.38
CA GLU A 92 -5.33 2.38 -3.59
C GLU A 92 -5.03 1.69 -2.28
N PHE A 93 -5.71 2.10 -1.21
CA PHE A 93 -5.50 1.53 0.11
C PHE A 93 -6.84 1.34 0.80
N LYS A 94 -7.34 0.09 0.83
CA LYS A 94 -8.59 -0.22 1.46
C LYS A 94 -8.67 -1.71 1.77
N PRO A 95 -9.71 -2.11 2.51
CA PRO A 95 -9.94 -3.48 2.91
C PRO A 95 -10.40 -4.29 1.70
N VAL A 96 -10.45 -3.64 0.53
CA VAL A 96 -10.87 -4.30 -0.69
C VAL A 96 -12.29 -4.83 -0.53
N ASP A 97 -13.28 -4.03 -0.92
CA ASP A 97 -14.66 -4.42 -0.81
C ASP A 97 -15.21 -4.77 -2.19
N ALA A 98 -15.53 -6.05 -2.40
CA ALA A 98 -16.04 -6.51 -3.67
C ALA A 98 -17.55 -6.31 -3.72
N SER A 99 -18.19 -6.75 -4.81
CA SER A 99 -19.62 -6.61 -4.97
C SER A 99 -19.98 -5.14 -5.09
N ALA A 100 -19.05 -4.34 -5.62
CA ALA A 100 -19.27 -2.92 -5.80
C ALA A 100 -19.88 -2.66 -7.17
N ASN A 101 -19.18 -3.09 -8.22
CA ASN A 101 -19.66 -2.90 -9.58
C ASN A 101 -20.98 -3.62 -9.77
N ALA A 102 -21.89 -3.02 -10.54
CA ALA A 102 -23.19 -3.60 -10.80
C ALA A 102 -23.12 -4.46 -12.06
N MET A 1 11.31 -9.49 -40.54
CA MET A 1 12.17 -8.40 -40.12
C MET A 1 11.46 -7.57 -39.06
N SER A 2 11.74 -7.86 -37.79
CA SER A 2 11.14 -7.13 -36.68
C SER A 2 11.61 -7.71 -35.37
N SER A 3 11.08 -7.18 -34.26
CA SER A 3 11.47 -7.64 -32.94
C SER A 3 10.56 -6.99 -31.89
N ASP A 4 9.77 -7.82 -31.19
CA ASP A 4 8.87 -7.33 -30.17
C ASP A 4 8.32 -8.50 -29.36
N GLY A 5 7.82 -8.21 -28.16
CA GLY A 5 7.27 -9.24 -27.30
C GLY A 5 7.36 -8.82 -25.84
N GLY A 6 6.54 -9.43 -24.99
CA GLY A 6 6.54 -9.12 -23.58
C GLY A 6 5.79 -10.20 -22.80
N PRO A 7 6.53 -10.99 -22.02
CA PRO A 7 6.00 -12.06 -21.21
C PRO A 7 5.25 -11.48 -20.02
N VAL A 8 4.90 -12.33 -19.06
CA VAL A 8 4.19 -11.90 -17.87
C VAL A 8 4.61 -12.73 -16.67
N LEU A 9 5.40 -12.13 -15.77
CA LEU A 9 5.90 -12.80 -14.58
C LEU A 9 4.94 -12.64 -13.39
N GLY A 10 5.32 -13.25 -12.26
CA GLY A 10 4.51 -13.18 -11.06
C GLY A 10 5.36 -13.47 -9.84
N GLY A 11 4.73 -13.51 -8.66
CA GLY A 11 5.43 -13.77 -7.42
C GLY A 11 4.94 -12.83 -6.33
N VAL A 12 5.01 -13.28 -5.07
CA VAL A 12 4.58 -12.49 -3.94
C VAL A 12 5.47 -12.77 -2.74
N GLU A 13 6.00 -11.70 -2.14
CA GLU A 13 6.87 -11.85 -0.98
C GLU A 13 6.26 -11.12 0.21
N PRO A 14 5.78 -11.88 1.20
CA PRO A 14 5.18 -11.37 2.41
C PRO A 14 6.24 -10.76 3.30
N VAL A 15 6.02 -9.54 3.77
CA VAL A 15 6.96 -8.86 4.64
C VAL A 15 6.21 -8.09 5.72
N GLY A 16 6.87 -7.10 6.32
CA GLY A 16 6.26 -6.31 7.37
C GLY A 16 7.33 -5.82 8.34
N ASN A 17 7.32 -4.52 8.63
CA ASN A 17 8.27 -3.94 9.55
C ASN A 17 8.19 -2.41 9.49
N GLU A 18 7.61 -1.80 10.52
CA GLU A 18 7.47 -0.36 10.58
C GLU A 18 8.85 0.29 10.56
N ASN A 19 9.82 -0.35 11.22
CA ASN A 19 11.17 0.17 11.28
C ASN A 19 11.57 0.71 9.91
N ASP A 20 11.46 -0.12 8.88
CA ASP A 20 11.82 0.27 7.54
C ASP A 20 10.99 1.47 7.12
N LEU A 21 11.44 2.67 7.47
CA LEU A 21 10.74 3.91 7.14
C LEU A 21 10.15 3.87 5.72
N HIS A 22 10.93 3.33 4.79
CA HIS A 22 10.51 3.21 3.38
C HIS A 22 9.10 2.61 3.30
N LEU A 23 8.93 1.38 3.77
CA LEU A 23 7.62 0.69 3.71
C LEU A 23 6.51 1.54 4.32
N VAL A 24 6.71 1.97 5.56
CA VAL A 24 5.72 2.78 6.26
C VAL A 24 5.36 3.99 5.41
N ASP A 25 6.38 4.68 4.89
CA ASP A 25 6.15 5.86 4.07
C ASP A 25 5.02 5.59 3.09
N LEU A 26 5.03 4.41 2.46
CA LEU A 26 4.01 4.05 1.48
C LEU A 26 2.61 4.04 2.10
N ALA A 27 2.45 3.30 3.20
CA ALA A 27 1.17 3.20 3.88
C ALA A 27 0.74 4.57 4.36
N ARG A 28 1.65 5.28 5.04
CA ARG A 28 1.35 6.61 5.56
C ARG A 28 1.05 7.55 4.40
N PHE A 29 1.65 7.29 3.24
CA PHE A 29 1.43 8.12 2.08
C PHE A 29 0.00 7.97 1.59
N ALA A 30 -0.47 6.73 1.49
CA ALA A 30 -1.82 6.45 1.04
C ALA A 30 -2.81 7.29 1.84
N VAL A 31 -2.94 6.98 3.14
CA VAL A 31 -3.85 7.70 4.01
C VAL A 31 -3.73 9.20 3.74
N THR A 32 -2.50 9.69 3.57
CA THR A 32 -2.27 11.09 3.31
C THR A 32 -2.94 11.50 2.01
N GLU A 33 -2.44 10.97 0.89
CA GLU A 33 -2.99 11.28 -0.42
C GLU A 33 -4.51 11.27 -0.35
N HIS A 34 -5.09 10.20 0.20
CA HIS A 34 -6.53 10.06 0.35
C HIS A 34 -7.10 11.24 1.16
N ASN A 35 -6.53 11.50 2.34
CA ASN A 35 -7.00 12.58 3.19
C ASN A 35 -6.91 13.90 2.45
N LYS A 36 -6.07 13.95 1.41
CA LYS A 36 -5.90 15.16 0.63
C LYS A 36 -7.07 15.33 -0.33
N LYS A 37 -7.43 14.27 -1.04
CA LYS A 37 -8.53 14.31 -1.98
C LYS A 37 -9.83 13.98 -1.26
N ALA A 38 -9.76 13.78 0.05
CA ALA A 38 -10.93 13.45 0.84
C ALA A 38 -10.97 14.34 2.09
N ASN A 39 -10.18 15.42 2.08
CA ASN A 39 -10.13 16.33 3.20
C ASN A 39 -10.04 15.55 4.51
N SER A 40 -9.35 14.41 4.47
CA SER A 40 -9.19 13.58 5.64
C SER A 40 -10.52 12.92 5.99
N LEU A 41 -10.45 11.75 6.64
CA LEU A 41 -11.64 11.00 7.02
C LEU A 41 -11.35 9.99 8.14
N LEU A 42 -10.21 9.32 8.03
CA LEU A 42 -9.79 8.32 9.01
C LEU A 42 -8.60 8.78 9.86
N GLU A 43 -8.11 7.89 10.71
CA GLU A 43 -6.98 8.20 11.57
C GLU A 43 -6.04 7.01 11.64
N PHE A 44 -5.06 6.97 10.73
CA PHE A 44 -4.09 5.89 10.69
C PHE A 44 -3.63 5.56 12.10
N GLU A 45 -3.63 4.27 12.47
CA GLU A 45 -3.21 3.85 13.78
C GLU A 45 -1.79 3.31 13.72
N LYS A 46 -1.53 2.40 12.78
CA LYS A 46 -0.21 1.82 12.62
C LYS A 46 -0.20 0.87 11.43
N LEU A 47 0.92 0.18 11.23
CA LEU A 47 1.07 -0.77 10.13
C LEU A 47 1.28 -2.20 10.63
N VAL A 48 0.75 -3.17 9.87
CA VAL A 48 0.88 -4.56 10.22
C VAL A 48 2.00 -5.21 9.42
N SER A 49 1.84 -5.24 8.09
CA SER A 49 2.84 -5.82 7.21
C SER A 49 2.69 -5.23 5.81
N VAL A 50 3.52 -5.71 4.88
CA VAL A 50 3.48 -5.25 3.51
C VAL A 50 4.16 -6.26 2.60
N LYS A 51 3.52 -6.56 1.46
CA LYS A 51 4.06 -7.50 0.51
C LYS A 51 4.74 -6.77 -0.63
N GLN A 52 5.32 -7.53 -1.57
CA GLN A 52 6.00 -6.94 -2.71
C GLN A 52 5.78 -7.81 -3.94
N GLN A 53 5.45 -7.17 -5.06
CA GLN A 53 5.22 -7.88 -6.30
C GLN A 53 6.02 -7.24 -7.43
N VAL A 54 6.58 -8.07 -8.32
CA VAL A 54 7.36 -7.58 -9.43
C VAL A 54 6.55 -7.67 -10.72
N VAL A 55 6.43 -6.56 -11.43
CA VAL A 55 5.68 -6.51 -12.66
C VAL A 55 6.18 -5.36 -13.53
N ALA A 56 5.31 -4.40 -13.83
CA ALA A 56 5.67 -3.27 -14.65
C ALA A 56 6.43 -2.25 -13.81
N GLY A 57 6.91 -2.68 -12.65
CA GLY A 57 7.66 -1.80 -11.76
C GLY A 57 7.87 -2.47 -10.42
N THR A 58 7.57 -1.75 -9.34
CA THR A 58 7.73 -2.27 -7.99
C THR A 58 6.44 -2.09 -7.20
N LEU A 59 5.69 -3.19 -7.02
CA LEU A 59 4.43 -3.15 -6.29
C LEU A 59 4.59 -3.63 -4.85
N TYR A 60 3.80 -3.06 -3.95
CA TYR A 60 3.84 -3.42 -2.55
C TYR A 60 2.44 -3.35 -1.94
N TYR A 61 2.02 -4.45 -1.31
CA TYR A 61 0.70 -4.51 -0.70
C TYR A 61 0.82 -4.27 0.81
N PHE A 62 0.64 -3.01 1.22
CA PHE A 62 0.72 -2.65 2.62
C PHE A 62 -0.59 -2.98 3.32
N THR A 63 -0.51 -3.62 4.48
CA THR A 63 -1.69 -3.98 5.24
C THR A 63 -1.67 -3.30 6.59
N ILE A 64 -2.09 -2.02 6.64
CA ILE A 64 -2.12 -1.26 7.87
C ILE A 64 -3.53 -1.24 8.42
N GLU A 65 -3.70 -0.63 9.59
CA GLU A 65 -5.00 -0.54 10.22
C GLU A 65 -5.30 0.90 10.62
N VAL A 66 -6.42 1.43 10.16
CA VAL A 66 -6.81 2.80 10.47
C VAL A 66 -8.23 2.81 11.03
N LYS A 67 -8.55 3.85 11.80
CA LYS A 67 -9.87 3.99 12.40
C LYS A 67 -10.50 5.30 11.98
N GLU A 68 -11.73 5.24 11.47
CA GLU A 68 -12.43 6.44 11.04
C GLU A 68 -13.11 7.11 12.23
N GLY A 69 -14.00 8.07 11.95
CA GLY A 69 -14.70 8.78 13.00
C GLY A 69 -15.12 7.80 14.11
N ASP A 70 -15.84 6.75 13.72
CA ASP A 70 -16.30 5.75 14.68
C ASP A 70 -16.07 4.36 14.12
N ALA A 71 -15.06 4.22 13.26
CA ALA A 71 -14.74 2.94 12.66
C ALA A 71 -13.31 2.56 12.98
N LYS A 72 -12.93 1.32 12.63
CA LYS A 72 -11.59 0.84 12.88
C LYS A 72 -11.38 -0.52 12.22
N LYS A 73 -10.48 -0.59 11.25
CA LYS A 73 -10.21 -1.83 10.55
C LYS A 73 -8.84 -1.75 9.87
N LEU A 74 -8.66 -2.54 8.82
CA LEU A 74 -7.39 -2.58 8.08
C LEU A 74 -7.59 -2.24 6.60
N TYR A 75 -6.68 -1.43 6.06
CA TYR A 75 -6.75 -1.03 4.66
C TYR A 75 -5.49 -1.49 3.94
N GLU A 76 -5.68 -2.17 2.81
CA GLU A 76 -4.57 -2.66 2.02
C GLU A 76 -4.05 -1.56 1.11
N ALA A 77 -3.02 -0.83 1.58
CA ALA A 77 -2.43 0.25 0.80
C ALA A 77 -1.48 -0.32 -0.24
N LYS A 78 -1.84 -0.19 -1.52
CA LYS A 78 -1.00 -0.68 -2.59
C LYS A 78 -0.37 0.48 -3.33
N VAL A 79 0.97 0.54 -3.28
CA VAL A 79 1.70 1.61 -3.95
C VAL A 79 2.52 1.03 -5.10
N TRP A 80 2.92 1.89 -6.04
CA TRP A 80 3.71 1.47 -7.17
C TRP A 80 4.83 2.45 -7.44
N GLU A 81 6.03 2.13 -6.93
CA GLU A 81 7.18 3.00 -7.12
C GLU A 81 8.18 2.33 -8.05
N LYS A 82 9.18 3.11 -8.50
CA LYS A 82 10.20 2.59 -9.40
C LYS A 82 11.54 3.24 -9.08
N PRO A 83 12.51 2.44 -8.64
CA PRO A 83 13.84 2.88 -8.30
C PRO A 83 14.61 3.21 -9.58
N TRP A 84 14.51 2.35 -10.58
CA TRP A 84 15.19 2.57 -11.84
C TRP A 84 14.96 3.99 -12.32
N MET A 85 14.00 4.68 -11.70
CA MET A 85 13.68 6.05 -12.06
C MET A 85 13.18 6.81 -10.84
N ASP A 86 13.32 6.20 -9.66
CA ASP A 86 12.88 6.82 -8.43
C ASP A 86 11.53 7.48 -8.64
N PHE A 87 10.44 6.69 -8.54
CA PHE A 87 9.11 7.20 -8.73
C PHE A 87 8.16 6.53 -7.74
N LYS A 88 6.88 6.88 -7.82
CA LYS A 88 5.87 6.32 -6.94
C LYS A 88 4.50 6.89 -7.28
N GLU A 89 3.46 6.09 -7.03
CA GLU A 89 2.09 6.53 -7.30
C GLU A 89 1.11 5.64 -6.57
N LEU A 90 0.33 6.22 -5.66
CA LEU A 90 -0.65 5.48 -4.89
C LEU A 90 -1.76 4.89 -5.76
N GLN A 91 -2.00 3.59 -5.61
CA GLN A 91 -3.03 2.90 -6.38
C GLN A 91 -4.33 2.86 -5.59
N GLU A 92 -4.23 2.55 -4.31
CA GLU A 92 -5.41 2.47 -3.45
C GLU A 92 -5.05 1.78 -2.14
N PHE A 93 -5.66 2.24 -1.04
CA PHE A 93 -5.40 1.67 0.26
C PHE A 93 -6.72 1.48 1.01
N LYS A 94 -7.28 0.27 0.96
CA LYS A 94 -8.53 -0.02 1.63
C LYS A 94 -8.68 -1.53 1.81
N PRO A 95 -9.68 -1.94 2.59
CA PRO A 95 -9.97 -3.33 2.89
C PRO A 95 -10.56 -4.00 1.66
N VAL A 96 -10.73 -3.22 0.58
CA VAL A 96 -11.28 -3.73 -0.66
C VAL A 96 -12.61 -4.43 -0.38
N ASP A 97 -13.66 -3.63 -0.12
CA ASP A 97 -14.97 -4.18 0.16
C ASP A 97 -15.49 -4.93 -1.05
N ALA A 98 -15.09 -6.19 -1.19
CA ALA A 98 -15.51 -7.01 -2.31
C ALA A 98 -14.89 -8.40 -2.20
N SER A 99 -14.53 -8.80 -0.97
CA SER A 99 -13.92 -10.10 -0.74
C SER A 99 -14.99 -11.12 -0.42
N ALA A 100 -14.66 -12.40 -0.56
CA ALA A 100 -15.60 -13.47 -0.28
C ALA A 100 -16.72 -13.45 -1.31
N ASN A 101 -17.11 -14.64 -1.78
CA ASN A 101 -18.17 -14.74 -2.77
C ASN A 101 -18.47 -16.21 -3.04
N ALA A 102 -19.71 -16.63 -2.79
CA ALA A 102 -20.12 -18.00 -3.01
C ALA A 102 -20.24 -18.27 -4.51
N MET A 1 25.97 -1.16 12.23
CA MET A 1 25.57 -1.01 10.84
C MET A 1 24.23 -0.28 10.78
N SER A 2 23.68 -0.17 9.57
CA SER A 2 22.41 0.50 9.37
C SER A 2 21.26 -0.40 9.82
N SER A 3 20.03 0.04 9.57
CA SER A 3 18.86 -0.73 9.95
C SER A 3 18.17 -1.26 8.71
N ASP A 4 18.08 -0.42 7.67
CA ASP A 4 17.44 -0.80 6.43
C ASP A 4 18.41 -1.65 5.59
N GLY A 5 17.87 -2.69 4.94
CA GLY A 5 18.68 -3.56 4.12
C GLY A 5 18.26 -3.45 2.66
N GLY A 6 18.26 -4.58 1.95
CA GLY A 6 17.88 -4.60 0.55
C GLY A 6 17.18 -5.92 0.22
N PRO A 7 15.87 -5.84 -0.06
CA PRO A 7 15.04 -6.97 -0.40
C PRO A 7 15.39 -7.45 -1.80
N VAL A 8 15.28 -8.77 -2.02
CA VAL A 8 15.58 -9.35 -3.31
C VAL A 8 14.29 -9.64 -4.06
N LEU A 9 14.14 -9.07 -5.26
CA LEU A 9 12.95 -9.26 -6.07
C LEU A 9 12.88 -10.65 -6.68
N GLY A 10 11.66 -11.18 -6.79
CA GLY A 10 11.47 -12.51 -7.36
C GLY A 10 9.98 -12.81 -7.49
N GLY A 11 9.19 -12.41 -6.49
CA GLY A 11 7.77 -12.63 -6.50
C GLY A 11 7.11 -11.95 -5.30
N VAL A 12 5.81 -12.20 -5.11
CA VAL A 12 5.08 -11.62 -4.01
C VAL A 12 5.72 -12.02 -2.69
N GLU A 13 6.57 -11.16 -2.15
CA GLU A 13 7.25 -11.43 -0.89
C GLU A 13 6.52 -10.71 0.24
N PRO A 14 5.70 -11.45 0.98
CA PRO A 14 4.93 -10.95 2.10
C PRO A 14 5.87 -10.70 3.28
N VAL A 15 5.65 -9.57 3.97
CA VAL A 15 6.48 -9.22 5.11
C VAL A 15 5.61 -8.56 6.19
N GLY A 16 6.17 -8.37 7.38
CA GLY A 16 5.46 -7.77 8.48
C GLY A 16 6.21 -6.55 9.00
N ASN A 17 6.13 -6.32 10.31
CA ASN A 17 6.80 -5.20 10.93
C ASN A 17 8.29 -5.23 10.59
N GLU A 18 8.64 -4.68 9.43
CA GLU A 18 10.02 -4.64 8.99
C GLU A 18 10.69 -3.37 9.49
N ASN A 19 9.89 -2.38 9.89
CA ASN A 19 10.41 -1.13 10.39
C ASN A 19 10.92 -0.28 9.22
N ASP A 20 11.28 -0.92 8.12
CA ASP A 20 11.77 -0.23 6.96
C ASP A 20 10.95 1.03 6.72
N LEU A 21 11.43 2.15 7.27
CA LEU A 21 10.74 3.43 7.13
C LEU A 21 10.16 3.63 5.72
N HIS A 22 10.91 3.17 4.71
CA HIS A 22 10.48 3.27 3.31
C HIS A 22 9.07 2.68 3.14
N LEU A 23 8.90 1.40 3.43
CA LEU A 23 7.60 0.73 3.28
C LEU A 23 6.48 1.49 3.97
N VAL A 24 6.64 1.72 5.28
CA VAL A 24 5.66 2.41 6.07
C VAL A 24 5.26 3.71 5.37
N ASP A 25 6.26 4.45 4.87
CA ASP A 25 6.01 5.71 4.19
C ASP A 25 4.90 5.51 3.17
N LEU A 26 4.95 4.41 2.42
CA LEU A 26 3.95 4.12 1.39
C LEU A 26 2.53 4.09 1.96
N ALA A 27 2.36 3.35 3.06
CA ALA A 27 1.06 3.23 3.70
C ALA A 27 0.63 4.59 4.25
N ARG A 28 1.50 5.23 5.01
CA ARG A 28 1.20 6.53 5.59
C ARG A 28 0.95 7.54 4.48
N PHE A 29 1.55 7.30 3.31
CA PHE A 29 1.39 8.19 2.17
C PHE A 29 -0.03 8.09 1.63
N ALA A 30 -0.51 6.86 1.43
CA ALA A 30 -1.84 6.63 0.92
C ALA A 30 -2.85 7.42 1.74
N VAL A 31 -2.99 7.05 3.02
CA VAL A 31 -3.93 7.74 3.90
C VAL A 31 -3.86 9.23 3.67
N THR A 32 -2.63 9.76 3.52
CA THR A 32 -2.43 11.18 3.29
C THR A 32 -3.06 11.58 1.96
N GLU A 33 -2.47 11.10 0.87
CA GLU A 33 -2.96 11.42 -0.46
C GLU A 33 -4.48 11.33 -0.48
N HIS A 34 -5.02 10.22 0.01
CA HIS A 34 -6.47 10.00 0.06
C HIS A 34 -7.15 11.11 0.90
N ASN A 35 -6.65 11.35 2.12
CA ASN A 35 -7.22 12.35 2.99
C ASN A 35 -7.15 13.73 2.32
N LYS A 36 -6.17 13.89 1.41
CA LYS A 36 -6.00 15.15 0.71
C LYS A 36 -7.19 15.39 -0.20
N LYS A 37 -7.66 14.34 -0.87
CA LYS A 37 -8.80 14.45 -1.77
C LYS A 37 -10.09 14.21 -1.01
N ALA A 38 -10.25 13.00 -0.47
CA ALA A 38 -11.43 12.64 0.29
C ALA A 38 -11.53 13.50 1.53
N ASN A 39 -10.86 14.65 1.52
CA ASN A 39 -10.87 15.56 2.65
C ASN A 39 -10.69 14.78 3.95
N SER A 40 -9.94 13.68 3.88
CA SER A 40 -9.69 12.84 5.04
C SER A 40 -10.99 12.15 5.46
N LEU A 41 -10.86 11.00 6.11
CA LEU A 41 -12.01 10.21 6.56
C LEU A 41 -11.63 9.22 7.67
N LEU A 42 -10.33 9.08 7.90
CA LEU A 42 -9.82 8.16 8.91
C LEU A 42 -8.50 8.64 9.52
N GLU A 43 -7.95 7.85 10.44
CA GLU A 43 -6.70 8.19 11.10
C GLU A 43 -5.84 6.95 11.26
N PHE A 44 -4.89 6.76 10.35
CA PHE A 44 -4.00 5.61 10.41
C PHE A 44 -3.53 5.38 11.84
N GLU A 45 -3.55 4.12 12.28
CA GLU A 45 -3.12 3.78 13.62
C GLU A 45 -1.70 3.23 13.59
N LYS A 46 -1.45 2.26 12.72
CA LYS A 46 -0.14 1.67 12.59
C LYS A 46 -0.13 0.67 11.45
N LEU A 47 1.04 0.09 11.16
CA LEU A 47 1.19 -0.89 10.08
C LEU A 47 1.30 -2.32 10.60
N VAL A 48 0.64 -3.25 9.91
CA VAL A 48 0.64 -4.64 10.30
C VAL A 48 1.69 -5.40 9.48
N SER A 49 1.49 -5.44 8.16
CA SER A 49 2.40 -6.13 7.27
C SER A 49 2.49 -5.39 5.95
N VAL A 50 3.41 -5.83 5.08
CA VAL A 50 3.58 -5.22 3.79
C VAL A 50 4.32 -6.17 2.86
N LYS A 51 3.71 -6.46 1.70
CA LYS A 51 4.31 -7.35 0.73
C LYS A 51 4.84 -6.56 -0.45
N GLN A 52 5.49 -7.26 -1.39
CA GLN A 52 6.05 -6.61 -2.57
C GLN A 52 5.84 -7.51 -3.79
N GLN A 53 5.31 -6.94 -4.87
CA GLN A 53 5.07 -7.69 -6.09
C GLN A 53 6.01 -7.20 -7.18
N VAL A 54 6.09 -7.96 -8.27
CA VAL A 54 6.95 -7.61 -9.39
C VAL A 54 6.17 -7.68 -10.69
N VAL A 55 6.07 -6.55 -11.39
CA VAL A 55 5.35 -6.49 -12.65
C VAL A 55 5.90 -5.37 -13.50
N ALA A 56 5.05 -4.38 -13.83
CA ALA A 56 5.46 -3.25 -14.63
C ALA A 56 6.22 -2.25 -13.78
N GLY A 57 6.72 -2.70 -12.63
CA GLY A 57 7.47 -1.85 -11.73
C GLY A 57 7.68 -2.54 -10.39
N THR A 58 7.54 -1.78 -9.30
CA THR A 58 7.71 -2.32 -7.97
C THR A 58 6.47 -2.04 -7.13
N LEU A 59 5.65 -3.07 -6.91
CA LEU A 59 4.42 -2.94 -6.14
C LEU A 59 4.59 -3.44 -4.70
N TYR A 60 3.79 -2.89 -3.79
CA TYR A 60 3.85 -3.26 -2.39
C TYR A 60 2.45 -3.40 -1.83
N TYR A 61 2.17 -4.54 -1.18
CA TYR A 61 0.87 -4.80 -0.61
C TYR A 61 0.90 -4.53 0.89
N PHE A 62 0.65 -3.28 1.29
CA PHE A 62 0.66 -2.90 2.69
C PHE A 62 -0.66 -3.31 3.34
N THR A 63 -0.61 -3.66 4.63
CA THR A 63 -1.79 -4.06 5.36
C THR A 63 -1.82 -3.37 6.71
N ILE A 64 -2.10 -2.08 6.73
CA ILE A 64 -2.17 -1.30 7.96
C ILE A 64 -3.62 -1.11 8.37
N GLU A 65 -3.84 -0.56 9.56
CA GLU A 65 -5.18 -0.34 10.07
C GLU A 65 -5.33 1.12 10.49
N VAL A 66 -6.46 1.73 10.14
CA VAL A 66 -6.72 3.11 10.49
C VAL A 66 -8.04 3.21 11.25
N LYS A 67 -8.09 4.08 12.26
CA LYS A 67 -9.29 4.26 13.06
C LYS A 67 -10.18 5.30 12.40
N GLU A 68 -11.32 4.85 11.86
CA GLU A 68 -12.26 5.73 11.21
C GLU A 68 -13.30 6.22 12.21
N GLY A 69 -13.42 7.53 12.37
CA GLY A 69 -14.37 8.11 13.30
C GLY A 69 -14.25 7.43 14.66
N ASP A 70 -15.31 6.71 15.06
CA ASP A 70 -15.33 6.03 16.33
C ASP A 70 -15.13 4.54 16.11
N ALA A 71 -14.26 4.17 15.17
CA ALA A 71 -13.98 2.79 14.87
C ALA A 71 -12.59 2.66 14.24
N LYS A 72 -12.29 1.48 13.71
CA LYS A 72 -11.00 1.23 13.09
C LYS A 72 -11.06 -0.04 12.25
N LYS A 73 -10.44 -0.02 11.07
CA LYS A 73 -10.42 -1.17 10.19
C LYS A 73 -9.11 -1.23 9.44
N LEU A 74 -8.85 -2.36 8.77
CA LEU A 74 -7.61 -2.55 8.02
C LEU A 74 -7.76 -2.13 6.56
N TYR A 75 -6.71 -1.55 6.00
CA TYR A 75 -6.72 -1.10 4.62
C TYR A 75 -5.47 -1.60 3.91
N GLU A 76 -5.65 -2.17 2.71
CA GLU A 76 -4.53 -2.68 1.94
C GLU A 76 -3.93 -1.57 1.11
N ALA A 77 -2.86 -0.95 1.62
CA ALA A 77 -2.19 0.13 0.92
C ALA A 77 -1.32 -0.43 -0.19
N LYS A 78 -1.65 -0.10 -1.43
CA LYS A 78 -0.89 -0.58 -2.58
C LYS A 78 -0.18 0.58 -3.25
N VAL A 79 1.15 0.54 -3.28
CA VAL A 79 1.94 1.58 -3.90
C VAL A 79 2.73 1.01 -5.08
N TRP A 80 3.14 1.89 -6.00
CA TRP A 80 3.90 1.47 -7.16
C TRP A 80 5.02 2.45 -7.43
N GLU A 81 6.21 2.18 -6.86
CA GLU A 81 7.36 3.03 -7.05
C GLU A 81 8.32 2.40 -8.04
N LYS A 82 9.07 3.24 -8.76
CA LYS A 82 10.03 2.76 -9.74
C LYS A 82 11.39 3.38 -9.48
N PRO A 83 12.37 2.55 -9.10
CA PRO A 83 13.72 2.96 -8.81
C PRO A 83 14.44 3.32 -10.10
N TRP A 84 14.31 2.47 -11.12
CA TRP A 84 14.94 2.70 -12.40
C TRP A 84 14.68 4.14 -12.85
N MET A 85 13.68 4.78 -12.23
CA MET A 85 13.34 6.15 -12.57
C MET A 85 12.92 6.90 -11.32
N ASP A 86 13.20 6.32 -10.14
CA ASP A 86 12.84 6.93 -8.88
C ASP A 86 11.48 7.59 -9.00
N PHE A 87 10.42 6.79 -8.91
CA PHE A 87 9.06 7.29 -8.99
C PHE A 87 8.15 6.52 -8.06
N LYS A 88 6.90 6.99 -7.91
CA LYS A 88 5.95 6.33 -7.04
C LYS A 88 4.57 6.95 -7.24
N GLU A 89 3.52 6.15 -7.03
CA GLU A 89 2.16 6.61 -7.18
C GLU A 89 1.21 5.69 -6.42
N LEU A 90 0.37 6.28 -5.57
CA LEU A 90 -0.59 5.52 -4.77
C LEU A 90 -1.66 4.87 -5.63
N GLN A 91 -1.87 3.57 -5.42
CA GLN A 91 -2.85 2.82 -6.18
C GLN A 91 -4.17 2.76 -5.40
N GLU A 92 -4.07 2.47 -4.10
CA GLU A 92 -5.25 2.39 -3.25
C GLU A 92 -4.89 1.71 -1.93
N PHE A 93 -5.40 2.26 -0.83
CA PHE A 93 -5.13 1.71 0.49
C PHE A 93 -6.45 1.47 1.22
N LYS A 94 -7.07 0.33 0.97
CA LYS A 94 -8.33 -0.02 1.62
C LYS A 94 -8.56 -1.52 1.55
N PRO A 95 -9.43 -2.03 2.41
CA PRO A 95 -9.77 -3.44 2.48
C PRO A 95 -10.63 -3.82 1.29
N VAL A 96 -10.86 -2.87 0.38
CA VAL A 96 -11.65 -3.11 -0.80
C VAL A 96 -13.02 -3.65 -0.42
N ASP A 97 -13.93 -2.75 -0.01
CA ASP A 97 -15.26 -3.15 0.40
C ASP A 97 -16.19 -3.12 -0.80
N ALA A 98 -16.83 -4.25 -1.10
CA ALA A 98 -17.74 -4.36 -2.21
C ALA A 98 -18.52 -5.66 -2.13
N SER A 99 -19.85 -5.56 -2.09
CA SER A 99 -20.70 -6.73 -2.00
C SER A 99 -21.48 -6.89 -3.30
N ALA A 100 -21.97 -5.77 -3.85
CA ALA A 100 -22.73 -5.80 -5.08
C ALA A 100 -22.81 -4.39 -5.66
N ASN A 101 -23.53 -3.50 -4.97
CA ASN A 101 -23.68 -2.13 -5.43
C ASN A 101 -23.34 -1.17 -4.30
N ALA A 102 -23.79 -1.51 -3.08
CA ALA A 102 -23.54 -0.68 -1.92
C ALA A 102 -24.08 -1.35 -0.67
N MET A 1 13.74 -2.71 -17.84
CA MET A 1 12.69 -2.80 -18.90
C MET A 1 11.32 -3.05 -18.28
N SER A 2 10.90 -2.17 -17.37
CA SER A 2 9.61 -2.30 -16.71
C SER A 2 9.54 -3.58 -15.88
N SER A 3 9.30 -4.70 -16.55
CA SER A 3 9.21 -5.99 -15.86
C SER A 3 10.54 -6.34 -15.18
N ASP A 4 11.63 -5.87 -15.76
CA ASP A 4 12.95 -6.12 -15.21
C ASP A 4 13.27 -7.62 -15.21
N GLY A 5 14.34 -8.00 -14.53
CA GLY A 5 14.73 -9.40 -14.47
C GLY A 5 13.79 -10.22 -13.60
N GLY A 6 13.64 -9.81 -12.34
CA GLY A 6 12.78 -10.52 -11.42
C GLY A 6 11.35 -10.66 -11.95
N PRO A 7 10.93 -11.88 -12.34
CA PRO A 7 9.59 -12.11 -12.86
C PRO A 7 8.53 -12.09 -11.77
N VAL A 8 7.32 -12.54 -12.10
CA VAL A 8 6.23 -12.58 -11.15
C VAL A 8 6.03 -13.99 -10.58
N LEU A 9 7.15 -14.66 -10.30
CA LEU A 9 7.11 -16.01 -9.77
C LEU A 9 7.47 -16.02 -8.28
N GLY A 10 8.28 -15.05 -7.87
CA GLY A 10 8.68 -14.97 -6.47
C GLY A 10 7.51 -14.96 -5.52
N GLY A 11 6.37 -14.46 -5.99
CA GLY A 11 5.19 -14.39 -5.16
C GLY A 11 5.24 -13.25 -4.17
N VAL A 12 4.09 -12.95 -3.56
CA VAL A 12 4.01 -11.87 -2.58
C VAL A 12 4.88 -12.17 -1.36
N GLU A 13 6.09 -11.63 -1.38
CA GLU A 13 7.03 -11.83 -0.28
C GLU A 13 6.52 -11.18 1.00
N PRO A 14 6.14 -12.00 2.01
CA PRO A 14 5.62 -11.49 3.28
C PRO A 14 6.72 -10.90 4.16
N VAL A 15 6.43 -9.75 4.77
CA VAL A 15 7.38 -9.07 5.63
C VAL A 15 6.67 -8.21 6.66
N GLY A 16 7.28 -8.09 7.84
CA GLY A 16 6.68 -7.30 8.90
C GLY A 16 7.73 -6.63 9.78
N ASN A 17 7.84 -5.31 9.65
CA ASN A 17 8.81 -4.56 10.44
C ASN A 17 8.64 -3.06 10.20
N GLU A 18 7.90 -2.40 11.08
CA GLU A 18 7.67 -0.96 10.97
C GLU A 18 8.99 -0.19 10.93
N ASN A 19 10.05 -0.80 11.44
CA ASN A 19 11.37 -0.17 11.45
C ASN A 19 11.71 0.43 10.08
N ASP A 20 11.22 -0.20 9.02
CA ASP A 20 11.46 0.26 7.67
C ASP A 20 10.73 1.58 7.43
N LEU A 21 11.38 2.66 7.82
CA LEU A 21 10.82 4.00 7.66
C LEU A 21 10.31 4.22 6.24
N HIS A 22 11.02 3.68 5.26
CA HIS A 22 10.62 3.81 3.86
C HIS A 22 9.26 3.17 3.62
N LEU A 23 9.15 1.90 3.95
CA LEU A 23 7.90 1.16 3.78
C LEU A 23 6.76 1.82 4.53
N VAL A 24 7.04 2.25 5.76
CA VAL A 24 6.04 2.92 6.58
C VAL A 24 5.67 4.28 6.00
N ASP A 25 6.66 4.95 5.43
CA ASP A 25 6.43 6.26 4.82
C ASP A 25 5.33 6.14 3.78
N LEU A 26 5.31 5.00 3.09
CA LEU A 26 4.29 4.76 2.07
C LEU A 26 2.93 4.60 2.73
N ALA A 27 2.88 3.83 3.82
CA ALA A 27 1.63 3.63 4.54
C ALA A 27 1.12 4.97 5.05
N ARG A 28 2.01 5.74 5.68
CA ARG A 28 1.68 7.05 6.21
C ARG A 28 1.29 7.97 5.06
N PHE A 29 1.94 7.77 3.91
CA PHE A 29 1.67 8.55 2.72
C PHE A 29 0.23 8.35 2.27
N ALA A 30 -0.21 7.10 2.31
CA ALA A 30 -1.57 6.74 1.91
C ALA A 30 -2.60 7.53 2.71
N VAL A 31 -2.64 7.28 4.01
CA VAL A 31 -3.59 7.96 4.89
C VAL A 31 -3.50 9.47 4.77
N THR A 32 -2.35 9.96 4.32
CA THR A 32 -2.13 11.39 4.15
C THR A 32 -2.72 11.87 2.82
N GLU A 33 -2.12 11.44 1.72
CA GLU A 33 -2.58 11.82 0.39
C GLU A 33 -4.09 11.66 0.28
N HIS A 34 -4.61 10.58 0.84
CA HIS A 34 -6.04 10.32 0.82
C HIS A 34 -6.78 11.36 1.66
N ASN A 35 -6.30 11.58 2.88
CA ASN A 35 -6.93 12.55 3.77
C ASN A 35 -6.88 13.95 3.17
N LYS A 36 -5.90 14.18 2.29
CA LYS A 36 -5.73 15.47 1.65
C LYS A 36 -6.91 15.76 0.70
N LYS A 37 -7.22 14.78 -0.14
CA LYS A 37 -8.31 14.93 -1.10
C LYS A 37 -9.66 14.60 -0.45
N ALA A 38 -9.63 13.76 0.58
CA ALA A 38 -10.84 13.36 1.28
C ALA A 38 -11.15 14.31 2.44
N ASN A 39 -10.23 15.21 2.75
CA ASN A 39 -10.42 16.16 3.84
C ASN A 39 -10.48 15.44 5.17
N SER A 40 -9.52 14.54 5.39
CA SER A 40 -9.46 13.77 6.62
C SER A 40 -10.69 12.88 6.79
N LEU A 41 -10.51 11.75 7.47
CA LEU A 41 -11.61 10.82 7.70
C LEU A 41 -11.30 9.90 8.88
N LEU A 42 -10.06 9.43 8.94
CA LEU A 42 -9.64 8.53 10.01
C LEU A 42 -8.28 8.97 10.57
N GLU A 43 -7.74 8.18 11.49
CA GLU A 43 -6.46 8.48 12.10
C GLU A 43 -5.60 7.24 12.21
N PHE A 44 -4.44 7.27 11.55
CA PHE A 44 -3.50 6.15 11.57
C PHE A 44 -3.12 5.79 13.00
N GLU A 45 -3.27 4.52 13.34
CA GLU A 45 -2.94 4.04 14.67
C GLU A 45 -1.57 3.37 14.69
N LYS A 46 -1.34 2.47 13.73
CA LYS A 46 -0.07 1.77 13.64
C LYS A 46 0.01 0.92 12.38
N LEU A 47 1.03 0.06 12.32
CA LEU A 47 1.24 -0.81 11.17
C LEU A 47 1.11 -2.28 11.60
N VAL A 48 0.71 -3.14 10.66
CA VAL A 48 0.55 -4.56 10.96
C VAL A 48 1.51 -5.42 10.13
N SER A 49 1.46 -5.28 8.81
CA SER A 49 2.32 -6.07 7.94
C SER A 49 2.77 -5.27 6.72
N VAL A 50 3.62 -5.89 5.91
CA VAL A 50 4.14 -5.26 4.70
C VAL A 50 4.68 -6.30 3.72
N LYS A 51 4.05 -6.38 2.55
CA LYS A 51 4.47 -7.32 1.53
C LYS A 51 5.16 -6.60 0.38
N GLN A 52 5.72 -7.37 -0.55
CA GLN A 52 6.42 -6.79 -1.69
C GLN A 52 6.35 -7.71 -2.92
N GLN A 53 6.03 -7.12 -4.06
CA GLN A 53 5.95 -7.88 -5.31
C GLN A 53 6.65 -7.12 -6.44
N VAL A 54 7.13 -7.85 -7.43
CA VAL A 54 7.83 -7.24 -8.55
C VAL A 54 7.02 -7.35 -9.84
N VAL A 55 6.95 -6.24 -10.57
CA VAL A 55 6.21 -6.18 -11.83
C VAL A 55 6.84 -5.12 -12.75
N ALA A 56 6.08 -4.12 -13.18
CA ALA A 56 6.64 -3.06 -13.99
C ALA A 56 7.31 -2.01 -13.10
N GLY A 57 7.65 -2.46 -11.89
CA GLY A 57 8.28 -1.60 -10.92
C GLY A 57 8.34 -2.28 -9.56
N THR A 58 8.02 -1.55 -8.50
CA THR A 58 8.04 -2.11 -7.16
C THR A 58 6.69 -1.92 -6.46
N LEU A 59 5.95 -3.02 -6.33
CA LEU A 59 4.65 -2.99 -5.69
C LEU A 59 4.75 -3.45 -4.24
N TYR A 60 4.06 -2.74 -3.36
CA TYR A 60 4.08 -3.08 -1.94
C TYR A 60 2.66 -3.13 -1.37
N TYR A 61 2.34 -4.22 -0.69
CA TYR A 61 1.02 -4.40 -0.08
C TYR A 61 1.09 -4.22 1.43
N PHE A 62 0.70 -3.05 1.90
CA PHE A 62 0.73 -2.75 3.33
C PHE A 62 -0.60 -3.09 3.99
N THR A 63 -0.54 -3.31 5.31
CA THR A 63 -1.73 -3.63 6.08
C THR A 63 -1.67 -2.91 7.43
N ILE A 64 -1.99 -1.63 7.43
CA ILE A 64 -1.93 -0.84 8.64
C ILE A 64 -3.31 -0.66 9.27
N GLU A 65 -3.34 -0.34 10.55
CA GLU A 65 -4.59 -0.13 11.26
C GLU A 65 -4.86 1.36 11.42
N VAL A 66 -6.10 1.77 11.16
CA VAL A 66 -6.49 3.16 11.27
C VAL A 66 -7.88 3.29 11.89
N LYS A 67 -8.01 4.19 12.84
CA LYS A 67 -9.29 4.41 13.51
C LYS A 67 -10.14 5.42 12.75
N GLU A 68 -11.20 4.93 12.11
CA GLU A 68 -12.10 5.79 11.36
C GLU A 68 -13.28 6.19 12.22
N GLY A 69 -13.52 7.48 12.33
CA GLY A 69 -14.61 7.98 13.14
C GLY A 69 -14.58 7.41 14.55
N ASP A 70 -15.54 6.56 14.86
CA ASP A 70 -15.62 5.93 16.17
C ASP A 70 -15.33 4.44 16.06
N ALA A 71 -14.45 4.08 15.13
CA ALA A 71 -14.10 2.68 14.92
C ALA A 71 -12.66 2.51 14.47
N LYS A 72 -12.28 1.27 14.19
CA LYS A 72 -10.93 0.95 13.73
C LYS A 72 -10.94 -0.21 12.75
N LYS A 73 -10.13 -0.11 11.70
CA LYS A 73 -10.07 -1.14 10.68
C LYS A 73 -8.73 -1.09 9.94
N LEU A 74 -8.22 -2.27 9.56
CA LEU A 74 -6.96 -2.36 8.85
C LEU A 74 -7.14 -2.02 7.37
N TYR A 75 -6.37 -1.05 6.89
CA TYR A 75 -6.45 -0.63 5.49
C TYR A 75 -5.25 -1.15 4.71
N GLU A 76 -5.53 -1.88 3.63
CA GLU A 76 -4.47 -2.42 2.79
C GLU A 76 -3.95 -1.34 1.83
N ALA A 77 -2.87 -0.68 2.25
CA ALA A 77 -2.27 0.38 1.44
C ALA A 77 -1.32 -0.17 0.40
N LYS A 78 -1.60 0.11 -0.87
CA LYS A 78 -0.77 -0.35 -1.97
C LYS A 78 -0.12 0.82 -2.70
N VAL A 79 1.20 0.78 -2.83
CA VAL A 79 1.93 1.85 -3.50
C VAL A 79 2.81 1.29 -4.61
N TRP A 80 3.17 2.16 -5.56
CA TRP A 80 4.02 1.76 -6.67
C TRP A 80 5.17 2.75 -6.85
N GLU A 81 6.36 2.36 -6.42
CA GLU A 81 7.53 3.22 -6.54
C GLU A 81 8.59 2.56 -7.41
N LYS A 82 9.46 3.36 -7.99
CA LYS A 82 10.52 2.86 -8.86
C LYS A 82 11.86 3.50 -8.51
N PRO A 83 12.83 2.70 -8.01
CA PRO A 83 14.15 3.19 -7.60
C PRO A 83 15.00 3.66 -8.79
N TRP A 84 14.91 2.93 -9.89
CA TRP A 84 15.68 3.29 -11.09
C TRP A 84 15.40 4.72 -11.54
N MET A 85 14.26 5.27 -11.10
CA MET A 85 13.90 6.63 -11.47
C MET A 85 13.36 7.42 -10.28
N ASP A 86 13.46 6.85 -9.08
CA ASP A 86 12.97 7.51 -7.88
C ASP A 86 11.56 8.05 -8.09
N PHE A 87 10.58 7.16 -7.99
CA PHE A 87 9.19 7.53 -8.17
C PHE A 87 8.30 6.76 -7.21
N LYS A 88 7.10 7.27 -7.01
CA LYS A 88 6.13 6.67 -6.12
C LYS A 88 4.73 7.22 -6.39
N GLU A 89 3.72 6.38 -6.26
CA GLU A 89 2.34 6.79 -6.48
C GLU A 89 1.36 5.89 -5.75
N LEU A 90 0.65 6.47 -4.79
CA LEU A 90 -0.34 5.72 -4.01
C LEU A 90 -1.39 5.11 -4.93
N GLN A 91 -1.70 3.84 -4.70
CA GLN A 91 -2.70 3.14 -5.50
C GLN A 91 -4.02 3.10 -4.76
N GLU A 92 -3.97 2.75 -3.48
CA GLU A 92 -5.17 2.66 -2.65
C GLU A 92 -4.89 1.99 -1.32
N PHE A 93 -5.53 2.47 -0.26
CA PHE A 93 -5.36 1.89 1.06
C PHE A 93 -6.71 1.72 1.75
N LYS A 94 -7.21 0.49 1.76
CA LYS A 94 -8.50 0.19 2.38
C LYS A 94 -8.62 -1.30 2.67
N PRO A 95 -9.67 -1.70 3.42
CA PRO A 95 -9.91 -3.10 3.78
C PRO A 95 -10.51 -3.90 2.62
N VAL A 96 -10.62 -3.26 1.47
CA VAL A 96 -11.19 -3.90 0.29
C VAL A 96 -12.64 -4.28 0.53
N ASP A 97 -13.47 -3.28 0.82
CA ASP A 97 -14.89 -3.51 1.07
C ASP A 97 -15.63 -3.79 -0.22
N ALA A 98 -16.03 -5.05 -0.40
CA ALA A 98 -16.75 -5.47 -1.60
C ALA A 98 -17.17 -6.92 -1.52
N SER A 99 -18.46 -7.16 -1.31
CA SER A 99 -18.99 -8.51 -1.20
C SER A 99 -19.60 -8.96 -2.53
N ALA A 100 -19.05 -8.45 -3.62
CA ALA A 100 -19.54 -8.80 -4.95
C ALA A 100 -18.38 -9.16 -5.89
N ASN A 101 -18.68 -9.26 -7.18
CA ASN A 101 -17.67 -9.60 -8.17
C ASN A 101 -17.88 -8.81 -9.45
N ALA A 102 -19.01 -9.04 -10.11
CA ALA A 102 -19.32 -8.34 -11.35
C ALA A 102 -18.27 -8.60 -12.42
#